data_5XKD
#
_entry.id   5XKD
#
_cell.length_a   131.616
_cell.length_b   175.890
_cell.length_c   84.934
_cell.angle_alpha   90.00
_cell.angle_beta   90.00
_cell.angle_gamma   90.00
#
_symmetry.space_group_name_H-M   'P 21 21 2'
#
loop_
_entity.id
_entity.type
_entity.pdbx_description
1 polymer 'Dibenzothiophene desulfurization enzyme A'
2 non-polymer 'FLAVIN MONONUCLEOTIDE'
3 water water
#
_entity_poly.entity_id   1
_entity_poly.type   'polypeptide(L)'
_entity_poly.pdbx_seq_one_letter_code
;MAEQRQLHLAGFFSAGNVTHAHGAWRHVGATNGFLTGEFYKQIARTLERGKFDLLFLPDGLAIEDSYGDNLETGVGLGGQ
GAVALEPTSVIATMAAVTQRLGLGATVSTTYYPPYHVARVFATLDNLSDGRISWNVVTSLNDSEARNFGVDEHLEHDIRY
DRADEFLEAVKKLWSSWSEDALLLDKVGGRFADPKKVQYVNHRGRWLSVRGPLQVPRSRQGEPVILQAGLSPRGRRFAGR
WAEAVFSVSPNLDIMRAVYQDIKAHVAAAGRDPEQTKVFTAVMPVLGETEQVARERLEYLNSLVHPEVGLSTLSSHSGLN
LSKYPLDTKFSDIVADLGDRHVPTMLQMFSAVAGGGADLTLAELGRRYGTNVGFVPQWAGTAEQIADQLISHFEAGAADG
FIISPAYLPGIYEEFVDQVVPLLQQRGVFRTEYEGTTLREHLGLAHPEVGSIR
;
_entity_poly.pdbx_strand_id   A,B,C,D
#
# COMPACT_ATOMS: atom_id res chain seq x y z
N ARG A 5 26.63 17.56 13.21
CA ARG A 5 25.58 18.49 13.62
C ARG A 5 24.52 18.63 12.54
N GLN A 6 23.37 18.00 12.73
CA GLN A 6 22.37 18.03 11.67
C GLN A 6 21.11 18.77 12.10
N LEU A 7 20.48 19.41 11.13
CA LEU A 7 19.24 20.13 11.37
C LEU A 7 18.04 19.20 11.15
N HIS A 8 16.88 19.60 11.69
CA HIS A 8 15.64 18.86 11.50
C HIS A 8 14.66 19.59 10.58
N LEU A 9 13.77 18.81 9.98
CA LEU A 9 12.79 19.34 9.05
C LEU A 9 11.43 18.84 9.46
N ALA A 10 10.44 19.73 9.44
CA ALA A 10 9.06 19.35 9.77
C ALA A 10 8.10 19.93 8.75
N GLY A 11 7.01 19.20 8.47
CA GLY A 11 5.95 19.72 7.61
C GLY A 11 4.84 20.26 8.52
N PHE A 12 4.02 21.15 7.98
CA PHE A 12 2.95 21.79 8.77
C PHE A 12 1.93 22.37 7.83
N PHE A 13 0.67 22.02 8.02
CA PHE A 13 -0.41 22.59 7.22
C PHE A 13 -1.69 22.19 7.89
N SER A 14 -2.75 22.95 7.68
CA SER A 14 -4.03 22.61 8.26
C SER A 14 -4.72 21.55 7.41
N ALA A 15 -5.44 20.65 8.06
CA ALA A 15 -6.31 19.73 7.35
C ALA A 15 -7.51 20.52 6.82
N GLY A 16 -7.27 21.32 5.79
CA GLY A 16 -8.30 22.22 5.29
C GLY A 16 -7.80 23.15 4.21
N ASN A 17 -8.53 24.24 3.99
CA ASN A 17 -8.32 25.06 2.82
C ASN A 17 -7.10 25.99 2.88
N VAL A 18 -6.73 26.45 4.07
CA VAL A 18 -5.67 27.46 4.15
C VAL A 18 -4.74 27.25 5.34
N THR A 19 -3.44 27.49 5.15
CA THR A 19 -2.52 27.42 6.29
C THR A 19 -2.02 28.85 6.57
N HIS A 20 -0.93 29.27 5.91
CA HIS A 20 -0.42 30.64 6.06
C HIS A 20 -0.64 31.51 4.82
N ALA A 21 -0.44 30.95 3.63
CA ALA A 21 -0.69 31.64 2.37
C ALA A 21 -2.17 31.65 2.04
N HIS A 22 -2.81 32.81 2.12
CA HIS A 22 -4.26 32.83 2.04
C HIS A 22 -4.77 32.71 0.60
N GLY A 23 -3.85 32.71 -0.36
CA GLY A 23 -4.25 32.47 -1.74
C GLY A 23 -4.01 31.03 -2.17
N ALA A 24 -3.56 30.19 -1.24
CA ALA A 24 -3.13 28.82 -1.57
C ALA A 24 -4.19 28.00 -2.30
N TRP A 25 -5.45 28.06 -1.89
CA TRP A 25 -6.45 27.24 -2.55
C TRP A 25 -6.71 27.71 -4.00
N ARG A 26 -6.27 28.91 -4.32
CA ARG A 26 -6.53 29.45 -5.67
C ARG A 26 -5.38 29.17 -6.62
N HIS A 27 -4.26 28.73 -6.06
CA HIS A 27 -3.07 28.43 -6.84
C HIS A 27 -3.40 27.41 -7.92
N VAL A 28 -2.90 27.65 -9.12
CA VAL A 28 -3.16 26.74 -10.24
C VAL A 28 -2.77 25.31 -9.88
N GLY A 29 -1.81 25.14 -8.96
CA GLY A 29 -1.32 23.84 -8.59
C GLY A 29 -2.05 23.17 -7.42
N ALA A 30 -2.86 23.94 -6.69
CA ALA A 30 -3.62 23.41 -5.55
C ALA A 30 -4.66 22.38 -5.99
N THR A 31 -4.59 21.17 -5.44
CA THR A 31 -5.59 20.16 -5.76
C THR A 31 -6.83 20.34 -4.93
N ASN A 32 -6.67 21.00 -3.78
CA ASN A 32 -7.75 21.16 -2.81
C ASN A 32 -8.37 19.79 -2.45
N GLY A 33 -7.52 18.77 -2.35
CA GLY A 33 -7.95 17.44 -1.99
C GLY A 33 -8.08 17.24 -0.48
N PHE A 34 -8.18 18.35 0.27
CA PHE A 34 -8.18 18.29 1.74
C PHE A 34 -9.41 17.60 2.37
N LEU A 35 -10.36 17.12 1.57
CA LEU A 35 -11.46 16.31 2.08
C LEU A 35 -11.23 14.79 1.89
N THR A 36 -10.17 14.43 1.15
CA THR A 36 -9.91 13.04 0.76
C THR A 36 -8.71 12.45 1.52
N GLY A 37 -8.73 11.14 1.76
CA GLY A 37 -7.60 10.46 2.38
C GLY A 37 -6.34 10.56 1.53
N GLU A 38 -6.52 10.47 0.21
CA GLU A 38 -5.41 10.46 -0.75
C GLU A 38 -4.46 11.65 -0.65
N PHE A 39 -5.04 12.83 -0.57
CA PHE A 39 -4.32 14.08 -0.37
C PHE A 39 -3.36 13.97 0.81
N TYR A 40 -3.88 13.54 1.95
CA TYR A 40 -3.04 13.44 3.14
C TYR A 40 -2.00 12.31 3.02
N LYS A 41 -2.38 11.20 2.40
CA LYS A 41 -1.45 10.09 2.19
C LYS A 41 -0.34 10.48 1.24
N GLN A 42 -0.67 11.17 0.15
CA GLN A 42 0.38 11.60 -0.76
C GLN A 42 1.44 12.46 -0.05
N ILE A 43 0.96 13.45 0.71
CA ILE A 43 1.86 14.39 1.39
C ILE A 43 2.71 13.69 2.43
N ALA A 44 2.07 12.82 3.23
CA ALA A 44 2.81 12.11 4.26
C ALA A 44 3.88 11.19 3.65
N ARG A 45 3.57 10.51 2.55
CA ARG A 45 4.59 9.66 1.92
C ARG A 45 5.70 10.51 1.32
N THR A 46 5.35 11.66 0.75
CA THR A 46 6.35 12.56 0.19
C THR A 46 7.37 13.04 1.24
N LEU A 47 6.87 13.47 2.39
CA LEU A 47 7.77 13.94 3.42
C LEU A 47 8.64 12.82 3.99
N GLU A 48 8.11 11.59 4.03
CA GLU A 48 8.90 10.44 4.48
C GLU A 48 9.95 10.09 3.44
N ARG A 49 9.58 10.23 2.17
CA ARG A 49 10.54 10.04 1.11
C ARG A 49 11.71 11.03 1.32
N GLY A 50 11.40 12.23 1.78
CA GLY A 50 12.42 13.25 2.04
C GLY A 50 13.05 13.19 3.43
N LYS A 51 12.75 12.13 4.18
CA LYS A 51 13.36 11.84 5.48
C LYS A 51 13.06 12.88 6.55
N PHE A 52 11.94 13.60 6.41
CA PHE A 52 11.53 14.57 7.40
C PHE A 52 11.39 13.92 8.78
N ASP A 53 11.73 14.69 9.81
CA ASP A 53 11.52 14.26 11.18
C ASP A 53 10.04 14.07 11.43
N LEU A 54 9.24 15.04 11.00
CA LEU A 54 7.82 14.99 11.36
C LEU A 54 6.96 15.92 10.52
N LEU A 55 5.67 15.71 10.69
CA LEU A 55 4.59 16.48 10.10
C LEU A 55 3.57 16.71 11.23
N PHE A 56 3.08 17.93 11.43
CA PHE A 56 1.99 18.13 12.39
C PHE A 56 0.97 19.11 11.85
N LEU A 57 -0.20 19.10 12.46
CA LEU A 57 -1.36 19.83 12.00
C LEU A 57 -1.81 20.77 13.10
N PRO A 58 -2.20 22.00 12.73
CA PRO A 58 -2.80 22.92 13.69
C PRO A 58 -4.25 22.55 13.88
N ASP A 59 -4.98 23.24 14.75
CA ASP A 59 -6.40 23.04 14.81
C ASP A 59 -7.16 24.22 15.44
N GLY A 60 -8.32 24.49 14.83
CA GLY A 60 -9.30 25.42 15.34
C GLY A 60 -10.68 24.78 15.21
N LEU A 61 -11.46 24.93 16.28
CA LEU A 61 -12.75 24.26 16.41
C LEU A 61 -13.93 25.18 16.06
N ALA A 62 -13.72 26.09 15.12
CA ALA A 62 -14.77 26.96 14.61
C ALA A 62 -14.31 27.70 13.37
N ILE A 63 -15.24 27.94 12.46
CA ILE A 63 -14.97 28.80 11.34
C ILE A 63 -14.78 30.18 11.94
N GLU A 64 -13.66 30.82 11.62
CA GLU A 64 -13.39 32.14 12.16
C GLU A 64 -14.41 33.04 11.54
N ASP A 65 -15.22 33.67 12.37
CA ASP A 65 -16.36 34.43 11.89
C ASP A 65 -16.50 35.82 12.51
N SER A 66 -15.51 36.23 13.27
CA SER A 66 -15.58 37.52 13.91
C SER A 66 -15.64 38.76 13.02
N TYR A 67 -14.92 38.81 11.91
CA TYR A 67 -14.97 40.05 11.17
C TYR A 67 -16.06 40.09 10.09
N GLY A 68 -17.10 40.84 10.40
CA GLY A 68 -17.36 41.02 11.81
C GLY A 68 -18.58 40.14 11.99
N ASP A 69 -18.39 39.06 12.73
CA ASP A 69 -19.41 38.10 13.08
C ASP A 69 -20.19 37.48 11.92
N ASN A 70 -19.52 37.17 10.83
CA ASN A 70 -20.23 36.53 9.75
C ASN A 70 -19.52 35.41 9.01
N LEU A 71 -20.36 34.53 8.52
CA LEU A 71 -20.01 33.44 7.67
C LEU A 71 -19.46 33.91 6.32
N GLU A 72 -20.03 34.97 5.80
CA GLU A 72 -19.78 35.36 4.44
C GLU A 72 -18.36 35.60 4.01
N THR A 73 -17.51 36.20 4.81
CA THR A 73 -16.16 36.35 4.35
C THR A 73 -15.33 35.10 4.43
N GLY A 74 -15.37 34.44 5.57
CA GLY A 74 -14.69 33.17 5.80
C GLY A 74 -15.09 32.09 4.81
N VAL A 75 -16.39 31.85 4.70
CA VAL A 75 -16.89 30.79 3.85
C VAL A 75 -16.86 31.18 2.37
N GLY A 76 -17.30 32.40 2.07
CA GLY A 76 -17.37 32.83 0.68
C GLY A 76 -16.02 32.93 -0.01
N LEU A 77 -15.01 33.35 0.74
CA LEU A 77 -13.70 33.60 0.13
C LEU A 77 -12.64 32.60 0.59
N GLY A 78 -12.99 31.73 1.53
CA GLY A 78 -12.07 30.70 1.95
C GLY A 78 -11.06 31.11 3.00
N GLY A 79 -11.55 31.71 4.08
CA GLY A 79 -10.69 32.12 5.18
C GLY A 79 -10.29 30.98 6.09
N GLN A 80 -9.64 31.35 7.20
CA GLN A 80 -9.15 30.41 8.20
C GLN A 80 -10.25 29.52 8.73
N GLY A 81 -10.02 28.21 8.70
CA GLY A 81 -10.93 27.27 9.32
C GLY A 81 -12.27 27.14 8.64
N ALA A 82 -12.37 27.60 7.40
CA ALA A 82 -13.60 27.44 6.63
C ALA A 82 -13.91 25.95 6.48
N VAL A 83 -12.87 25.18 6.18
CA VAL A 83 -12.93 23.73 6.31
C VAL A 83 -11.81 23.35 7.27
N ALA A 84 -12.13 22.52 8.26
CA ALA A 84 -11.17 22.09 9.28
C ALA A 84 -11.48 20.66 9.78
N LEU A 85 -10.80 19.67 9.24
CA LEU A 85 -10.99 18.28 9.65
C LEU A 85 -10.43 18.01 11.05
N GLU A 86 -11.02 17.06 11.78
CA GLU A 86 -10.49 16.71 13.09
C GLU A 86 -9.08 16.18 12.87
N PRO A 87 -8.08 16.78 13.52
CA PRO A 87 -6.69 16.48 13.16
C PRO A 87 -6.19 15.07 13.55
N THR A 88 -6.63 14.50 14.67
CA THR A 88 -6.09 13.19 15.07
C THR A 88 -6.48 12.10 14.09
N SER A 89 -7.71 12.16 13.56
CA SER A 89 -8.15 11.23 12.50
C SER A 89 -7.22 11.30 11.30
N VAL A 90 -6.87 12.54 10.95
CA VAL A 90 -6.05 12.78 9.79
C VAL A 90 -4.67 12.18 9.98
N ILE A 91 -4.04 12.35 11.13
CA ILE A 91 -2.70 11.78 11.21
C ILE A 91 -2.74 10.27 11.39
N ALA A 92 -3.85 9.74 11.93
CA ALA A 92 -4.02 8.30 11.96
C ALA A 92 -3.99 7.75 10.54
N THR A 93 -4.65 8.46 9.62
CA THR A 93 -4.65 8.12 8.19
C THR A 93 -3.23 8.10 7.62
N MET A 94 -2.44 9.10 7.99
CA MET A 94 -1.09 9.21 7.49
C MET A 94 -0.19 8.15 8.07
N ALA A 95 -0.45 7.80 9.32
CA ALA A 95 0.39 6.83 10.00
C ALA A 95 0.27 5.45 9.37
N ALA A 96 -0.93 5.13 8.90
CA ALA A 96 -1.22 3.79 8.35
C ALA A 96 -0.43 3.58 7.09
N VAL A 97 0.02 4.66 6.44
CA VAL A 97 0.72 4.48 5.17
C VAL A 97 2.17 4.93 5.21
N THR A 98 2.70 5.15 6.40
CA THR A 98 4.12 5.46 6.56
C THR A 98 4.73 4.59 7.66
N GLN A 99 6.05 4.61 7.81
CA GLN A 99 6.67 3.80 8.85
C GLN A 99 7.81 4.50 9.59
N ARG A 100 8.09 5.75 9.23
CA ARG A 100 9.18 6.48 9.89
C ARG A 100 8.83 7.91 10.26
N LEU A 101 8.15 8.61 9.36
CA LEU A 101 7.75 9.99 9.58
C LEU A 101 7.02 10.17 10.91
N GLY A 102 7.42 11.19 11.67
CA GLY A 102 6.72 11.55 12.89
C GLY A 102 5.42 12.30 12.57
N LEU A 103 4.42 12.18 13.43
CA LEU A 103 3.12 12.80 13.16
C LEU A 103 2.53 13.43 14.40
N GLY A 104 2.14 14.71 14.29
CA GLY A 104 1.66 15.44 15.43
C GLY A 104 0.32 16.08 15.17
N ALA A 105 -0.43 16.27 16.24
CA ALA A 105 -1.70 16.94 16.12
C ALA A 105 -1.85 17.93 17.26
N THR A 106 -2.42 19.08 16.91
CA THR A 106 -2.72 20.12 17.87
C THR A 106 -4.05 19.85 18.55
N VAL A 107 -4.02 19.73 19.87
CA VAL A 107 -5.24 19.59 20.65
C VAL A 107 -5.20 20.49 21.87
N SER A 108 -6.26 21.25 22.08
CA SER A 108 -6.29 22.16 23.22
C SER A 108 -6.61 21.49 24.55
N THR A 109 -5.88 21.89 25.60
CA THR A 109 -6.17 21.45 26.96
C THR A 109 -7.49 22.00 27.45
N THR A 110 -8.04 22.97 26.74
CA THR A 110 -9.29 23.55 27.16
C THR A 110 -10.49 22.62 27.00
N TYR A 111 -10.61 22.01 25.82
CA TYR A 111 -11.88 21.39 25.42
C TYR A 111 -12.00 19.89 25.69
N TYR A 112 -10.92 19.24 26.08
CA TYR A 112 -10.99 17.80 26.34
C TYR A 112 -10.43 17.42 27.71
N PRO A 113 -10.97 16.37 28.33
CA PRO A 113 -10.40 15.85 29.58
C PRO A 113 -9.04 15.17 29.38
N PRO A 114 -8.14 15.24 30.39
CA PRO A 114 -6.83 14.58 30.22
C PRO A 114 -6.98 13.09 29.88
N TYR A 115 -8.04 12.43 30.32
CA TYR A 115 -8.18 11.01 30.02
C TYR A 115 -8.33 10.78 28.52
N HIS A 116 -9.09 11.64 27.86
CA HIS A 116 -9.30 11.54 26.42
C HIS A 116 -8.01 11.77 25.61
N VAL A 117 -7.34 12.87 25.92
CA VAL A 117 -6.08 13.20 25.28
C VAL A 117 -5.08 12.06 25.46
N ALA A 118 -4.94 11.58 26.69
CA ALA A 118 -4.00 10.48 26.94
C ALA A 118 -4.33 9.23 26.12
N ARG A 119 -5.61 8.84 26.07
CA ARG A 119 -5.99 7.59 25.39
C ARG A 119 -5.85 7.72 23.85
N VAL A 120 -6.32 8.83 23.30
CA VAL A 120 -6.17 9.09 21.88
C VAL A 120 -4.71 9.03 21.44
N PHE A 121 -3.82 9.76 22.11
CA PHE A 121 -2.42 9.75 21.65
C PHE A 121 -1.68 8.46 21.98
N ALA A 122 -2.03 7.82 23.10
CA ALA A 122 -1.43 6.52 23.39
C ALA A 122 -1.82 5.52 22.30
N THR A 123 -3.07 5.62 21.84
CA THR A 123 -3.56 4.75 20.78
C THR A 123 -2.77 5.00 19.50
N LEU A 124 -2.70 6.27 19.11
CA LEU A 124 -1.97 6.67 17.91
C LEU A 124 -0.51 6.31 18.05
N ASP A 125 0.03 6.49 19.25
CA ASP A 125 1.44 6.15 19.46
C ASP A 125 1.67 4.64 19.27
N ASN A 126 0.73 3.83 19.74
CA ASN A 126 0.83 2.39 19.48
C ASN A 126 0.54 2.04 18.02
N LEU A 127 -0.52 2.59 17.44
CA LEU A 127 -0.83 2.32 16.02
C LEU A 127 0.32 2.69 15.10
N SER A 128 1.09 3.73 15.46
CA SER A 128 2.16 4.20 14.58
C SER A 128 3.52 3.66 14.98
N ASP A 129 3.51 2.76 15.97
CA ASP A 129 4.74 2.15 16.48
C ASP A 129 5.72 3.19 17.02
N GLY A 130 5.22 4.19 17.75
CA GLY A 130 6.09 5.15 18.43
C GLY A 130 6.50 6.37 17.61
N ARG A 131 5.57 6.91 16.83
CA ARG A 131 5.87 8.03 15.96
C ARG A 131 5.01 9.27 16.23
N ILE A 132 4.23 9.26 17.31
CA ILE A 132 3.23 10.30 17.47
C ILE A 132 3.67 11.45 18.37
N SER A 133 3.04 12.60 18.16
CA SER A 133 3.30 13.79 18.97
C SER A 133 1.98 14.50 19.26
N TRP A 134 1.85 15.02 20.47
CA TRP A 134 0.75 15.92 20.80
C TRP A 134 1.28 17.36 20.86
N ASN A 135 0.72 18.23 20.01
CA ASN A 135 1.08 19.65 20.11
C ASN A 135 0.14 20.32 21.09
N VAL A 136 0.66 20.63 22.26
CA VAL A 136 -0.12 21.19 23.34
C VAL A 136 -0.40 22.68 23.14
N VAL A 137 -1.68 23.01 23.23
CA VAL A 137 -2.12 24.37 23.02
C VAL A 137 -3.15 24.61 24.12
N THR A 138 -3.33 25.85 24.53
CA THR A 138 -4.22 26.17 25.63
C THR A 138 -5.31 27.13 25.27
N SER A 139 -5.58 27.26 24.00
CA SER A 139 -6.53 28.21 23.52
C SER A 139 -7.88 28.10 24.11
N LEU A 140 -8.64 29.16 23.96
CA LEU A 140 -10.04 29.22 24.26
C LEU A 140 -10.60 30.50 23.71
N ASN A 141 -11.36 30.42 22.64
CA ASN A 141 -11.97 31.62 22.10
C ASN A 141 -13.45 31.35 22.05
N ASP A 142 -14.27 32.39 22.01
CA ASP A 142 -15.72 32.28 22.18
C ASP A 142 -16.43 31.43 21.11
N SER A 143 -16.05 31.55 19.86
CA SER A 143 -16.76 30.74 18.87
C SER A 143 -16.60 29.23 19.08
N GLU A 144 -15.40 28.77 19.37
CA GLU A 144 -15.15 27.35 19.62
C GLU A 144 -15.92 26.89 20.84
N ALA A 145 -15.96 27.75 21.84
CA ALA A 145 -16.72 27.56 23.05
C ALA A 145 -18.19 27.49 22.67
N ARG A 146 -18.60 28.33 21.73
CA ARG A 146 -19.99 28.39 21.34
C ARG A 146 -20.41 27.05 20.77
N ASN A 147 -19.51 26.44 19.99
CA ASN A 147 -19.66 25.08 19.42
C ASN A 147 -19.72 23.97 20.47
N PHE A 148 -18.86 24.07 21.47
CA PHE A 148 -18.74 23.09 22.51
C PHE A 148 -19.76 23.51 23.52
N GLY A 149 -20.43 24.60 23.18
CA GLY A 149 -21.52 25.08 23.98
C GLY A 149 -21.17 25.32 25.41
N VAL A 150 -20.01 25.89 25.73
CA VAL A 150 -19.67 26.11 27.15
C VAL A 150 -19.53 27.55 27.60
N ASP A 151 -19.84 27.81 28.87
CA ASP A 151 -19.64 29.13 29.38
C ASP A 151 -18.39 29.04 30.24
N GLU A 152 -17.30 29.59 29.76
CA GLU A 152 -16.10 29.63 30.54
C GLU A 152 -15.30 30.74 29.98
N HIS A 153 -14.45 31.30 30.79
CA HIS A 153 -13.53 32.26 30.32
C HIS A 153 -12.48 32.10 31.32
N LEU A 154 -11.48 31.32 31.01
CA LEU A 154 -10.45 31.17 31.96
C LEU A 154 -9.57 32.13 31.31
N GLU A 155 -8.85 32.90 32.09
CA GLU A 155 -8.01 33.97 31.57
C GLU A 155 -6.74 33.32 31.05
N HIS A 156 -6.14 33.93 30.04
CA HIS A 156 -5.01 33.36 29.31
C HIS A 156 -3.92 32.69 30.19
N ASP A 157 -3.35 33.39 31.16
CA ASP A 157 -2.27 32.80 31.96
C ASP A 157 -2.77 31.69 32.89
N ILE A 158 -4.04 31.76 33.27
CA ILE A 158 -4.57 30.74 34.15
C ILE A 158 -4.75 29.44 33.36
N ARG A 159 -5.13 29.55 32.09
CA ARG A 159 -5.24 28.38 31.21
C ARG A 159 -3.95 27.59 31.20
N TYR A 160 -2.80 28.30 31.23
CA TYR A 160 -1.52 27.60 31.33
C TYR A 160 -1.29 26.90 32.68
N ASP A 161 -1.78 27.48 33.79
CA ASP A 161 -1.62 26.87 35.11
C ASP A 161 -2.38 25.54 35.15
N ARG A 162 -3.61 25.56 34.67
CA ARG A 162 -4.42 24.36 34.54
C ARG A 162 -3.69 23.35 33.64
N ALA A 163 -3.08 23.85 32.56
CA ALA A 163 -2.37 22.97 31.63
C ALA A 163 -1.20 22.25 32.30
N ASP A 164 -0.56 22.89 33.29
CA ASP A 164 0.51 22.23 34.02
C ASP A 164 0.00 20.95 34.66
N GLU A 165 -1.17 21.04 35.29
CA GLU A 165 -1.69 19.90 36.02
C GLU A 165 -2.19 18.88 35.01
N PHE A 166 -2.77 19.39 33.92
CA PHE A 166 -3.25 18.60 32.80
C PHE A 166 -2.15 17.67 32.27
N LEU A 167 -0.99 18.25 31.93
CA LEU A 167 0.15 17.47 31.45
C LEU A 167 0.61 16.44 32.44
N GLU A 168 0.57 16.84 33.70
CA GLU A 168 0.97 15.94 34.77
C GLU A 168 0.01 14.74 34.79
N ALA A 169 -1.28 15.02 34.62
CA ALA A 169 -2.28 13.95 34.60
C ALA A 169 -2.06 13.01 33.41
N VAL A 170 -1.82 13.60 32.23
CA VAL A 170 -1.61 12.81 31.03
C VAL A 170 -0.36 11.95 31.19
N LYS A 171 0.68 12.52 31.76
CA LYS A 171 1.92 11.76 31.92
C LYS A 171 1.76 10.65 32.96
N LYS A 172 0.94 10.86 33.98
CA LYS A 172 0.63 9.79 34.95
C LYS A 172 -0.07 8.64 34.23
N LEU A 173 -1.10 8.98 33.47
CA LEU A 173 -1.85 8.00 32.70
C LEU A 173 -0.94 7.20 31.75
N TRP A 174 0.00 7.88 31.08
CA TRP A 174 0.91 7.19 30.15
C TRP A 174 1.88 6.32 30.91
N SER A 175 1.96 6.51 32.22
CA SER A 175 2.78 5.62 33.03
C SER A 175 1.97 4.51 33.75
N SER A 176 0.69 4.39 33.42
CA SER A 176 -0.15 3.30 33.96
C SER A 176 0.50 1.92 33.78
N TRP A 177 0.98 1.66 32.57
CA TRP A 177 1.62 0.41 32.22
C TRP A 177 3.14 0.53 32.22
N SER A 178 3.81 -0.26 33.04
CA SER A 178 5.24 -0.44 32.89
C SER A 178 5.49 -1.11 31.54
N GLU A 179 6.68 -0.93 31.01
CA GLU A 179 6.99 -1.43 29.70
C GLU A 179 7.22 -2.93 29.67
N ASP A 180 7.20 -3.55 30.85
CA ASP A 180 7.31 -5.00 30.95
C ASP A 180 6.09 -5.63 31.61
N ALA A 181 4.99 -4.88 31.69
CA ALA A 181 3.77 -5.38 32.30
C ALA A 181 3.09 -6.44 31.43
N LEU A 182 3.06 -6.20 30.12
CA LEU A 182 2.37 -7.11 29.21
C LEU A 182 3.16 -8.40 29.06
N LEU A 183 2.49 -9.54 29.26
CA LEU A 183 3.16 -10.83 29.24
C LEU A 183 2.75 -11.72 28.07
N LEU A 184 1.45 -11.84 27.85
CA LEU A 184 0.90 -12.72 26.82
C LEU A 184 1.41 -14.15 26.96
N ASP A 185 1.46 -14.64 28.20
CA ASP A 185 1.86 -16.02 28.45
C ASP A 185 0.64 -16.92 28.23
N LYS A 186 0.49 -17.43 27.03
CA LYS A 186 -0.67 -18.22 26.65
C LYS A 186 -0.77 -19.52 27.44
N VAL A 187 0.33 -20.26 27.49
CA VAL A 187 0.36 -21.55 28.18
C VAL A 187 -0.07 -21.38 29.63
N GLY A 188 0.50 -20.40 30.32
CA GLY A 188 0.19 -20.21 31.73
C GLY A 188 -1.08 -19.40 31.97
N GLY A 189 -1.63 -18.80 30.94
CA GLY A 189 -2.84 -18.01 31.10
C GLY A 189 -2.57 -16.64 31.74
N ARG A 190 -1.30 -16.21 31.75
CA ARG A 190 -1.01 -14.89 32.34
C ARG A 190 -0.87 -13.81 31.28
N PHE A 191 -1.90 -12.97 31.19
CA PHE A 191 -1.95 -11.89 30.21
C PHE A 191 -0.91 -10.81 30.51
N ALA A 192 -0.95 -10.31 31.74
CA ALA A 192 -0.10 -9.24 32.19
C ALA A 192 0.14 -9.31 33.68
N ASP A 193 1.24 -8.72 34.13
CA ASP A 193 1.58 -8.64 35.53
C ASP A 193 0.82 -7.47 36.18
N PRO A 194 -0.20 -7.78 37.00
CA PRO A 194 -1.03 -6.70 37.54
C PRO A 194 -0.27 -5.84 38.55
N LYS A 195 0.91 -6.29 38.98
CA LYS A 195 1.70 -5.45 39.89
C LYS A 195 2.47 -4.38 39.11
N LYS A 196 2.44 -4.45 37.78
CA LYS A 196 3.11 -3.46 36.94
C LYS A 196 2.13 -2.60 36.16
N VAL A 197 0.86 -2.66 36.58
CA VAL A 197 -0.17 -1.79 36.03
C VAL A 197 -0.82 -1.08 37.19
N GLN A 198 -0.69 0.24 37.21
CA GLN A 198 -1.00 1.01 38.40
C GLN A 198 -2.19 1.94 38.22
N TYR A 199 -3.01 2.05 39.27
CA TYR A 199 -4.06 3.08 39.31
C TYR A 199 -3.42 4.44 39.30
N VAL A 200 -4.14 5.45 38.83
CA VAL A 200 -3.54 6.77 38.76
C VAL A 200 -3.98 7.62 39.96
N ASN A 201 -5.29 7.62 40.23
CA ASN A 201 -5.84 8.32 41.38
C ASN A 201 -5.36 9.78 41.46
N HIS A 202 -5.50 10.53 40.38
CA HIS A 202 -5.08 11.92 40.39
C HIS A 202 -6.20 12.82 40.84
N ARG A 203 -5.93 13.60 41.87
CA ARG A 203 -6.92 14.58 42.30
C ARG A 203 -6.16 15.86 42.62
N GLY A 204 -6.22 16.81 41.71
CA GLY A 204 -5.54 18.07 41.86
C GLY A 204 -6.56 19.19 41.89
N ARG A 205 -6.08 20.43 41.87
CA ARG A 205 -6.95 21.59 41.92
C ARG A 205 -7.91 21.64 40.72
N TRP A 206 -7.43 21.25 39.53
CA TRP A 206 -8.23 21.42 38.33
C TRP A 206 -8.91 20.13 37.86
N LEU A 207 -8.22 19.01 38.02
CA LEU A 207 -8.70 17.81 37.37
C LEU A 207 -8.66 16.58 38.26
N SER A 208 -9.52 15.62 37.95
CA SER A 208 -9.46 14.33 38.61
C SER A 208 -9.63 13.17 37.61
N VAL A 209 -8.65 12.27 37.56
CA VAL A 209 -8.71 11.08 36.71
C VAL A 209 -8.20 9.86 37.49
N ARG A 210 -8.88 8.71 37.42
CA ARG A 210 -8.42 7.57 38.24
C ARG A 210 -7.48 6.60 37.54
N GLY A 211 -7.75 6.23 36.30
CA GLY A 211 -6.89 5.27 35.63
C GLY A 211 -7.16 3.84 36.11
N PRO A 212 -6.34 2.88 35.64
CA PRO A 212 -5.23 3.13 34.72
C PRO A 212 -5.65 3.34 33.26
N LEU A 213 -4.71 3.77 32.44
CA LEU A 213 -4.94 3.84 31.02
C LEU A 213 -5.01 2.41 30.51
N GLN A 214 -5.95 2.18 29.60
CA GLN A 214 -6.13 0.89 28.98
C GLN A 214 -5.22 0.68 27.77
N VAL A 215 -4.15 1.46 27.69
CA VAL A 215 -3.27 1.42 26.53
C VAL A 215 -1.84 1.39 27.04
N PRO A 216 -1.10 0.32 26.72
CA PRO A 216 0.31 0.20 27.09
C PRO A 216 1.19 1.23 26.38
N ARG A 217 2.45 1.27 26.74
CA ARG A 217 3.41 2.23 26.18
C ARG A 217 3.97 1.73 24.86
N SER A 218 4.17 2.64 23.91
CA SER A 218 4.77 2.30 22.62
C SER A 218 6.28 2.11 22.77
N ARG A 219 6.99 1.81 21.69
CA ARG A 219 8.44 1.67 21.76
C ARG A 219 9.18 2.99 22.05
N GLN A 220 8.49 4.14 21.93
CA GLN A 220 9.15 5.43 22.27
C GLN A 220 8.68 5.92 23.64
N GLY A 221 7.98 5.05 24.36
CA GLY A 221 7.57 5.32 25.73
C GLY A 221 6.30 6.13 25.85
N GLU A 222 6.39 7.38 25.42
CA GLU A 222 5.29 8.34 25.47
C GLU A 222 5.37 9.16 24.21
N PRO A 223 4.24 9.71 23.77
CA PRO A 223 4.24 10.71 22.72
C PRO A 223 5.21 11.86 23.01
N VAL A 224 5.76 12.44 21.96
CA VAL A 224 6.62 13.60 22.08
C VAL A 224 5.74 14.82 22.32
N ILE A 225 6.07 15.63 23.31
CA ILE A 225 5.29 16.85 23.57
C ILE A 225 5.76 18.02 22.66
N LEU A 226 4.90 18.44 21.73
CA LEU A 226 5.17 19.63 20.95
C LEU A 226 4.56 20.78 21.70
N GLN A 227 5.06 21.99 21.55
CA GLN A 227 4.23 23.05 22.06
C GLN A 227 4.29 24.28 21.22
N ALA A 228 3.16 24.99 21.23
CA ALA A 228 3.00 26.25 20.52
C ALA A 228 2.28 27.32 21.40
N GLY A 229 2.93 28.48 21.53
CA GLY A 229 2.49 29.56 22.40
C GLY A 229 3.71 30.33 22.90
N LEU A 230 3.93 31.53 22.36
CA LEU A 230 5.16 32.30 22.63
C LEU A 230 4.95 33.51 23.57
N SER A 231 3.77 33.58 24.18
CA SER A 231 3.52 34.55 25.24
C SER A 231 4.48 34.28 26.39
N PRO A 232 4.72 35.27 27.25
CA PRO A 232 5.65 35.03 28.37
C PRO A 232 5.25 33.82 29.22
N ARG A 233 3.97 33.62 29.46
CA ARG A 233 3.54 32.45 30.23
C ARG A 233 3.79 31.14 29.46
N GLY A 234 3.53 31.19 28.15
CA GLY A 234 3.74 30.06 27.26
C GLY A 234 5.18 29.59 27.17
N ARG A 235 6.11 30.55 27.17
CA ARG A 235 7.52 30.20 27.16
C ARG A 235 7.92 29.52 28.47
N ARG A 236 7.30 29.92 29.58
CA ARG A 236 7.54 29.28 30.86
C ARG A 236 7.03 27.84 30.79
N PHE A 237 5.83 27.71 30.23
CA PHE A 237 5.21 26.42 30.03
C PHE A 237 6.11 25.55 29.13
N ALA A 238 6.63 26.15 28.06
CA ALA A 238 7.50 25.38 27.17
C ALA A 238 8.74 24.94 27.92
N GLY A 239 9.21 25.80 28.81
CA GLY A 239 10.39 25.49 29.60
C GLY A 239 10.22 24.21 30.37
N ARG A 240 9.04 24.03 30.94
CA ARG A 240 8.77 22.88 31.79
C ARG A 240 8.42 21.62 30.98
N TRP A 241 7.62 21.78 29.92
CA TRP A 241 7.03 20.60 29.27
C TRP A 241 7.50 20.29 27.84
N ALA A 242 7.79 21.31 27.05
CA ALA A 242 8.08 21.13 25.62
C ALA A 242 9.30 20.26 25.37
N GLU A 243 9.16 19.36 24.38
CA GLU A 243 10.27 18.56 23.90
C GLU A 243 10.63 19.04 22.50
N ALA A 244 9.66 19.71 21.90
CA ALA A 244 9.87 20.41 20.66
C ALA A 244 8.94 21.62 20.65
N VAL A 245 9.40 22.73 20.09
CA VAL A 245 8.62 23.97 20.09
C VAL A 245 8.34 24.45 18.68
N PHE A 246 7.08 24.82 18.44
CA PHE A 246 6.67 25.44 17.19
C PHE A 246 6.80 26.97 17.33
N SER A 247 7.76 27.56 16.63
CA SER A 247 7.90 29.02 16.66
C SER A 247 7.83 29.66 15.27
N VAL A 248 7.43 30.93 15.22
CA VAL A 248 7.38 31.70 13.98
C VAL A 248 8.04 33.07 14.17
N SER A 249 9.11 33.34 13.39
CA SER A 249 9.80 34.65 13.47
C SER A 249 10.12 35.22 12.09
N PRO A 250 9.86 36.53 11.91
CA PRO A 250 10.01 37.20 10.60
C PRO A 250 11.44 37.39 10.14
N ASN A 251 12.42 37.32 11.03
CA ASN A 251 13.78 37.49 10.58
C ASN A 251 14.77 36.84 11.55
N LEU A 252 16.04 36.79 11.13
CA LEU A 252 17.10 36.13 11.90
C LEU A 252 17.30 36.68 13.33
N ASP A 253 17.14 38.00 13.52
CA ASP A 253 17.35 38.61 14.83
C ASP A 253 16.35 38.06 15.83
N ILE A 254 15.08 38.06 15.43
CA ILE A 254 14.03 37.52 16.29
C ILE A 254 14.10 36.00 16.48
N MET A 255 14.44 35.24 15.43
CA MET A 255 14.64 33.80 15.55
C MET A 255 15.66 33.48 16.65
N ARG A 256 16.79 34.19 16.64
CA ARG A 256 17.87 33.91 17.59
C ARG A 256 17.45 34.27 19.02
N ALA A 257 16.73 35.37 19.16
CA ALA A 257 16.27 35.81 20.48
C ALA A 257 15.25 34.79 21.04
N VAL A 258 14.24 34.45 20.25
CA VAL A 258 13.27 33.40 20.64
C VAL A 258 14.01 32.11 20.97
N TYR A 259 14.95 31.72 20.12
CA TYR A 259 15.73 30.52 20.35
C TYR A 259 16.36 30.52 21.75
N GLN A 260 17.15 31.56 22.05
CA GLN A 260 17.92 31.63 23.28
C GLN A 260 17.06 31.74 24.51
N ASP A 261 15.96 32.48 24.37
CA ASP A 261 14.96 32.66 25.41
C ASP A 261 14.29 31.31 25.78
N ILE A 262 13.91 30.52 24.77
CA ILE A 262 13.30 29.23 25.06
C ILE A 262 14.28 28.32 25.75
N LYS A 263 15.49 28.22 25.19
CA LYS A 263 16.51 27.36 25.76
C LYS A 263 16.78 27.75 27.20
N ALA A 264 16.68 29.06 27.49
CA ALA A 264 16.91 29.58 28.83
C ALA A 264 15.78 29.17 29.79
N HIS A 265 14.54 29.32 29.36
CA HIS A 265 13.42 28.84 30.15
C HIS A 265 13.52 27.32 30.46
N VAL A 266 14.01 26.54 29.49
CA VAL A 266 14.14 25.10 29.67
C VAL A 266 15.18 24.81 30.76
N ALA A 267 16.33 25.50 30.67
CA ALA A 267 17.39 25.36 31.66
C ALA A 267 16.91 25.79 33.04
N ALA A 268 16.12 26.86 33.08
CA ALA A 268 15.59 27.39 34.34
C ALA A 268 14.65 26.41 35.00
N ALA A 269 14.03 25.54 34.20
CA ALA A 269 13.10 24.55 34.73
C ALA A 269 13.81 23.27 35.14
N GLY A 270 15.14 23.28 35.08
CA GLY A 270 15.91 22.12 35.50
C GLY A 270 16.07 21.05 34.43
N ARG A 271 15.77 21.39 33.18
CA ARG A 271 15.87 20.41 32.10
C ARG A 271 17.06 20.72 31.19
N ASP A 272 17.46 19.72 30.41
CA ASP A 272 18.54 19.84 29.45
C ASP A 272 18.04 20.53 28.19
N PRO A 273 18.59 21.73 27.87
CA PRO A 273 18.09 22.51 26.73
C PRO A 273 18.23 21.81 25.39
N GLU A 274 19.17 20.89 25.24
CA GLU A 274 19.31 20.19 23.97
C GLU A 274 18.29 19.06 23.83
N GLN A 275 17.46 18.89 24.87
CA GLN A 275 16.38 17.92 24.83
C GLN A 275 15.07 18.66 24.55
N THR A 276 15.18 19.93 24.18
CA THR A 276 14.02 20.66 23.65
C THR A 276 14.43 21.25 22.30
N LYS A 277 13.81 20.76 21.22
CA LYS A 277 14.18 21.17 19.87
C LYS A 277 13.29 22.30 19.38
N VAL A 278 13.91 23.40 18.96
CA VAL A 278 13.19 24.58 18.50
C VAL A 278 13.11 24.64 16.96
N PHE A 279 11.89 24.71 16.44
CA PHE A 279 11.69 24.76 15.00
C PHE A 279 11.21 26.14 14.66
N THR A 280 11.69 26.70 13.55
CA THR A 280 11.12 27.97 13.13
C THR A 280 10.56 27.80 11.71
N ALA A 281 9.45 28.47 11.42
CA ALA A 281 8.73 28.27 10.16
C ALA A 281 9.20 29.20 9.05
N VAL A 282 9.32 28.65 7.84
CA VAL A 282 9.70 29.44 6.68
C VAL A 282 8.85 28.95 5.51
N MET A 283 8.53 29.86 4.60
CA MET A 283 7.73 29.51 3.43
C MET A 283 8.58 29.63 2.16
N PRO A 284 9.20 28.52 1.73
CA PRO A 284 10.05 28.57 0.54
C PRO A 284 9.26 28.53 -0.75
N VAL A 285 9.73 29.26 -1.76
CA VAL A 285 9.19 29.20 -3.10
C VAL A 285 10.36 28.97 -4.03
N LEU A 286 10.36 27.84 -4.73
CA LEU A 286 11.49 27.42 -5.55
C LEU A 286 11.33 27.84 -7.00
N GLY A 287 12.45 27.97 -7.72
CA GLY A 287 12.46 28.12 -9.16
C GLY A 287 13.78 27.57 -9.66
N GLU A 288 13.85 27.20 -10.93
CA GLU A 288 15.11 26.74 -11.55
C GLU A 288 16.13 27.86 -11.54
N THR A 289 15.66 29.09 -11.76
CA THR A 289 16.49 30.27 -11.57
C THR A 289 15.86 31.11 -10.48
N GLU A 290 16.65 32.04 -9.93
CA GLU A 290 16.12 32.93 -8.90
C GLU A 290 15.02 33.78 -9.49
N GLN A 291 15.19 34.16 -10.74
CA GLN A 291 14.17 34.91 -11.43
C GLN A 291 12.84 34.15 -11.46
N VAL A 292 12.88 32.88 -11.85
CA VAL A 292 11.67 32.05 -11.81
C VAL A 292 11.05 32.00 -10.41
N ALA A 293 11.88 31.81 -9.38
CA ALA A 293 11.36 31.75 -8.02
C ALA A 293 10.59 33.03 -7.65
N ARG A 294 11.18 34.19 -7.95
CA ARG A 294 10.53 35.45 -7.59
C ARG A 294 9.24 35.66 -8.35
N GLU A 295 9.17 35.23 -9.60
CA GLU A 295 7.89 35.36 -10.31
C GLU A 295 6.81 34.43 -9.71
N ARG A 296 7.21 33.25 -9.26
CA ARG A 296 6.26 32.33 -8.65
C ARG A 296 5.78 32.89 -7.32
N LEU A 297 6.67 33.55 -6.57
CA LEU A 297 6.29 34.16 -5.30
C LEU A 297 5.34 35.31 -5.54
N GLU A 298 5.66 36.13 -6.54
CA GLU A 298 4.75 37.22 -6.86
C GLU A 298 3.39 36.63 -7.27
N TYR A 299 3.39 35.58 -8.08
CA TYR A 299 2.14 34.95 -8.48
C TYR A 299 1.38 34.46 -7.25
N LEU A 300 2.09 33.77 -6.35
CA LEU A 300 1.48 33.24 -5.15
C LEU A 300 0.82 34.38 -4.34
N ASN A 301 1.57 35.45 -4.12
CA ASN A 301 1.07 36.54 -3.28
C ASN A 301 -0.09 37.32 -3.95
N SER A 302 -0.15 37.28 -5.29
CA SER A 302 -1.23 37.96 -6.03
C SER A 302 -2.58 37.27 -5.93
N LEU A 303 -2.63 36.13 -5.26
CA LEU A 303 -3.87 35.36 -5.19
C LEU A 303 -4.66 35.72 -3.94
N VAL A 304 -4.01 36.39 -2.99
CA VAL A 304 -4.65 36.72 -1.73
C VAL A 304 -5.75 37.73 -1.92
N HIS A 305 -6.96 37.39 -1.53
CA HIS A 305 -8.06 38.36 -1.56
C HIS A 305 -7.91 39.25 -0.33
N PRO A 306 -7.97 40.57 -0.55
CA PRO A 306 -7.78 41.54 0.53
C PRO A 306 -8.70 41.30 1.72
N GLU A 307 -9.95 40.94 1.49
CA GLU A 307 -10.85 40.73 2.62
C GLU A 307 -10.58 39.46 3.42
N VAL A 308 -10.11 38.37 2.79
CA VAL A 308 -9.75 37.20 3.62
C VAL A 308 -8.53 37.57 4.44
N GLY A 309 -7.59 38.26 3.82
CA GLY A 309 -6.41 38.74 4.54
C GLY A 309 -6.83 39.56 5.73
N LEU A 310 -7.77 40.49 5.52
CA LEU A 310 -8.24 41.37 6.58
C LEU A 310 -8.92 40.62 7.71
N SER A 311 -9.72 39.61 7.35
CA SER A 311 -10.38 38.74 8.32
C SER A 311 -9.38 38.13 9.32
N THR A 312 -8.34 37.46 8.81
CA THR A 312 -7.35 36.86 9.69
C THR A 312 -6.65 37.95 10.52
N LEU A 313 -6.33 39.09 9.89
CA LEU A 313 -5.67 40.18 10.60
C LEU A 313 -6.51 40.68 11.79
N SER A 314 -7.82 40.79 11.57
CA SER A 314 -8.75 41.12 12.66
C SER A 314 -8.75 40.10 13.79
N SER A 315 -8.78 38.81 13.44
CA SER A 315 -8.83 37.76 14.45
C SER A 315 -7.58 37.75 15.31
N HIS A 316 -6.43 37.89 14.67
CA HIS A 316 -5.15 37.92 15.39
C HIS A 316 -4.91 39.19 16.18
N SER A 317 -5.47 40.30 15.74
CA SER A 317 -5.23 41.58 16.41
C SER A 317 -6.26 41.81 17.52
N GLY A 318 -7.38 41.09 17.48
CA GLY A 318 -8.41 41.26 18.47
C GLY A 318 -9.27 42.47 18.16
N LEU A 319 -9.16 42.97 16.94
CA LEU A 319 -9.88 44.17 16.54
C LEU A 319 -10.72 43.90 15.29
N ASN A 320 -11.99 44.28 15.28
CA ASN A 320 -12.80 44.00 14.11
C ASN A 320 -12.65 45.17 13.14
N LEU A 321 -12.10 44.90 11.95
CA LEU A 321 -11.81 45.95 10.99
C LEU A 321 -12.74 45.91 9.78
N SER A 322 -13.81 45.14 9.92
CA SER A 322 -14.89 45.10 8.95
C SER A 322 -15.70 46.37 9.09
N LYS A 323 -15.65 46.95 10.26
CA LYS A 323 -16.42 48.12 10.54
C LYS A 323 -16.01 49.27 9.64
N TYR A 324 -14.84 49.19 9.05
CA TYR A 324 -14.31 50.33 8.28
C TYR A 324 -14.38 50.05 6.80
N PRO A 325 -14.46 51.11 6.00
CA PRO A 325 -14.34 50.90 4.55
C PRO A 325 -12.94 50.37 4.23
N LEU A 326 -12.84 49.61 3.16
CA LEU A 326 -11.58 48.99 2.80
C LEU A 326 -10.51 50.00 2.38
N ASP A 327 -10.92 51.20 1.97
CA ASP A 327 -9.93 52.18 1.53
C ASP A 327 -9.51 53.12 2.67
N THR A 328 -10.03 52.86 3.87
CA THR A 328 -9.60 53.56 5.08
C THR A 328 -8.10 53.41 5.24
N LYS A 329 -7.36 54.52 5.36
CA LYS A 329 -5.95 54.36 5.63
C LYS A 329 -5.68 54.02 7.10
N PHE A 330 -4.56 53.33 7.34
CA PHE A 330 -4.26 52.79 8.67
C PHE A 330 -4.15 53.88 9.71
N SER A 331 -3.78 55.08 9.27
CA SER A 331 -3.65 56.14 10.24
C SER A 331 -4.99 56.75 10.66
N ASP A 332 -6.06 56.55 9.87
CA ASP A 332 -7.36 56.94 10.42
C ASP A 332 -7.89 55.91 11.41
N ILE A 333 -7.37 54.70 11.36
CA ILE A 333 -7.66 53.68 12.36
C ILE A 333 -6.94 53.98 13.67
N VAL A 334 -5.73 54.49 13.56
CA VAL A 334 -4.98 54.88 14.74
C VAL A 334 -5.58 56.16 15.33
N ALA A 335 -6.12 57.00 14.47
CA ALA A 335 -6.83 58.20 14.89
C ALA A 335 -8.11 57.78 15.60
N ASP A 336 -8.77 56.77 15.05
CA ASP A 336 -10.07 56.35 15.58
C ASP A 336 -10.01 55.62 16.90
N LEU A 337 -8.85 55.17 17.31
CA LEU A 337 -8.81 54.35 18.51
C LEU A 337 -7.80 54.85 19.53
N GLY A 338 -6.97 55.81 19.11
CA GLY A 338 -5.94 56.34 19.97
C GLY A 338 -4.73 55.41 19.89
N ASP A 339 -3.53 55.96 19.81
CA ASP A 339 -2.29 55.16 19.76
C ASP A 339 -2.15 54.17 20.90
N ARG A 340 -2.64 54.54 22.07
CA ARG A 340 -2.59 53.69 23.23
C ARG A 340 -3.44 52.47 23.11
N HIS A 341 -4.53 52.55 22.39
CA HIS A 341 -5.46 51.42 22.31
C HIS A 341 -5.29 50.61 21.03
N VAL A 342 -4.16 50.75 20.34
CA VAL A 342 -3.96 49.97 19.11
C VAL A 342 -3.00 48.85 19.46
N PRO A 343 -3.44 47.61 19.25
CA PRO A 343 -2.62 46.48 19.69
C PRO A 343 -1.24 46.53 19.05
N THR A 344 -0.24 46.16 19.84
CA THR A 344 1.14 46.35 19.46
C THR A 344 1.48 45.55 18.21
N MET A 345 1.00 44.32 18.13
CA MET A 345 1.24 43.50 16.96
C MET A 345 0.72 44.20 15.71
N LEU A 346 -0.42 44.87 15.85
CA LEU A 346 -1.00 45.54 14.71
C LEU A 346 -0.15 46.75 14.32
N GLN A 347 0.49 47.39 15.28
CA GLN A 347 1.29 48.53 14.92
C GLN A 347 2.61 48.11 14.38
N MET A 348 3.06 46.93 14.78
CA MET A 348 4.36 46.50 14.32
C MET A 348 4.24 45.90 12.95
N PHE A 349 3.08 45.30 12.68
CA PHE A 349 2.88 44.71 11.39
C PHE A 349 2.71 45.76 10.30
N SER A 350 1.93 46.80 10.60
CA SER A 350 1.73 47.90 9.68
C SER A 350 3.03 48.62 9.33
N ALA A 351 3.94 48.73 10.29
CA ALA A 351 5.14 49.50 10.05
C ALA A 351 6.07 48.64 9.25
N VAL A 352 6.16 47.36 9.62
CA VAL A 352 7.03 46.47 8.88
C VAL A 352 6.54 46.19 7.46
N ALA A 353 5.24 45.95 7.29
CA ALA A 353 4.77 45.52 5.99
C ALA A 353 4.65 46.67 5.00
N GLY A 354 4.51 47.87 5.52
CA GLY A 354 4.41 49.04 4.68
C GLY A 354 5.75 49.74 4.53
N GLY A 355 6.67 49.42 5.44
CA GLY A 355 7.98 50.05 5.46
C GLY A 355 7.84 51.54 5.78
N GLY A 356 6.79 51.89 6.52
CA GLY A 356 6.55 53.28 6.85
C GLY A 356 5.40 53.89 6.07
N ALA A 357 4.96 53.22 5.01
CA ALA A 357 3.88 53.75 4.16
C ALA A 357 2.53 53.64 4.86
N ASP A 358 1.68 54.65 4.65
CA ASP A 358 0.30 54.66 5.13
C ASP A 358 -0.61 53.82 4.20
N LEU A 359 -0.97 52.61 4.60
CA LEU A 359 -1.70 51.73 3.70
C LEU A 359 -3.20 51.69 3.98
N THR A 360 -3.97 51.44 2.92
CA THR A 360 -5.39 51.11 3.05
C THR A 360 -5.57 49.82 3.84
N LEU A 361 -6.77 49.61 4.38
CA LEU A 361 -7.02 48.34 5.04
C LEU A 361 -6.98 47.16 4.08
N ALA A 362 -7.49 47.38 2.88
CA ALA A 362 -7.40 46.41 1.81
C ALA A 362 -5.95 45.96 1.60
N GLU A 363 -5.07 46.93 1.46
CA GLU A 363 -3.69 46.59 1.17
C GLU A 363 -3.01 45.97 2.39
N LEU A 364 -3.36 46.42 3.60
CA LEU A 364 -2.80 45.81 4.80
C LEU A 364 -3.27 44.36 4.96
N GLY A 365 -4.54 44.10 4.66
CA GLY A 365 -5.09 42.75 4.80
C GLY A 365 -4.51 41.85 3.73
N ARG A 366 -4.37 42.40 2.53
CA ARG A 366 -3.78 41.65 1.42
C ARG A 366 -2.35 41.19 1.75
N ARG A 367 -1.53 42.09 2.29
CA ARG A 367 -0.16 41.71 2.61
C ARG A 367 -0.14 40.74 3.79
N TYR A 368 -1.04 40.93 4.76
CA TYR A 368 -1.07 40.01 5.90
C TYR A 368 -1.45 38.59 5.43
N GLY A 369 -2.33 38.52 4.45
CA GLY A 369 -2.80 37.25 3.93
C GLY A 369 -1.72 36.44 3.22
N THR A 370 -0.64 37.09 2.79
CA THR A 370 0.42 36.40 2.07
C THR A 370 1.14 35.43 2.98
N ASN A 371 1.38 35.84 4.22
CA ASN A 371 2.21 35.05 5.11
C ASN A 371 1.86 35.20 6.57
N VAL A 372 0.62 35.63 6.84
CA VAL A 372 0.20 35.76 8.23
C VAL A 372 1.16 36.73 8.96
N GLY A 373 1.67 37.70 8.18
CA GLY A 373 2.52 38.76 8.70
C GLY A 373 3.97 38.41 9.01
N PHE A 374 4.19 37.25 9.62
CA PHE A 374 5.47 36.95 10.24
C PHE A 374 6.19 35.68 9.77
N VAL A 375 5.57 34.91 8.87
CA VAL A 375 6.26 33.75 8.30
C VAL A 375 7.11 34.24 7.13
N PRO A 376 8.44 34.07 7.24
CA PRO A 376 9.37 34.56 6.20
C PRO A 376 9.14 33.88 4.87
N GLN A 377 9.05 34.65 3.78
CA GLN A 377 8.97 34.07 2.45
C GLN A 377 10.35 34.00 1.79
N TRP A 378 10.83 32.81 1.45
CA TRP A 378 12.12 32.66 0.80
C TRP A 378 12.02 32.22 -0.66
N ALA A 379 12.29 33.14 -1.59
CA ALA A 379 12.28 32.78 -3.02
C ALA A 379 13.71 32.57 -3.49
N GLY A 380 13.96 31.44 -4.15
CA GLY A 380 15.28 31.16 -4.71
C GLY A 380 15.37 29.80 -5.35
N THR A 381 16.55 29.50 -5.89
CA THR A 381 16.85 28.17 -6.42
C THR A 381 17.00 27.21 -5.25
N ALA A 382 17.06 25.92 -5.56
CA ALA A 382 17.24 24.90 -4.55
C ALA A 382 18.53 25.12 -3.78
N GLU A 383 19.60 25.48 -4.48
CA GLU A 383 20.88 25.71 -3.83
C GLU A 383 20.77 26.88 -2.85
N GLN A 384 20.06 27.94 -3.26
CA GLN A 384 19.93 29.11 -2.41
C GLN A 384 19.12 28.78 -1.15
N ILE A 385 18.02 28.05 -1.31
CA ILE A 385 17.20 27.71 -0.15
C ILE A 385 18.02 26.83 0.80
N ALA A 386 18.74 25.87 0.23
CA ALA A 386 19.60 25.01 1.03
C ALA A 386 20.64 25.85 1.80
N ASP A 387 21.27 26.80 1.10
CA ASP A 387 22.23 27.74 1.70
C ASP A 387 21.63 28.50 2.86
N GLN A 388 20.48 29.12 2.62
CA GLN A 388 19.79 29.90 3.67
C GLN A 388 19.42 29.06 4.89
N LEU A 389 18.90 27.85 4.68
CA LEU A 389 18.59 26.97 5.80
C LEU A 389 19.85 26.67 6.60
N ILE A 390 20.93 26.37 5.88
CA ILE A 390 22.18 26.05 6.54
C ILE A 390 22.74 27.24 7.32
N SER A 391 22.75 28.41 6.70
CA SER A 391 23.36 29.56 7.36
C SER A 391 22.52 29.96 8.58
N HIS A 392 21.19 29.90 8.48
CA HIS A 392 20.35 30.24 9.63
C HIS A 392 20.57 29.24 10.77
N PHE A 393 20.71 27.98 10.42
CA PHE A 393 21.01 26.91 11.36
C PHE A 393 22.36 27.20 12.05
N GLU A 394 23.37 27.54 11.25
CA GLU A 394 24.70 27.83 11.78
C GLU A 394 24.70 29.12 12.62
N ALA A 395 23.77 30.02 12.30
CA ALA A 395 23.64 31.27 13.06
C ALA A 395 22.76 31.14 14.30
N GLY A 396 22.33 29.92 14.62
CA GLY A 396 21.55 29.69 15.83
C GLY A 396 20.11 30.18 15.77
N ALA A 397 19.53 30.15 14.58
CA ALA A 397 18.12 30.50 14.44
C ALA A 397 17.20 29.40 15.03
N ALA A 398 17.63 28.13 14.92
CA ALA A 398 16.75 27.01 15.28
C ALA A 398 17.45 25.66 15.24
N ASP A 399 16.85 24.66 15.88
CA ASP A 399 17.40 23.31 15.76
C ASP A 399 16.84 22.67 14.50
N GLY A 400 15.75 23.23 13.98
CA GLY A 400 15.14 22.69 12.79
C GLY A 400 14.16 23.65 12.15
N PHE A 401 13.71 23.31 10.94
CA PHE A 401 12.82 24.20 10.22
C PHE A 401 11.48 23.54 9.87
N ILE A 402 10.42 24.32 10.07
CA ILE A 402 9.09 23.94 9.63
C ILE A 402 8.85 24.52 8.27
N ILE A 403 8.50 23.68 7.30
CA ILE A 403 8.34 24.16 5.93
C ILE A 403 6.87 24.46 5.66
N SER A 404 6.51 25.75 5.72
CA SER A 404 5.13 26.19 5.52
C SER A 404 4.86 26.21 4.02
N PRO A 405 3.81 25.50 3.59
CA PRO A 405 3.60 25.26 2.16
C PRO A 405 2.87 26.39 1.46
N ALA A 406 3.44 26.91 0.39
CA ALA A 406 2.79 27.94 -0.41
C ALA A 406 1.50 27.37 -1.00
N TYR A 407 1.54 26.08 -1.36
CA TYR A 407 0.37 25.42 -1.92
C TYR A 407 0.56 23.90 -1.85
N LEU A 408 -0.53 23.14 -1.81
CA LEU A 408 -0.43 21.71 -1.62
C LEU A 408 -1.11 20.91 -2.71
N PRO A 409 -0.59 19.70 -2.98
CA PRO A 409 0.56 19.07 -2.32
C PRO A 409 1.89 19.44 -2.96
N GLY A 410 1.83 20.07 -4.13
CA GLY A 410 2.99 20.27 -4.99
C GLY A 410 4.27 20.84 -4.38
N ILE A 411 4.16 21.80 -3.46
CA ILE A 411 5.35 22.48 -2.98
C ILE A 411 6.30 21.52 -2.28
N TYR A 412 5.73 20.56 -1.56
CA TYR A 412 6.51 19.54 -0.85
C TYR A 412 7.19 18.57 -1.85
N GLU A 413 6.54 18.29 -2.97
CA GLU A 413 7.19 17.47 -4.00
C GLU A 413 8.46 18.19 -4.47
N GLU A 414 8.33 19.50 -4.70
CA GLU A 414 9.46 20.29 -5.13
C GLU A 414 10.56 20.33 -4.08
N PHE A 415 10.17 20.52 -2.81
CA PHE A 415 11.16 20.67 -1.75
C PHE A 415 11.93 19.38 -1.54
N VAL A 416 11.20 18.27 -1.50
CA VAL A 416 11.81 16.97 -1.25
C VAL A 416 12.70 16.59 -2.41
N ASP A 417 12.27 16.88 -3.64
CA ASP A 417 13.05 16.48 -4.81
C ASP A 417 14.28 17.39 -5.05
N GLN A 418 14.17 18.67 -4.74
CA GLN A 418 15.24 19.64 -5.07
C GLN A 418 16.12 20.06 -3.89
N VAL A 419 15.54 20.33 -2.72
CA VAL A 419 16.35 20.87 -1.62
C VAL A 419 16.96 19.80 -0.73
N VAL A 420 16.17 18.83 -0.31
CA VAL A 420 16.65 17.77 0.60
C VAL A 420 17.94 17.10 0.11
N PRO A 421 18.02 16.68 -1.17
CA PRO A 421 19.30 16.10 -1.61
C PRO A 421 20.50 17.04 -1.42
N LEU A 422 20.32 18.33 -1.66
CA LEU A 422 21.42 19.26 -1.45
C LEU A 422 21.81 19.31 0.05
N LEU A 423 20.84 19.34 0.94
CA LEU A 423 21.14 19.31 2.37
C LEU A 423 21.89 18.02 2.73
N GLN A 424 21.48 16.92 2.12
CA GLN A 424 22.10 15.63 2.43
C GLN A 424 23.54 15.59 1.93
N GLN A 425 23.78 16.07 0.71
CA GLN A 425 25.14 16.06 0.15
C GLN A 425 26.10 16.90 0.97
N ARG A 426 25.57 17.95 1.62
CA ARG A 426 26.36 18.82 2.46
C ARG A 426 26.58 18.27 3.86
N GLY A 427 25.93 17.14 4.16
CA GLY A 427 26.05 16.50 5.45
C GLY A 427 25.30 17.14 6.62
N VAL A 428 24.39 18.07 6.34
CA VAL A 428 23.65 18.71 7.44
C VAL A 428 22.26 18.12 7.67
N PHE A 429 21.88 17.17 6.83
CA PHE A 429 20.58 16.50 7.00
C PHE A 429 20.71 15.02 6.71
N ARG A 430 20.03 14.20 7.52
CA ARG A 430 20.10 12.74 7.43
C ARG A 430 19.87 12.24 6.00
N THR A 431 20.66 11.26 5.59
CA THR A 431 20.43 10.63 4.29
C THR A 431 19.43 9.48 4.45
N GLU A 432 19.34 9.00 5.68
CA GLU A 432 18.44 7.91 6.00
C GLU A 432 18.03 7.99 7.46
N TYR A 433 16.85 7.46 7.77
CA TYR A 433 16.42 7.36 9.17
C TYR A 433 17.33 6.42 9.91
N GLU A 434 17.82 6.87 11.06
CA GLU A 434 18.71 6.09 11.88
C GLU A 434 17.93 5.21 12.85
N GLY A 435 16.81 5.72 13.34
CA GLY A 435 15.94 4.96 14.22
C GLY A 435 14.56 4.80 13.65
N THR A 436 13.64 4.29 14.45
CA THR A 436 12.30 4.07 13.97
C THR A 436 11.28 5.00 14.62
N THR A 437 11.64 5.58 15.76
CA THR A 437 10.72 6.43 16.50
C THR A 437 10.96 7.93 16.33
N LEU A 438 9.93 8.71 16.64
CA LEU A 438 10.04 10.15 16.58
C LEU A 438 11.10 10.66 17.55
N ARG A 439 11.16 10.09 18.74
CA ARG A 439 12.20 10.47 19.70
C ARG A 439 13.61 10.24 19.13
N GLU A 440 13.84 9.10 18.47
CA GLU A 440 15.16 8.87 17.89
C GLU A 440 15.52 9.90 16.77
N HIS A 441 14.55 10.28 15.95
CA HIS A 441 14.80 11.25 14.87
C HIS A 441 15.22 12.60 15.41
N LEU A 442 14.56 13.00 16.51
CA LEU A 442 14.77 14.28 17.17
C LEU A 442 15.92 14.22 18.19
N GLY A 443 16.45 13.03 18.42
CA GLY A 443 17.49 12.85 19.41
C GLY A 443 17.01 13.05 20.83
N LEU A 444 15.75 12.69 21.11
CA LEU A 444 15.22 12.78 22.47
C LEU A 444 15.43 11.46 23.20
N ALA A 445 15.66 11.52 24.50
CA ALA A 445 15.83 10.31 25.28
C ALA A 445 14.48 9.59 25.45
N HIS A 446 14.54 8.28 25.61
CA HIS A 446 13.34 7.46 25.87
C HIS A 446 12.99 7.58 27.36
N PRO A 447 11.85 8.20 27.68
CA PRO A 447 11.44 8.50 29.07
C PRO A 447 11.20 7.24 29.91
N GLU A 448 11.41 7.34 31.22
CA GLU A 448 11.25 6.20 32.09
C GLU A 448 9.87 6.24 32.71
N VAL A 449 9.36 5.08 33.12
CA VAL A 449 8.04 4.99 33.72
C VAL A 449 8.08 5.64 35.11
N ARG B 5 -32.88 -11.76 -3.01
CA ARG B 5 -32.74 -11.43 -1.59
C ARG B 5 -31.33 -11.77 -1.08
N GLN B 6 -30.51 -10.74 -0.84
CA GLN B 6 -29.14 -11.00 -0.38
C GLN B 6 -28.97 -10.56 1.06
N LEU B 7 -28.14 -11.31 1.79
CA LEU B 7 -27.85 -10.98 3.18
C LEU B 7 -26.63 -10.08 3.28
N HIS B 8 -26.49 -9.41 4.42
CA HIS B 8 -25.35 -8.56 4.69
C HIS B 8 -24.42 -9.24 5.70
N LEU B 9 -23.15 -8.87 5.65
CA LEU B 9 -22.17 -9.46 6.56
C LEU B 9 -21.38 -8.33 7.20
N ALA B 10 -21.15 -8.46 8.50
CA ALA B 10 -20.35 -7.46 9.21
C ALA B 10 -19.33 -8.13 10.13
N GLY B 11 -18.16 -7.50 10.28
CA GLY B 11 -17.16 -7.96 11.22
C GLY B 11 -17.27 -7.13 12.49
N PHE B 12 -16.79 -7.68 13.60
CA PHE B 12 -16.95 -7.02 14.88
C PHE B 12 -15.94 -7.54 15.87
N PHE B 13 -15.18 -6.65 16.50
CA PHE B 13 -14.21 -7.08 17.51
C PHE B 13 -13.67 -5.91 18.28
N SER B 14 -13.18 -6.17 19.49
CA SER B 14 -12.61 -5.13 20.29
C SER B 14 -11.22 -4.76 19.77
N ALA B 15 -10.89 -3.47 19.79
CA ALA B 15 -9.52 -3.00 19.55
C ALA B 15 -8.75 -3.31 20.83
N GLY B 16 -8.51 -4.60 21.05
CA GLY B 16 -7.93 -5.06 22.30
C GLY B 16 -7.87 -6.57 22.42
N ASN B 17 -7.78 -7.06 23.65
CA ASN B 17 -7.44 -8.45 23.84
C ASN B 17 -8.60 -9.44 23.63
N VAL B 18 -9.82 -9.05 23.97
CA VAL B 18 -10.96 -9.98 23.96
C VAL B 18 -12.24 -9.35 23.44
N THR B 19 -13.01 -10.11 22.68
CA THR B 19 -14.32 -9.69 22.24
C THR B 19 -15.40 -10.55 22.97
N HIS B 20 -15.79 -11.69 22.40
CA HIS B 20 -16.77 -12.57 23.07
C HIS B 20 -16.16 -13.86 23.61
N ALA B 21 -15.24 -14.46 22.84
CA ALA B 21 -14.52 -15.63 23.29
C ALA B 21 -13.39 -15.21 24.23
N HIS B 22 -13.57 -15.48 25.52
CA HIS B 22 -12.67 -14.90 26.54
C HIS B 22 -11.35 -15.64 26.64
N GLY B 23 -11.22 -16.73 25.90
CA GLY B 23 -9.93 -17.37 25.83
C GLY B 23 -9.17 -17.06 24.56
N ALA B 24 -9.73 -16.19 23.73
CA ALA B 24 -9.17 -15.92 22.40
C ALA B 24 -7.70 -15.52 22.43
N TRP B 25 -7.26 -14.69 23.37
CA TRP B 25 -5.87 -14.22 23.33
C TRP B 25 -4.89 -15.36 23.60
N ARG B 26 -5.41 -16.47 24.13
CA ARG B 26 -4.59 -17.62 24.47
C ARG B 26 -4.54 -18.62 23.32
N HIS B 27 -5.41 -18.43 22.35
CA HIS B 27 -5.47 -19.33 21.20
C HIS B 27 -4.08 -19.41 20.51
N VAL B 28 -3.65 -20.62 20.18
CA VAL B 28 -2.35 -20.85 19.55
C VAL B 28 -2.18 -20.01 18.28
N GLY B 29 -3.30 -19.69 17.63
CA GLY B 29 -3.29 -18.91 16.41
C GLY B 29 -3.43 -17.40 16.61
N ALA B 30 -3.75 -16.98 17.82
CA ALA B 30 -3.84 -15.55 18.13
C ALA B 30 -2.50 -14.85 17.99
N THR B 31 -2.42 -13.79 17.18
CA THR B 31 -1.17 -13.02 17.12
C THR B 31 -1.10 -11.98 18.25
N ASN B 32 -2.25 -11.60 18.79
CA ASN B 32 -2.31 -10.55 19.79
C ASN B 32 -1.63 -9.26 19.30
N GLY B 33 -1.82 -8.99 18.01
CA GLY B 33 -1.26 -7.80 17.41
C GLY B 33 -2.10 -6.56 17.62
N PHE B 34 -3.01 -6.61 18.60
CA PHE B 34 -3.98 -5.52 18.81
C PHE B 34 -3.40 -4.17 19.26
N LEU B 35 -2.08 -4.08 19.45
CA LEU B 35 -1.44 -2.80 19.71
C LEU B 35 -0.83 -2.20 18.42
N THR B 36 -0.81 -2.99 17.34
CA THR B 36 -0.11 -2.60 16.10
C THR B 36 -1.07 -2.22 14.96
N GLY B 37 -0.61 -1.33 14.07
CA GLY B 37 -1.38 -0.96 12.91
C GLY B 37 -1.64 -2.14 11.97
N GLU B 38 -0.64 -2.98 11.81
CA GLU B 38 -0.67 -4.08 10.84
C GLU B 38 -1.82 -5.03 11.05
N PHE B 39 -2.02 -5.39 12.32
CA PHE B 39 -3.10 -6.26 12.77
C PHE B 39 -4.44 -5.79 12.23
N TYR B 40 -4.76 -4.52 12.45
CA TYR B 40 -6.05 -3.98 12.02
C TYR B 40 -6.13 -3.83 10.50
N LYS B 41 -5.01 -3.49 9.87
CA LYS B 41 -4.94 -3.39 8.42
C LYS B 41 -5.15 -4.74 7.76
N GLN B 42 -4.53 -5.80 8.29
CA GLN B 42 -4.73 -7.14 7.76
C GLN B 42 -6.20 -7.55 7.83
N ILE B 43 -6.82 -7.33 8.98
CA ILE B 43 -8.19 -7.73 9.20
C ILE B 43 -9.14 -6.94 8.31
N ALA B 44 -8.96 -5.62 8.26
CA ALA B 44 -9.81 -4.80 7.41
C ALA B 44 -9.67 -5.21 5.93
N ARG B 45 -8.45 -5.50 5.49
CA ARG B 45 -8.26 -5.88 4.10
C ARG B 45 -8.88 -7.23 3.81
N THR B 46 -8.78 -8.13 4.77
CA THR B 46 -9.37 -9.45 4.63
C THR B 46 -10.90 -9.37 4.52
N LEU B 47 -11.54 -8.56 5.37
CA LEU B 47 -12.99 -8.48 5.28
C LEU B 47 -13.45 -7.81 3.98
N GLU B 48 -12.65 -6.87 3.47
CA GLU B 48 -12.93 -6.23 2.18
C GLU B 48 -12.71 -7.25 1.03
N ARG B 49 -11.68 -8.08 1.13
CA ARG B 49 -11.49 -9.13 0.15
C ARG B 49 -12.75 -10.04 0.16
N GLY B 50 -13.35 -10.25 1.32
CA GLY B 50 -14.56 -11.06 1.42
C GLY B 50 -15.86 -10.29 1.18
N LYS B 51 -15.74 -9.03 0.75
CA LYS B 51 -16.85 -8.18 0.34
C LYS B 51 -17.82 -7.84 1.44
N PHE B 52 -17.34 -7.87 2.68
CA PHE B 52 -18.19 -7.51 3.82
C PHE B 52 -18.75 -6.09 3.67
N ASP B 53 -19.99 -5.92 4.15
CA ASP B 53 -20.62 -4.61 4.21
C ASP B 53 -19.82 -3.69 5.10
N LEU B 54 -19.44 -4.24 6.26
CA LEU B 54 -18.84 -3.40 7.28
C LEU B 54 -18.10 -4.14 8.38
N LEU B 55 -17.33 -3.34 9.11
CA LEU B 55 -16.59 -3.75 10.28
C LEU B 55 -16.82 -2.66 11.33
N PHE B 56 -17.17 -3.02 12.56
CA PHE B 56 -17.28 -1.98 13.58
C PHE B 56 -16.72 -2.43 14.91
N LEU B 57 -16.48 -1.47 15.80
CA LEU B 57 -15.76 -1.72 17.04
C LEU B 57 -16.62 -1.33 18.20
N PRO B 58 -16.60 -2.16 19.26
CA PRO B 58 -17.30 -1.78 20.49
C PRO B 58 -16.42 -0.81 21.25
N ASP B 59 -16.87 -0.27 22.37
CA ASP B 59 -15.97 0.52 23.20
C ASP B 59 -16.47 0.63 24.64
N GLY B 60 -15.51 0.61 25.55
CA GLY B 60 -15.73 0.93 26.94
C GLY B 60 -14.52 1.79 27.33
N LEU B 61 -14.75 2.80 28.13
CA LEU B 61 -13.68 3.68 28.51
C LEU B 61 -12.90 3.32 29.77
N ALA B 62 -13.22 2.22 30.43
CA ALA B 62 -12.48 1.84 31.62
C ALA B 62 -12.10 0.39 31.62
N ILE B 63 -10.94 0.06 32.19
CA ILE B 63 -10.57 -1.35 32.28
C ILE B 63 -11.63 -1.81 33.24
N GLU B 64 -12.04 -3.08 33.28
CA GLU B 64 -13.04 -3.24 34.29
C GLU B 64 -12.43 -3.81 35.54
N ASP B 65 -12.52 -2.99 36.57
CA ASP B 65 -12.16 -3.22 37.95
C ASP B 65 -13.46 -3.55 38.64
N SER B 66 -14.50 -3.59 37.82
CA SER B 66 -15.84 -3.63 38.27
C SER B 66 -16.10 -4.88 39.08
N TYR B 67 -15.56 -6.03 38.69
CA TYR B 67 -15.71 -7.21 39.54
C TYR B 67 -14.42 -7.82 40.11
N GLY B 68 -14.42 -7.94 41.42
CA GLY B 68 -15.47 -7.19 42.06
C GLY B 68 -14.43 -6.24 42.52
N ASP B 69 -14.51 -4.99 42.08
CA ASP B 69 -13.57 -3.97 42.49
C ASP B 69 -12.07 -4.29 42.26
N ASN B 70 -11.70 -4.90 41.15
CA ASN B 70 -10.27 -5.19 40.94
C ASN B 70 -9.79 -5.40 39.49
N LEU B 71 -8.51 -5.14 39.24
CA LEU B 71 -7.90 -5.31 37.92
C LEU B 71 -7.16 -6.64 37.89
N GLU B 72 -6.94 -7.19 39.09
CA GLU B 72 -6.02 -8.30 39.25
C GLU B 72 -6.55 -9.46 38.41
N THR B 73 -7.87 -9.48 38.21
CA THR B 73 -8.49 -10.46 37.34
C THR B 73 -8.37 -9.99 35.90
N GLY B 74 -8.94 -8.81 35.62
CA GLY B 74 -8.92 -8.24 34.29
C GLY B 74 -7.55 -8.17 33.63
N VAL B 75 -6.59 -7.56 34.33
CA VAL B 75 -5.25 -7.36 33.81
C VAL B 75 -4.44 -8.65 33.83
N GLY B 76 -4.54 -9.36 34.95
CA GLY B 76 -3.76 -10.57 35.13
C GLY B 76 -4.14 -11.68 34.16
N LEU B 77 -5.44 -11.79 33.87
CA LEU B 77 -5.92 -12.92 33.08
C LEU B 77 -6.44 -12.55 31.69
N GLY B 78 -6.51 -11.26 31.41
CA GLY B 78 -6.94 -10.81 30.10
C GLY B 78 -8.45 -10.71 29.95
N GLY B 79 -9.11 -10.05 30.89
CA GLY B 79 -10.54 -9.88 30.81
C GLY B 79 -10.92 -8.74 29.88
N GLN B 80 -12.21 -8.45 29.84
CA GLN B 80 -12.76 -7.40 29.00
C GLN B 80 -12.14 -6.03 29.26
N GLY B 81 -11.69 -5.38 28.19
CA GLY B 81 -11.18 -4.02 28.27
C GLY B 81 -9.86 -3.88 29.00
N ALA B 82 -9.15 -4.99 29.19
CA ALA B 82 -7.82 -4.96 29.79
C ALA B 82 -6.90 -4.13 28.91
N VAL B 83 -7.00 -4.32 27.59
CA VAL B 83 -6.44 -3.41 26.61
C VAL B 83 -7.61 -2.91 25.74
N ALA B 84 -7.72 -1.59 25.55
CA ALA B 84 -8.81 -1.02 24.74
C ALA B 84 -8.40 0.29 24.04
N LEU B 85 -8.01 0.18 22.78
CA LEU B 85 -7.63 1.35 21.98
C LEU B 85 -8.82 2.22 21.65
N GLU B 86 -8.59 3.51 21.52
CA GLU B 86 -9.68 4.42 21.14
C GLU B 86 -10.14 4.00 19.75
N PRO B 87 -11.43 3.69 19.60
CA PRO B 87 -11.89 3.04 18.36
C PRO B 87 -11.88 3.91 17.09
N THR B 88 -12.13 5.20 17.18
CA THR B 88 -12.15 6.02 15.95
C THR B 88 -10.77 6.13 15.29
N SER B 89 -9.70 6.21 16.08
CA SER B 89 -8.33 6.18 15.52
C SER B 89 -8.09 4.88 14.73
N VAL B 90 -8.55 3.78 15.32
CA VAL B 90 -8.36 2.46 14.74
C VAL B 90 -9.06 2.36 13.39
N ILE B 91 -10.30 2.82 13.30
CA ILE B 91 -10.96 2.70 11.99
C ILE B 91 -10.45 3.70 10.95
N ALA B 92 -9.91 4.85 11.39
CA ALA B 92 -9.22 5.72 10.46
C ALA B 92 -8.03 4.95 9.89
N THR B 93 -7.33 4.23 10.75
CA THR B 93 -6.22 3.39 10.29
C THR B 93 -6.68 2.40 9.24
N MET B 94 -7.83 1.77 9.49
CA MET B 94 -8.37 0.76 8.56
C MET B 94 -8.89 1.41 7.28
N ALA B 95 -9.45 2.60 7.42
CA ALA B 95 -10.03 3.31 6.28
C ALA B 95 -8.97 3.67 5.28
N ALA B 96 -7.76 3.94 5.79
CA ALA B 96 -6.66 4.40 4.96
C ALA B 96 -6.21 3.34 3.98
N VAL B 97 -6.46 2.06 4.29
CA VAL B 97 -5.99 0.96 3.44
C VAL B 97 -7.10 0.10 2.83
N THR B 98 -8.34 0.58 2.87
CA THR B 98 -9.43 -0.11 2.20
C THR B 98 -10.14 0.91 1.33
N GLN B 99 -11.05 0.49 0.46
CA GLN B 99 -11.78 1.48 -0.34
C GLN B 99 -13.28 1.21 -0.51
N ARG B 100 -13.78 0.13 0.08
CA ARG B 100 -15.19 -0.23 -0.03
C ARG B 100 -15.81 -0.59 1.31
N LEU B 101 -15.07 -1.37 2.11
CA LEU B 101 -15.54 -1.82 3.41
C LEU B 101 -16.05 -0.66 4.28
N GLY B 102 -17.25 -0.81 4.82
CA GLY B 102 -17.81 0.18 5.74
C GLY B 102 -17.14 0.02 7.10
N LEU B 103 -17.05 1.11 7.85
CA LEU B 103 -16.32 1.11 9.12
C LEU B 103 -17.05 1.89 10.21
N GLY B 104 -17.21 1.25 11.37
CA GLY B 104 -17.96 1.85 12.46
C GLY B 104 -17.23 1.84 13.79
N ALA B 105 -17.59 2.81 14.63
CA ALA B 105 -17.03 2.87 15.95
C ALA B 105 -18.13 3.18 16.94
N THR B 106 -18.05 2.56 18.10
CA THR B 106 -19.01 2.81 19.15
C THR B 106 -18.59 4.07 19.94
N VAL B 107 -19.47 5.06 20.00
CA VAL B 107 -19.21 6.23 20.85
C VAL B 107 -20.46 6.56 21.67
N SER B 108 -20.28 6.71 22.98
CA SER B 108 -21.39 7.02 23.87
C SER B 108 -21.74 8.49 23.82
N THR B 109 -23.04 8.78 23.79
CA THR B 109 -23.56 10.15 23.87
C THR B 109 -23.28 10.78 25.23
N THR B 110 -22.91 9.94 26.18
CA THR B 110 -22.66 10.39 27.53
C THR B 110 -21.44 11.27 27.64
N TYR B 111 -20.32 10.84 27.05
CA TYR B 111 -19.04 11.43 27.41
C TYR B 111 -18.53 12.54 26.51
N TYR B 112 -19.13 12.72 25.34
CA TYR B 112 -18.63 13.75 24.42
C TYR B 112 -19.75 14.70 24.03
N PRO B 113 -19.40 15.97 23.77
CA PRO B 113 -20.37 16.94 23.25
C PRO B 113 -20.74 16.60 21.81
N PRO B 114 -21.97 16.94 21.39
CA PRO B 114 -22.39 16.64 20.02
C PRO B 114 -21.47 17.24 18.96
N TYR B 115 -20.84 18.39 19.21
CA TYR B 115 -19.96 18.99 18.20
C TYR B 115 -18.78 18.07 17.91
N HIS B 116 -18.24 17.49 18.97
CA HIS B 116 -17.08 16.63 18.83
C HIS B 116 -17.44 15.38 18.01
N VAL B 117 -18.51 14.71 18.42
CA VAL B 117 -19.01 13.54 17.72
C VAL B 117 -19.30 13.85 16.26
N ALA B 118 -20.01 14.94 16.00
CA ALA B 118 -20.35 15.31 14.64
C ALA B 118 -19.10 15.52 13.76
N ARG B 119 -18.10 16.23 14.28
CA ARG B 119 -16.92 16.56 13.48
C ARG B 119 -16.03 15.32 13.29
N VAL B 120 -15.83 14.54 14.35
CA VAL B 120 -15.05 13.31 14.22
C VAL B 120 -15.62 12.39 13.13
N PHE B 121 -16.92 12.13 13.15
CA PHE B 121 -17.48 11.22 12.14
C PHE B 121 -17.63 11.84 10.75
N ALA B 122 -17.90 13.14 10.67
CA ALA B 122 -17.89 13.83 9.38
C ALA B 122 -16.50 13.82 8.76
N THR B 123 -15.47 13.96 9.60
CA THR B 123 -14.09 13.89 9.11
C THR B 123 -13.80 12.49 8.55
N LEU B 124 -14.11 11.48 9.35
CA LEU B 124 -13.89 10.08 8.94
C LEU B 124 -14.69 9.73 7.70
N ASP B 125 -15.91 10.26 7.63
CA ASP B 125 -16.79 10.01 6.50
C ASP B 125 -16.20 10.57 5.22
N ASN B 126 -15.63 11.76 5.31
CA ASN B 126 -14.96 12.33 4.16
C ASN B 126 -13.65 11.59 3.84
N LEU B 127 -12.81 11.34 4.85
CA LEU B 127 -11.53 10.65 4.61
C LEU B 127 -11.72 9.30 3.98
N SER B 128 -12.84 8.64 4.28
CA SER B 128 -13.09 7.29 3.77
C SER B 128 -14.02 7.29 2.56
N ASP B 129 -14.32 8.50 2.09
CA ASP B 129 -15.16 8.70 0.93
C ASP B 129 -16.57 8.09 1.08
N GLY B 130 -17.17 8.28 2.26
CA GLY B 130 -18.56 7.89 2.49
C GLY B 130 -18.77 6.46 2.96
N ARG B 131 -17.89 5.97 3.84
CA ARG B 131 -17.95 4.59 4.31
C ARG B 131 -18.12 4.46 5.82
N ILE B 132 -18.39 5.57 6.51
CA ILE B 132 -18.32 5.52 7.97
C ILE B 132 -19.69 5.33 8.66
N SER B 133 -19.65 4.81 9.87
CA SER B 133 -20.83 4.61 10.68
C SER B 133 -20.54 4.94 12.14
N TRP B 134 -21.50 5.58 12.81
CA TRP B 134 -21.42 5.77 14.24
C TRP B 134 -22.37 4.80 14.92
N ASN B 135 -21.82 3.93 15.78
CA ASN B 135 -22.66 3.06 16.59
C ASN B 135 -23.01 3.77 17.89
N VAL B 136 -24.27 4.21 17.98
CA VAL B 136 -24.76 4.99 19.10
C VAL B 136 -25.10 4.14 20.33
N VAL B 137 -24.55 4.54 21.46
CA VAL B 137 -24.77 3.85 22.71
C VAL B 137 -24.96 4.97 23.74
N THR B 138 -25.70 4.69 24.81
CA THR B 138 -26.07 5.69 25.79
C THR B 138 -25.50 5.34 27.16
N SER B 139 -24.45 4.52 27.16
CA SER B 139 -23.86 4.02 28.40
C SER B 139 -23.35 5.07 29.37
N LEU B 140 -23.32 4.69 30.64
CA LEU B 140 -22.69 5.49 31.67
C LEU B 140 -22.29 4.50 32.73
N ASN B 141 -21.00 4.42 32.97
CA ASN B 141 -20.45 3.58 34.00
C ASN B 141 -19.60 4.47 34.89
N ASP B 142 -19.58 4.21 36.19
CA ASP B 142 -18.85 5.08 37.08
C ASP B 142 -17.37 5.11 36.81
N SER B 143 -16.80 3.94 36.57
CA SER B 143 -15.38 3.86 36.31
C SER B 143 -15.07 4.68 35.08
N GLU B 144 -15.92 4.57 34.06
CA GLU B 144 -15.73 5.34 32.84
C GLU B 144 -15.85 6.74 33.35
N ALA B 145 -16.78 6.90 34.27
CA ALA B 145 -17.06 8.16 34.94
C ALA B 145 -15.82 8.56 35.69
N ARG B 146 -15.22 7.57 36.34
CA ARG B 146 -14.03 7.87 37.08
C ARG B 146 -12.96 8.33 36.13
N ASN B 147 -12.83 7.67 34.98
CA ASN B 147 -11.83 8.14 34.02
C ASN B 147 -12.04 9.52 33.39
N PHE B 148 -13.24 9.78 32.91
CA PHE B 148 -13.56 11.04 32.29
C PHE B 148 -13.89 11.88 33.41
N GLY B 149 -14.03 11.21 34.54
CA GLY B 149 -14.36 11.82 35.78
C GLY B 149 -15.64 12.62 35.91
N VAL B 150 -16.78 12.28 35.30
CA VAL B 150 -17.97 13.11 35.63
C VAL B 150 -19.07 12.26 36.27
N ASP B 151 -19.50 12.63 37.48
CA ASP B 151 -20.50 11.87 38.21
C ASP B 151 -22.00 12.20 38.18
N GLU B 152 -22.42 13.28 37.56
CA GLU B 152 -23.83 13.44 37.62
C GLU B 152 -24.26 12.19 36.89
N HIS B 153 -24.97 11.32 37.60
CA HIS B 153 -25.39 10.06 37.04
C HIS B 153 -26.83 10.15 36.67
N LEU B 154 -27.10 9.98 35.40
CA LEU B 154 -28.44 10.07 34.88
C LEU B 154 -29.01 8.67 34.70
N GLU B 155 -30.31 8.55 34.93
CA GLU B 155 -30.96 7.25 34.97
C GLU B 155 -31.03 6.72 33.55
N HIS B 156 -30.93 5.39 33.44
CA HIS B 156 -30.80 4.65 32.19
C HIS B 156 -31.72 5.22 31.09
N ASP B 157 -33.01 5.29 31.39
CA ASP B 157 -33.98 5.72 30.39
C ASP B 157 -33.89 7.21 30.06
N ILE B 158 -33.41 8.02 30.99
CA ILE B 158 -33.28 9.44 30.74
C ILE B 158 -32.08 9.71 29.82
N ARG B 159 -31.02 8.91 29.98
CA ARG B 159 -29.87 8.98 29.07
C ARG B 159 -30.34 8.84 27.62
N TYR B 160 -31.31 7.95 27.38
CA TYR B 160 -31.88 7.84 26.03
C TYR B 160 -32.67 9.10 25.63
N ASP B 161 -33.33 9.74 26.60
CA ASP B 161 -34.07 10.96 26.28
C ASP B 161 -33.09 12.03 25.85
N ARG B 162 -32.00 12.16 26.61
CA ARG B 162 -30.95 13.10 26.28
C ARG B 162 -30.37 12.76 24.91
N ALA B 163 -30.19 11.47 24.67
CA ALA B 163 -29.62 10.98 23.41
C ALA B 163 -30.49 11.36 22.21
N ASP B 164 -31.80 11.50 22.42
CA ASP B 164 -32.68 11.98 21.35
C ASP B 164 -32.26 13.38 20.94
N GLU B 165 -31.97 14.22 21.93
CA GLU B 165 -31.63 15.60 21.59
C GLU B 165 -30.24 15.62 20.99
N PHE B 166 -29.38 14.73 21.49
CA PHE B 166 -28.02 14.57 21.00
C PHE B 166 -27.98 14.27 19.50
N LEU B 167 -28.73 13.26 19.08
CA LEU B 167 -28.79 12.86 17.67
C LEU B 167 -29.31 14.00 16.80
N GLU B 168 -30.32 14.70 17.29
CA GLU B 168 -30.88 15.81 16.54
C GLU B 168 -29.81 16.90 16.36
N ALA B 169 -29.04 17.18 17.40
CA ALA B 169 -27.98 18.18 17.33
C ALA B 169 -26.89 17.76 16.33
N VAL B 170 -26.49 16.49 16.41
CA VAL B 170 -25.48 15.97 15.52
C VAL B 170 -25.95 16.05 14.08
N LYS B 171 -27.21 15.68 13.82
CA LYS B 171 -27.69 15.73 12.45
C LYS B 171 -27.89 17.15 11.89
N LYS B 172 -28.25 18.10 12.76
CA LYS B 172 -28.32 19.50 12.36
C LYS B 172 -26.93 19.92 11.87
N LEU B 173 -25.91 19.61 12.66
CA LEU B 173 -24.53 19.91 12.30
C LEU B 173 -24.10 19.29 10.97
N TRP B 174 -24.49 18.04 10.72
CA TRP B 174 -24.14 17.36 9.47
C TRP B 174 -24.86 17.99 8.29
N SER B 175 -25.86 18.83 8.58
CA SER B 175 -26.57 19.55 7.53
C SER B 175 -26.12 21.02 7.39
N SER B 176 -25.07 21.43 8.12
CA SER B 176 -24.51 22.78 8.00
C SER B 176 -24.23 23.14 6.55
N TRP B 177 -23.62 22.20 5.83
CA TRP B 177 -23.23 22.40 4.45
C TRP B 177 -24.20 21.77 3.46
N SER B 178 -24.70 22.57 2.53
CA SER B 178 -25.38 22.00 1.37
C SER B 178 -24.36 21.20 0.61
N GLU B 179 -24.82 20.21 -0.16
CA GLU B 179 -23.92 19.36 -0.91
C GLU B 179 -23.44 20.09 -2.17
N ASP B 180 -23.98 21.28 -2.40
CA ASP B 180 -23.52 22.09 -3.51
C ASP B 180 -22.94 23.42 -3.01
N ALA B 181 -22.63 23.49 -1.71
CA ALA B 181 -22.10 24.72 -1.12
C ALA B 181 -20.67 25.02 -1.55
N LEU B 182 -19.82 23.99 -1.56
CA LEU B 182 -18.42 24.16 -1.91
C LEU B 182 -18.26 24.42 -3.41
N LEU B 183 -17.56 25.50 -3.76
CA LEU B 183 -17.44 25.88 -5.17
C LEU B 183 -16.03 25.73 -5.70
N LEU B 184 -15.06 26.21 -4.92
CA LEU B 184 -13.66 26.20 -5.33
C LEU B 184 -13.44 26.88 -6.68
N ASP B 185 -14.08 28.02 -6.89
CA ASP B 185 -13.88 28.80 -8.09
C ASP B 185 -12.62 29.63 -7.94
N LYS B 186 -11.51 29.09 -8.44
CA LYS B 186 -10.20 29.71 -8.29
C LYS B 186 -10.11 31.05 -9.02
N VAL B 187 -10.53 31.04 -10.28
CA VAL B 187 -10.43 32.23 -11.11
C VAL B 187 -11.21 33.38 -10.46
N GLY B 188 -12.45 33.08 -10.06
CA GLY B 188 -13.34 34.06 -9.47
C GLY B 188 -13.15 34.30 -7.99
N GLY B 189 -12.39 33.45 -7.32
CA GLY B 189 -12.12 33.62 -5.89
C GLY B 189 -13.29 33.22 -5.00
N ARG B 190 -14.26 32.51 -5.54
CA ARG B 190 -15.39 32.07 -4.74
C ARG B 190 -15.14 30.64 -4.21
N PHE B 191 -14.78 30.57 -2.93
CA PHE B 191 -14.52 29.31 -2.26
C PHE B 191 -15.80 28.49 -2.07
N ALA B 192 -16.81 29.10 -1.47
CA ALA B 192 -18.06 28.42 -1.19
C ALA B 192 -19.21 29.43 -1.14
N ASP B 193 -20.43 28.97 -1.43
CA ASP B 193 -21.60 29.82 -1.39
C ASP B 193 -22.05 29.95 0.07
N PRO B 194 -21.87 31.13 0.65
CA PRO B 194 -22.17 31.25 2.08
C PRO B 194 -23.66 31.17 2.39
N LYS B 195 -24.49 31.27 1.35
CA LYS B 195 -25.94 31.15 1.52
C LYS B 195 -26.36 29.67 1.55
N LYS B 196 -25.41 28.78 1.31
CA LYS B 196 -25.66 27.34 1.40
C LYS B 196 -24.87 26.68 2.53
N VAL B 197 -24.34 27.48 3.44
CA VAL B 197 -23.73 27.00 4.67
C VAL B 197 -24.40 27.74 5.81
N GLN B 198 -25.12 27.03 6.66
CA GLN B 198 -26.01 27.70 7.59
C GLN B 198 -25.60 27.43 9.04
N TYR B 199 -25.80 28.42 9.90
CA TYR B 199 -25.63 28.22 11.33
C TYR B 199 -26.58 27.17 11.87
N VAL B 200 -26.22 26.55 12.99
CA VAL B 200 -27.08 25.53 13.56
C VAL B 200 -27.95 26.12 14.65
N ASN B 201 -27.36 26.91 15.56
CA ASN B 201 -28.18 27.57 16.55
C ASN B 201 -29.16 26.68 17.28
N HIS B 202 -28.66 25.57 17.78
CA HIS B 202 -29.44 24.61 18.56
C HIS B 202 -29.39 24.92 20.05
N ARG B 203 -30.56 25.10 20.65
CA ARG B 203 -30.65 25.22 22.10
C ARG B 203 -31.85 24.45 22.57
N GLY B 204 -31.59 23.30 23.18
CA GLY B 204 -32.64 22.46 23.71
C GLY B 204 -32.41 22.36 25.19
N ARG B 205 -33.17 21.48 25.85
CA ARG B 205 -33.07 21.32 27.30
C ARG B 205 -31.70 20.82 27.77
N TRP B 206 -31.07 19.97 26.98
CA TRP B 206 -29.83 19.30 27.37
C TRP B 206 -28.57 19.93 26.79
N LEU B 207 -28.67 20.39 25.54
CA LEU B 207 -27.47 20.72 24.79
C LEU B 207 -27.56 22.05 24.07
N SER B 208 -26.39 22.63 23.85
CA SER B 208 -26.31 23.83 23.06
C SER B 208 -25.15 23.70 22.12
N VAL B 209 -25.42 23.88 20.82
CA VAL B 209 -24.34 23.90 19.83
C VAL B 209 -24.61 24.99 18.79
N ARG B 210 -23.59 25.78 18.46
CA ARG B 210 -23.80 26.92 17.59
C ARG B 210 -23.61 26.65 16.09
N GLY B 211 -22.53 25.96 15.72
CA GLY B 211 -22.28 25.69 14.31
C GLY B 211 -21.76 26.88 13.53
N PRO B 212 -21.54 26.73 12.21
CA PRO B 212 -21.75 25.47 11.48
C PRO B 212 -20.61 24.47 11.68
N LEU B 213 -20.81 23.23 11.26
CA LEU B 213 -19.72 22.29 11.26
C LEU B 213 -18.74 22.72 10.19
N GLN B 214 -17.45 22.67 10.51
CA GLN B 214 -16.41 23.03 9.55
C GLN B 214 -16.02 21.88 8.61
N VAL B 215 -16.92 20.92 8.44
CA VAL B 215 -16.66 19.72 7.64
C VAL B 215 -17.86 19.50 6.72
N PRO B 216 -17.64 19.58 5.40
CA PRO B 216 -18.74 19.33 4.45
C PRO B 216 -19.23 17.86 4.43
N ARG B 217 -20.32 17.63 3.71
CA ARG B 217 -20.92 16.32 3.63
C ARG B 217 -20.22 15.47 2.60
N SER B 218 -20.03 14.20 2.93
CA SER B 218 -19.39 13.24 2.02
C SER B 218 -20.35 12.76 0.92
N ARG B 219 -19.88 11.87 0.05
CA ARG B 219 -20.76 11.36 -1.00
C ARG B 219 -21.92 10.48 -0.47
N GLN B 220 -21.90 10.06 0.80
CA GLN B 220 -23.06 9.35 1.33
C GLN B 220 -23.87 10.29 2.21
N GLY B 221 -23.52 11.57 2.17
CA GLY B 221 -24.31 12.58 2.85
C GLY B 221 -24.03 12.70 4.33
N GLU B 222 -24.33 11.62 5.05
CA GLU B 222 -24.16 11.52 6.50
C GLU B 222 -23.66 10.14 6.85
N PRO B 223 -22.89 10.02 7.93
CA PRO B 223 -22.54 8.70 8.46
C PRO B 223 -23.79 7.82 8.71
N VAL B 224 -23.64 6.51 8.57
CA VAL B 224 -24.75 5.63 8.88
C VAL B 224 -24.89 5.49 10.39
N ILE B 225 -26.11 5.60 10.88
CA ILE B 225 -26.35 5.41 12.30
C ILE B 225 -26.50 3.93 12.62
N LEU B 226 -25.55 3.40 13.38
CA LEU B 226 -25.64 2.09 13.99
C LEU B 226 -26.21 2.28 15.39
N GLN B 227 -26.90 1.29 15.90
CA GLN B 227 -27.40 1.35 17.25
C GLN B 227 -27.25 0.02 18.00
N ALA B 228 -26.81 0.09 19.23
CA ALA B 228 -26.75 -1.07 20.07
C ALA B 228 -27.43 -0.80 21.40
N GLY B 229 -28.35 -1.66 21.77
CA GLY B 229 -29.04 -1.58 23.05
C GLY B 229 -30.45 -2.09 22.90
N LEU B 230 -30.73 -3.12 23.66
CA LEU B 230 -31.97 -3.81 23.55
C LEU B 230 -32.99 -3.63 24.65
N SER B 231 -32.73 -2.70 25.54
CA SER B 231 -33.70 -2.38 26.58
C SER B 231 -34.97 -1.83 25.94
N PRO B 232 -36.10 -1.88 26.65
CA PRO B 232 -37.35 -1.38 26.06
C PRO B 232 -37.20 0.07 25.59
N ARG B 233 -36.54 0.90 26.38
CA ARG B 233 -36.27 2.26 25.99
C ARG B 233 -35.32 2.31 24.79
N GLY B 234 -34.34 1.39 24.78
CA GLY B 234 -33.40 1.27 23.68
C GLY B 234 -34.03 0.89 22.36
N ARG B 235 -34.98 -0.02 22.38
CA ARG B 235 -35.69 -0.38 21.15
C ARG B 235 -36.54 0.77 20.61
N ARG B 236 -37.10 1.59 21.50
CA ARG B 236 -37.83 2.78 21.08
C ARG B 236 -36.85 3.75 20.41
N PHE B 237 -35.69 3.91 21.03
CA PHE B 237 -34.63 4.76 20.48
C PHE B 237 -34.25 4.28 19.09
N ALA B 238 -34.14 2.96 18.94
CA ALA B 238 -33.79 2.36 17.67
C ALA B 238 -34.88 2.61 16.62
N GLY B 239 -36.14 2.59 17.05
CA GLY B 239 -37.24 2.82 16.14
C GLY B 239 -37.09 4.15 15.44
N ARG B 240 -36.73 5.18 16.21
CA ARG B 240 -36.61 6.53 15.68
C ARG B 240 -35.30 6.75 14.89
N TRP B 241 -34.18 6.23 15.38
CA TRP B 241 -32.89 6.65 14.80
C TRP B 241 -32.08 5.60 14.04
N ALA B 242 -32.12 4.34 14.48
CA ALA B 242 -31.25 3.32 13.92
C ALA B 242 -31.45 3.12 12.43
N GLU B 243 -30.34 2.95 11.71
CA GLU B 243 -30.35 2.56 10.30
C GLU B 243 -29.83 1.13 10.17
N ALA B 244 -29.07 0.72 11.18
CA ALA B 244 -28.67 -0.67 11.34
C ALA B 244 -28.62 -0.95 12.81
N VAL B 245 -29.02 -2.17 13.21
CA VAL B 245 -29.07 -2.49 14.63
C VAL B 245 -28.15 -3.68 14.95
N PHE B 246 -27.40 -3.54 16.02
CA PHE B 246 -26.55 -4.62 16.55
C PHE B 246 -27.34 -5.45 17.56
N SER B 247 -27.67 -6.69 17.20
CA SER B 247 -28.38 -7.56 18.12
C SER B 247 -27.66 -8.90 18.36
N VAL B 248 -27.91 -9.48 19.53
CA VAL B 248 -27.37 -10.77 19.91
C VAL B 248 -28.50 -11.64 20.44
N SER B 249 -28.74 -12.78 19.79
CA SER B 249 -29.74 -13.72 20.25
C SER B 249 -29.21 -15.14 20.18
N PRO B 250 -29.47 -15.93 21.23
CA PRO B 250 -28.93 -17.28 21.33
C PRO B 250 -29.59 -18.30 20.39
N ASN B 251 -30.77 -18.03 19.86
CA ASN B 251 -31.42 -19.00 18.96
C ASN B 251 -32.43 -18.35 18.01
N LEU B 252 -32.88 -19.12 17.03
CA LEU B 252 -33.74 -18.61 15.97
C LEU B 252 -35.02 -17.98 16.50
N ASP B 253 -35.61 -18.55 17.55
CA ASP B 253 -36.86 -18.01 18.09
C ASP B 253 -36.64 -16.60 18.62
N ILE B 254 -35.61 -16.44 19.42
CA ILE B 254 -35.32 -15.13 19.97
C ILE B 254 -34.90 -14.18 18.85
N MET B 255 -34.14 -14.67 17.87
CA MET B 255 -33.77 -13.85 16.71
C MET B 255 -35.01 -13.29 16.00
N ARG B 256 -36.00 -14.15 15.74
CA ARG B 256 -37.18 -13.72 14.99
C ARG B 256 -38.00 -12.72 15.79
N ALA B 257 -38.09 -12.92 17.10
CA ALA B 257 -38.87 -12.00 17.93
C ALA B 257 -38.21 -10.63 17.98
N VAL B 258 -36.90 -10.60 18.25
CA VAL B 258 -36.15 -9.35 18.22
C VAL B 258 -36.30 -8.65 16.87
N TYR B 259 -36.14 -9.40 15.79
CA TYR B 259 -36.27 -8.84 14.44
C TYR B 259 -37.61 -8.12 14.27
N GLN B 260 -38.71 -8.84 14.51
CA GLN B 260 -40.06 -8.32 14.27
C GLN B 260 -40.36 -7.19 15.25
N ASP B 261 -39.88 -7.31 16.48
CA ASP B 261 -40.05 -6.25 17.47
C ASP B 261 -39.36 -4.94 17.03
N ILE B 262 -38.13 -5.05 16.51
CA ILE B 262 -37.41 -3.88 16.02
C ILE B 262 -38.06 -3.26 14.78
N LYS B 263 -38.42 -4.11 13.81
CA LYS B 263 -39.13 -3.62 12.61
C LYS B 263 -40.44 -2.94 12.99
N ALA B 264 -41.08 -3.41 14.07
CA ALA B 264 -42.31 -2.81 14.55
C ALA B 264 -42.08 -1.41 15.15
N HIS B 265 -41.08 -1.30 16.01
CA HIS B 265 -40.70 -0.01 16.55
C HIS B 265 -40.37 1.02 15.47
N VAL B 266 -39.72 0.57 14.38
CA VAL B 266 -39.37 1.47 13.29
C VAL B 266 -40.60 2.00 12.57
N ALA B 267 -41.49 1.09 12.19
CA ALA B 267 -42.74 1.43 11.53
C ALA B 267 -43.59 2.34 12.43
N ALA B 268 -43.59 2.05 13.72
CA ALA B 268 -44.36 2.84 14.68
C ALA B 268 -43.86 4.28 14.75
N ALA B 269 -42.58 4.47 14.43
CA ALA B 269 -42.00 5.81 14.47
C ALA B 269 -42.17 6.53 13.13
N GLY B 270 -42.89 5.92 12.20
CA GLY B 270 -43.15 6.53 10.92
C GLY B 270 -42.09 6.31 9.86
N ARG B 271 -41.20 5.36 10.10
CA ARG B 271 -40.12 5.12 9.15
C ARG B 271 -40.36 3.80 8.42
N ASP B 272 -39.68 3.63 7.30
CA ASP B 272 -39.77 2.41 6.51
C ASP B 272 -38.93 1.32 7.14
N PRO B 273 -39.58 0.22 7.58
CA PRO B 273 -38.87 -0.87 8.25
C PRO B 273 -37.78 -1.51 7.38
N GLU B 274 -37.90 -1.40 6.07
CA GLU B 274 -36.87 -1.93 5.17
C GLU B 274 -35.68 -0.98 5.09
N GLN B 275 -35.74 0.15 5.77
CA GLN B 275 -34.59 1.06 5.84
C GLN B 275 -33.84 0.94 7.16
N THR B 276 -34.17 -0.08 7.93
CA THR B 276 -33.40 -0.41 9.12
C THR B 276 -32.95 -1.86 9.01
N LYS B 277 -31.64 -2.04 8.92
CA LYS B 277 -31.10 -3.38 8.74
C LYS B 277 -30.69 -3.98 10.08
N VAL B 278 -31.26 -5.14 10.41
CA VAL B 278 -30.98 -5.81 11.67
C VAL B 278 -29.94 -6.89 11.47
N PHE B 279 -28.85 -6.79 12.23
CA PHE B 279 -27.77 -7.77 12.20
C PHE B 279 -27.83 -8.60 13.49
N THR B 280 -27.58 -9.89 13.41
CA THR B 280 -27.51 -10.68 14.64
C THR B 280 -26.14 -11.35 14.68
N ALA B 281 -25.55 -11.44 15.86
CA ALA B 281 -24.17 -11.91 15.94
C ALA B 281 -24.07 -13.41 16.05
N VAL B 282 -23.10 -13.97 15.34
CA VAL B 282 -22.91 -15.40 15.38
C VAL B 282 -21.40 -15.69 15.42
N MET B 283 -20.99 -16.74 16.12
CA MET B 283 -19.56 -17.06 16.24
C MET B 283 -19.23 -18.41 15.59
N PRO B 284 -18.81 -18.39 14.32
CA PRO B 284 -18.52 -19.64 13.63
C PRO B 284 -17.14 -20.21 13.96
N VAL B 285 -17.06 -21.54 14.00
CA VAL B 285 -15.79 -22.24 14.11
C VAL B 285 -15.77 -23.31 13.02
N LEU B 286 -14.81 -23.17 12.12
CA LEU B 286 -14.74 -23.99 10.91
C LEU B 286 -13.82 -25.19 11.09
N GLY B 287 -14.09 -26.25 10.33
CA GLY B 287 -13.19 -27.38 10.22
C GLY B 287 -13.35 -28.03 8.85
N GLU B 288 -12.33 -28.75 8.40
CA GLU B 288 -12.41 -29.45 7.13
C GLU B 288 -13.51 -30.51 7.18
N THR B 289 -13.64 -31.15 8.34
CA THR B 289 -14.77 -32.01 8.69
C THR B 289 -15.45 -31.41 9.91
N GLU B 290 -16.69 -31.83 10.13
CA GLU B 290 -17.49 -31.38 11.28
C GLU B 290 -16.81 -31.79 12.59
N GLN B 291 -16.16 -32.95 12.57
CA GLN B 291 -15.40 -33.46 13.70
C GLN B 291 -14.25 -32.50 14.10
N VAL B 292 -13.43 -32.12 13.12
CA VAL B 292 -12.37 -31.16 13.33
C VAL B 292 -12.94 -29.84 13.88
N ALA B 293 -14.02 -29.37 13.26
CA ALA B 293 -14.65 -28.15 13.71
C ALA B 293 -15.04 -28.25 15.18
N ARG B 294 -15.67 -29.38 15.55
CA ARG B 294 -16.10 -29.56 16.94
C ARG B 294 -14.92 -29.71 17.89
N GLU B 295 -13.84 -30.32 17.43
CA GLU B 295 -12.64 -30.37 18.27
C GLU B 295 -12.01 -28.99 18.41
N ARG B 296 -12.04 -28.20 17.34
CA ARG B 296 -11.45 -26.84 17.42
C ARG B 296 -12.25 -25.98 18.39
N LEU B 297 -13.58 -26.16 18.38
CA LEU B 297 -14.44 -25.41 19.26
C LEU B 297 -14.20 -25.80 20.71
N GLU B 298 -14.06 -27.09 20.94
CA GLU B 298 -13.79 -27.62 22.26
C GLU B 298 -12.46 -27.04 22.77
N TYR B 299 -11.44 -27.01 21.90
CA TYR B 299 -10.15 -26.40 22.25
C TYR B 299 -10.35 -24.92 22.64
N LEU B 300 -11.10 -24.21 21.81
CA LEU B 300 -11.34 -22.80 22.04
C LEU B 300 -12.00 -22.57 23.39
N ASN B 301 -13.06 -23.31 23.65
CA ASN B 301 -13.82 -23.09 24.87
C ASN B 301 -13.02 -23.52 26.12
N SER B 302 -12.07 -24.43 25.97
CA SER B 302 -11.24 -24.84 27.10
C SER B 302 -10.18 -23.78 27.52
N LEU B 303 -10.09 -22.64 26.83
CA LEU B 303 -9.07 -21.64 27.17
C LEU B 303 -9.62 -20.60 28.13
N VAL B 304 -10.94 -20.57 28.26
CA VAL B 304 -11.60 -19.62 29.13
C VAL B 304 -11.31 -19.92 30.59
N HIS B 305 -10.76 -18.92 31.28
CA HIS B 305 -10.53 -19.01 32.70
C HIS B 305 -11.83 -18.68 33.45
N PRO B 306 -12.21 -19.52 34.42
CA PRO B 306 -13.48 -19.34 35.14
C PRO B 306 -13.63 -17.94 35.74
N GLU B 307 -12.56 -17.37 36.26
CA GLU B 307 -12.66 -16.03 36.83
C GLU B 307 -12.83 -14.89 35.81
N VAL B 308 -12.24 -15.00 34.60
CA VAL B 308 -12.48 -13.94 33.61
C VAL B 308 -13.91 -14.01 33.16
N GLY B 309 -14.41 -15.22 32.94
CA GLY B 309 -15.80 -15.41 32.59
C GLY B 309 -16.73 -14.83 33.65
N LEU B 310 -16.45 -15.12 34.92
CA LEU B 310 -17.30 -14.63 36.02
C LEU B 310 -17.32 -13.12 36.11
N SER B 311 -16.14 -12.54 35.89
CA SER B 311 -15.99 -11.09 35.89
C SER B 311 -16.96 -10.43 34.91
N THR B 312 -16.94 -10.85 33.64
CA THR B 312 -17.86 -10.30 32.66
C THR B 312 -19.32 -10.56 33.06
N LEU B 313 -19.61 -11.77 33.53
CA LEU B 313 -20.97 -12.10 33.97
C LEU B 313 -21.40 -11.18 35.12
N SER B 314 -20.49 -10.92 36.04
CA SER B 314 -20.77 -9.95 37.09
C SER B 314 -21.08 -8.56 36.48
N SER B 315 -20.28 -8.12 35.50
CA SER B 315 -20.48 -6.80 34.92
C SER B 315 -21.82 -6.68 34.18
N HIS B 316 -22.11 -7.69 33.34
CA HIS B 316 -23.37 -7.66 32.61
C HIS B 316 -24.62 -7.82 33.45
N SER B 317 -24.52 -8.54 34.56
CA SER B 317 -25.71 -8.79 35.37
C SER B 317 -25.95 -7.71 36.41
N GLY B 318 -24.91 -6.92 36.74
CA GLY B 318 -25.03 -5.91 37.76
C GLY B 318 -24.78 -6.44 39.17
N LEU B 319 -24.72 -7.76 39.31
CA LEU B 319 -24.43 -8.37 40.61
C LEU B 319 -22.94 -8.73 40.75
N ASN B 320 -22.32 -8.40 41.87
CA ASN B 320 -20.91 -8.71 42.03
C ASN B 320 -20.79 -10.13 42.60
N LEU B 321 -20.17 -11.03 41.83
CA LEU B 321 -20.16 -12.42 42.24
C LEU B 321 -18.81 -12.90 42.76
N SER B 322 -17.86 -11.96 42.78
CA SER B 322 -16.53 -12.14 43.37
C SER B 322 -16.59 -12.29 44.88
N LYS B 323 -17.61 -11.70 45.50
CA LYS B 323 -17.81 -11.79 46.95
C LYS B 323 -17.99 -13.23 47.45
N TYR B 324 -18.23 -14.19 46.55
CA TYR B 324 -18.50 -15.55 47.00
C TYR B 324 -17.37 -16.47 46.60
N PRO B 325 -17.22 -17.57 47.33
CA PRO B 325 -16.27 -18.58 46.88
C PRO B 325 -16.73 -19.05 45.52
N LEU B 326 -15.79 -19.45 44.68
CA LEU B 326 -16.12 -19.84 43.32
C LEU B 326 -16.96 -21.11 43.24
N ASP B 327 -16.98 -21.92 44.31
CA ASP B 327 -17.75 -23.17 44.27
C ASP B 327 -19.16 -23.02 44.77
N THR B 328 -19.56 -21.79 45.10
CA THR B 328 -20.92 -21.51 45.47
C THR B 328 -21.89 -21.93 44.37
N LYS B 329 -22.83 -22.82 44.69
CA LYS B 329 -23.83 -23.20 43.70
C LYS B 329 -24.82 -22.07 43.54
N PHE B 330 -25.38 -21.98 42.34
CA PHE B 330 -26.22 -20.84 41.99
C PHE B 330 -27.44 -20.82 42.89
N SER B 331 -27.89 -21.98 43.36
CA SER B 331 -29.06 -21.96 44.21
C SER B 331 -28.73 -21.51 45.62
N ASP B 332 -27.46 -21.58 46.02
CA ASP B 332 -27.09 -20.92 47.27
C ASP B 332 -26.98 -19.43 47.15
N ILE B 333 -26.80 -18.92 45.94
CA ILE B 333 -26.85 -17.47 45.73
C ILE B 333 -28.27 -16.94 45.77
N VAL B 334 -29.21 -17.69 45.21
CA VAL B 334 -30.59 -17.24 45.25
C VAL B 334 -31.13 -17.39 46.67
N ALA B 335 -30.62 -18.38 47.39
CA ALA B 335 -30.95 -18.60 48.79
C ALA B 335 -30.46 -17.46 49.67
N ASP B 336 -29.22 -17.03 49.41
CA ASP B 336 -28.55 -16.00 50.19
C ASP B 336 -29.04 -14.57 49.97
N LEU B 337 -29.65 -14.30 48.82
CA LEU B 337 -30.02 -12.93 48.50
C LEU B 337 -31.51 -12.77 48.19
N GLY B 338 -32.22 -13.90 48.09
CA GLY B 338 -33.65 -13.88 47.82
C GLY B 338 -33.81 -13.73 46.31
N ASP B 339 -34.74 -14.45 45.71
CA ASP B 339 -34.97 -14.35 44.26
C ASP B 339 -35.29 -12.93 43.78
N ARG B 340 -35.80 -12.06 44.65
CA ARG B 340 -36.13 -10.72 44.19
C ARG B 340 -34.83 -9.95 43.93
N HIS B 341 -33.73 -10.35 44.56
CA HIS B 341 -32.50 -9.59 44.38
C HIS B 341 -31.46 -10.30 43.50
N VAL B 342 -31.90 -11.22 42.66
CA VAL B 342 -30.95 -11.84 41.75
C VAL B 342 -31.52 -11.54 40.37
N PRO B 343 -30.77 -10.81 39.55
CA PRO B 343 -31.30 -10.35 38.26
C PRO B 343 -31.82 -11.50 37.38
N THR B 344 -32.92 -11.24 36.66
CA THR B 344 -33.64 -12.26 35.91
C THR B 344 -32.76 -12.85 34.82
N MET B 345 -32.04 -11.96 34.15
CA MET B 345 -31.12 -12.33 33.12
C MET B 345 -30.11 -13.32 33.68
N LEU B 346 -29.69 -13.10 34.92
CA LEU B 346 -28.74 -14.00 35.55
C LEU B 346 -29.39 -15.34 35.92
N GLN B 347 -30.68 -15.33 36.23
CA GLN B 347 -31.36 -16.57 36.58
C GLN B 347 -31.72 -17.30 35.31
N MET B 348 -31.89 -16.57 34.24
CA MET B 348 -32.19 -17.20 32.97
C MET B 348 -30.92 -17.74 32.36
N PHE B 349 -29.77 -17.14 32.68
CA PHE B 349 -28.54 -17.65 32.12
C PHE B 349 -28.17 -18.94 32.84
N SER B 350 -28.31 -18.97 34.15
CA SER B 350 -28.04 -20.20 34.90
C SER B 350 -28.90 -21.37 34.46
N ALA B 351 -30.15 -21.10 34.06
CA ALA B 351 -31.05 -22.19 33.75
C ALA B 351 -30.75 -22.69 32.35
N VAL B 352 -30.54 -21.77 31.42
CA VAL B 352 -30.22 -22.20 30.05
C VAL B 352 -28.83 -22.82 29.94
N ALA B 353 -27.85 -22.26 30.64
CA ALA B 353 -26.48 -22.70 30.44
C ALA B 353 -26.21 -24.01 31.17
N GLY B 354 -26.97 -24.24 32.24
CA GLY B 354 -26.82 -25.46 32.99
C GLY B 354 -27.77 -26.55 32.54
N GLY B 355 -28.82 -26.16 31.82
CA GLY B 355 -29.83 -27.11 31.37
C GLY B 355 -30.65 -27.72 32.51
N GLY B 356 -30.78 -26.96 33.59
CA GLY B 356 -31.49 -27.42 34.77
C GLY B 356 -30.49 -27.75 35.85
N ALA B 357 -29.22 -27.82 35.48
CA ALA B 357 -28.18 -28.14 36.43
C ALA B 357 -27.84 -26.97 37.36
N ASP B 358 -27.75 -27.27 38.64
CA ASP B 358 -27.31 -26.32 39.63
C ASP B 358 -25.80 -26.16 39.54
N LEU B 359 -25.32 -25.07 38.93
CA LEU B 359 -23.88 -24.90 38.70
C LEU B 359 -23.20 -23.98 39.69
N THR B 360 -21.93 -24.27 39.93
CA THR B 360 -21.06 -23.38 40.67
C THR B 360 -20.86 -22.08 39.91
N LEU B 361 -20.44 -21.06 40.65
CA LEU B 361 -20.11 -19.78 40.05
C LEU B 361 -18.92 -19.95 39.10
N ALA B 362 -17.95 -20.79 39.47
CA ALA B 362 -16.83 -21.10 38.56
C ALA B 362 -17.31 -21.58 37.19
N GLU B 363 -18.17 -22.58 37.18
CA GLU B 363 -18.63 -23.18 35.94
C GLU B 363 -19.59 -22.25 35.17
N LEU B 364 -20.38 -21.46 35.89
CA LEU B 364 -21.26 -20.50 35.22
C LEU B 364 -20.43 -19.41 34.53
N GLY B 365 -19.37 -18.97 35.18
CA GLY B 365 -18.51 -17.93 34.64
C GLY B 365 -17.72 -18.51 33.49
N ARG B 366 -17.28 -19.76 33.65
CA ARG B 366 -16.55 -20.42 32.58
C ARG B 366 -17.41 -20.55 31.32
N ARG B 367 -18.68 -20.91 31.48
CA ARG B 367 -19.52 -21.07 30.28
C ARG B 367 -19.90 -19.72 29.70
N TYR B 368 -20.13 -18.74 30.58
CA TYR B 368 -20.47 -17.39 30.13
C TYR B 368 -19.30 -16.80 29.34
N GLY B 369 -18.08 -17.12 29.77
CA GLY B 369 -16.89 -16.63 29.14
C GLY B 369 -16.68 -17.16 27.73
N THR B 370 -17.32 -18.27 27.38
CA THR B 370 -17.13 -18.83 26.03
C THR B 370 -17.72 -17.93 24.97
N ASN B 371 -18.88 -17.37 25.27
CA ASN B 371 -19.63 -16.69 24.24
C ASN B 371 -20.48 -15.58 24.80
N VAL B 372 -20.11 -15.08 25.97
CA VAL B 372 -20.83 -13.97 26.57
C VAL B 372 -22.31 -14.38 26.76
N GLY B 373 -22.48 -15.66 27.05
CA GLY B 373 -23.79 -16.19 27.35
C GLY B 373 -24.68 -16.42 26.14
N PHE B 374 -24.75 -15.44 25.23
CA PHE B 374 -25.78 -15.47 24.20
C PHE B 374 -25.36 -15.44 22.74
N VAL B 375 -24.07 -15.36 22.46
CA VAL B 375 -23.67 -15.43 21.08
C VAL B 375 -23.58 -16.91 20.70
N PRO B 376 -24.40 -17.33 19.74
CA PRO B 376 -24.43 -18.73 19.31
C PRO B 376 -23.08 -19.17 18.74
N GLN B 377 -22.61 -20.33 19.17
CA GLN B 377 -21.43 -20.95 18.60
C GLN B 377 -21.83 -21.98 17.55
N TRP B 378 -21.37 -21.79 16.31
CA TRP B 378 -21.65 -22.71 15.21
C TRP B 378 -20.38 -23.41 14.78
N ALA B 379 -20.25 -24.69 15.10
CA ALA B 379 -19.12 -25.47 14.67
C ALA B 379 -19.53 -26.34 13.49
N GLY B 380 -18.77 -26.26 12.40
CA GLY B 380 -19.03 -27.07 11.23
C GLY B 380 -18.14 -26.77 10.05
N THR B 381 -18.35 -27.51 8.96
CA THR B 381 -17.64 -27.24 7.72
C THR B 381 -18.16 -25.93 7.11
N ALA B 382 -17.45 -25.44 6.10
CA ALA B 382 -17.84 -24.21 5.42
C ALA B 382 -19.25 -24.34 4.85
N GLU B 383 -19.54 -25.51 4.29
CA GLU B 383 -20.84 -25.77 3.71
C GLU B 383 -21.94 -25.71 4.75
N GLN B 384 -21.67 -26.26 5.93
CA GLN B 384 -22.66 -26.26 7.00
C GLN B 384 -22.90 -24.85 7.47
N ILE B 385 -21.83 -24.07 7.64
CA ILE B 385 -21.98 -22.70 8.10
C ILE B 385 -22.72 -21.87 7.05
N ALA B 386 -22.40 -22.09 5.78
CA ALA B 386 -23.11 -21.37 4.71
C ALA B 386 -24.59 -21.65 4.78
N ASP B 387 -24.90 -22.95 4.90
CA ASP B 387 -26.28 -23.43 5.05
C ASP B 387 -27.00 -22.82 6.22
N GLN B 388 -26.36 -22.86 7.38
CA GLN B 388 -26.99 -22.30 8.57
C GLN B 388 -27.29 -20.83 8.40
N LEU B 389 -26.32 -20.08 7.85
CA LEU B 389 -26.52 -18.66 7.60
C LEU B 389 -27.68 -18.44 6.64
N ILE B 390 -27.71 -19.21 5.56
CA ILE B 390 -28.78 -19.04 4.58
C ILE B 390 -30.14 -19.38 5.17
N SER B 391 -30.22 -20.50 5.90
CA SER B 391 -31.54 -20.90 6.43
C SER B 391 -32.03 -19.92 7.53
N HIS B 392 -31.15 -19.41 8.38
CA HIS B 392 -31.59 -18.42 9.39
C HIS B 392 -32.07 -17.15 8.72
N PHE B 393 -31.38 -16.75 7.66
CA PHE B 393 -31.76 -15.60 6.86
C PHE B 393 -33.15 -15.81 6.26
N GLU B 394 -33.35 -17.01 5.70
CA GLU B 394 -34.62 -17.32 5.03
C GLU B 394 -35.75 -17.48 6.05
N ALA B 395 -35.41 -17.87 7.27
CA ALA B 395 -36.42 -17.99 8.32
C ALA B 395 -36.68 -16.63 9.00
N GLY B 396 -36.07 -15.58 8.48
CA GLY B 396 -36.26 -14.24 9.03
C GLY B 396 -35.56 -13.92 10.34
N ALA B 397 -34.38 -14.49 10.56
CA ALA B 397 -33.61 -14.18 11.78
C ALA B 397 -33.06 -12.75 11.79
N ALA B 398 -32.69 -12.24 10.61
CA ALA B 398 -31.96 -10.98 10.49
C ALA B 398 -31.76 -10.57 9.03
N ASP B 399 -31.41 -9.30 8.80
CA ASP B 399 -31.07 -8.86 7.46
C ASP B 399 -29.61 -9.17 7.15
N GLY B 400 -28.83 -9.36 8.19
CA GLY B 400 -27.42 -9.71 8.02
C GLY B 400 -26.85 -10.27 9.30
N PHE B 401 -25.63 -10.79 9.22
CA PHE B 401 -25.00 -11.41 10.39
C PHE B 401 -23.71 -10.74 10.77
N ILE B 402 -23.50 -10.56 12.07
CA ILE B 402 -22.22 -10.15 12.58
C ILE B 402 -21.41 -11.40 12.90
N ILE B 403 -20.20 -11.48 12.35
CA ILE B 403 -19.36 -12.66 12.55
C ILE B 403 -18.40 -12.39 13.72
N SER B 404 -18.73 -12.96 14.88
CA SER B 404 -17.94 -12.76 16.09
C SER B 404 -16.74 -13.69 16.03
N PRO B 405 -15.53 -13.14 16.18
CA PRO B 405 -14.29 -13.88 15.92
C PRO B 405 -13.82 -14.72 17.10
N ALA B 406 -13.62 -16.00 16.85
CA ALA B 406 -13.13 -16.92 17.86
C ALA B 406 -11.68 -16.58 18.23
N TYR B 407 -10.92 -16.12 17.25
CA TYR B 407 -9.52 -15.71 17.50
C TYR B 407 -9.10 -14.84 16.30
N LEU B 408 -8.15 -13.92 16.50
CA LEU B 408 -7.79 -12.99 15.43
C LEU B 408 -6.30 -13.04 15.14
N PRO B 409 -5.90 -12.81 13.87
CA PRO B 409 -6.76 -12.51 12.71
C PRO B 409 -7.32 -13.73 12.01
N GLY B 410 -6.76 -14.90 12.31
CA GLY B 410 -7.00 -16.12 11.54
C GLY B 410 -8.43 -16.53 11.21
N ILE B 411 -9.37 -16.34 12.13
CA ILE B 411 -10.73 -16.79 11.85
C ILE B 411 -11.34 -16.04 10.65
N TYR B 412 -11.03 -14.75 10.50
CA TYR B 412 -11.58 -14.01 9.38
C TYR B 412 -10.94 -14.48 8.06
N GLU B 413 -9.67 -14.89 8.10
CA GLU B 413 -9.06 -15.49 6.90
C GLU B 413 -9.81 -16.78 6.53
N GLU B 414 -10.10 -17.62 7.52
CA GLU B 414 -10.82 -18.86 7.27
C GLU B 414 -12.23 -18.59 6.74
N PHE B 415 -12.93 -17.64 7.33
CA PHE B 415 -14.32 -17.39 6.96
C PHE B 415 -14.38 -16.83 5.54
N VAL B 416 -13.48 -15.91 5.21
CA VAL B 416 -13.46 -15.30 3.89
C VAL B 416 -13.00 -16.26 2.80
N ASP B 417 -12.04 -17.11 3.11
CA ASP B 417 -11.55 -18.02 2.09
C ASP B 417 -12.50 -19.23 1.90
N GLN B 418 -13.18 -19.67 2.96
CA GLN B 418 -14.02 -20.90 2.88
C GLN B 418 -15.52 -20.64 2.77
N VAL B 419 -16.04 -19.74 3.60
CA VAL B 419 -17.49 -19.56 3.67
C VAL B 419 -18.00 -18.54 2.65
N VAL B 420 -17.37 -17.37 2.54
CA VAL B 420 -17.86 -16.35 1.60
C VAL B 420 -18.06 -16.88 0.14
N PRO B 421 -17.08 -17.61 -0.43
CA PRO B 421 -17.31 -18.10 -1.80
C PRO B 421 -18.56 -18.99 -1.95
N LEU B 422 -18.84 -19.83 -0.96
CA LEU B 422 -20.03 -20.68 -1.01
C LEU B 422 -21.30 -19.81 -1.01
N LEU B 423 -21.32 -18.77 -0.18
CA LEU B 423 -22.46 -17.84 -0.15
C LEU B 423 -22.65 -17.15 -1.51
N GLN B 424 -21.54 -16.84 -2.17
CA GLN B 424 -21.60 -16.16 -3.44
C GLN B 424 -22.16 -17.09 -4.49
N GLN B 425 -21.67 -18.33 -4.50
CA GLN B 425 -22.15 -19.35 -5.43
C GLN B 425 -23.65 -19.64 -5.28
N ARG B 426 -24.20 -19.45 -4.08
CA ARG B 426 -25.64 -19.65 -3.89
C ARG B 426 -26.45 -18.43 -4.28
N GLY B 427 -25.77 -17.34 -4.61
CA GLY B 427 -26.44 -16.11 -5.00
C GLY B 427 -27.06 -15.32 -3.85
N VAL B 428 -26.74 -15.67 -2.61
CA VAL B 428 -27.31 -14.92 -1.48
C VAL B 428 -26.38 -13.85 -0.92
N PHE B 429 -25.16 -13.74 -1.48
CA PHE B 429 -24.21 -12.72 -1.04
C PHE B 429 -23.47 -12.16 -2.22
N ARG B 430 -23.25 -10.85 -2.22
CA ARG B 430 -22.62 -10.13 -3.33
C ARG B 430 -21.30 -10.75 -3.79
N THR B 431 -21.11 -10.81 -5.10
CA THR B 431 -19.84 -11.26 -5.65
C THR B 431 -18.86 -10.09 -5.75
N GLU B 432 -19.41 -8.88 -5.80
CA GLU B 432 -18.61 -7.67 -5.89
C GLU B 432 -19.42 -6.50 -5.34
N TYR B 433 -18.73 -5.49 -4.84
CA TYR B 433 -19.40 -4.28 -4.38
C TYR B 433 -20.12 -3.61 -5.53
N GLU B 434 -21.37 -3.24 -5.29
CA GLU B 434 -22.19 -2.62 -6.31
C GLU B 434 -21.96 -1.13 -6.33
N GLY B 435 -21.82 -0.57 -5.14
CA GLY B 435 -21.56 0.84 -4.97
C GLY B 435 -20.27 1.10 -4.22
N THR B 436 -20.04 2.36 -3.85
CA THR B 436 -18.80 2.67 -3.15
C THR B 436 -19.06 3.07 -1.70
N THR B 437 -20.29 3.41 -1.36
CA THR B 437 -20.59 3.87 -0.01
C THR B 437 -21.21 2.82 0.88
N LEU B 438 -21.11 3.03 2.18
CA LEU B 438 -21.74 2.15 3.16
C LEU B 438 -23.26 2.16 2.99
N ARG B 439 -23.82 3.33 2.69
CA ARG B 439 -25.26 3.40 2.43
C ARG B 439 -25.67 2.51 1.27
N GLU B 440 -24.89 2.52 0.19
CA GLU B 440 -25.21 1.67 -0.95
C GLU B 440 -25.11 0.17 -0.66
N HIS B 441 -24.12 -0.24 0.12
CA HIS B 441 -23.97 -1.65 0.49
C HIS B 441 -25.19 -2.10 1.27
N LEU B 442 -25.67 -1.24 2.17
CA LEU B 442 -26.77 -1.58 3.05
C LEU B 442 -28.15 -1.33 2.41
N GLY B 443 -28.17 -0.76 1.22
CA GLY B 443 -29.42 -0.42 0.56
C GLY B 443 -30.16 0.71 1.26
N LEU B 444 -29.42 1.63 1.87
CA LEU B 444 -30.02 2.82 2.52
C LEU B 444 -30.05 4.04 1.61
N ALA B 445 -31.08 4.85 1.77
CA ALA B 445 -31.19 6.05 0.95
C ALA B 445 -30.19 7.12 1.38
N HIS B 446 -29.80 7.94 0.42
CA HIS B 446 -28.92 9.08 0.68
C HIS B 446 -29.75 10.20 1.27
N PRO B 447 -29.51 10.54 2.55
CA PRO B 447 -30.34 11.56 3.21
C PRO B 447 -30.15 12.95 2.61
N GLU B 448 -31.21 13.74 2.66
CA GLU B 448 -31.15 15.08 2.09
C GLU B 448 -30.93 16.10 3.21
N VAL B 449 -30.41 17.27 2.86
CA VAL B 449 -30.06 18.26 3.88
C VAL B 449 -31.27 18.88 4.58
N ARG C 5 -17.49 13.08 -26.57
CA ARG C 5 -16.26 12.60 -27.20
C ARG C 5 -15.09 13.04 -26.34
N GLN C 6 -14.43 12.08 -25.69
CA GLN C 6 -13.36 12.41 -24.75
C GLN C 6 -11.97 11.99 -25.26
N LEU C 7 -10.94 12.71 -24.84
CA LEU C 7 -9.60 12.36 -25.28
C LEU C 7 -8.95 11.38 -24.29
N HIS C 8 -7.91 10.69 -24.75
CA HIS C 8 -7.16 9.77 -23.90
C HIS C 8 -5.78 10.36 -23.57
N LEU C 9 -5.21 9.91 -22.44
CA LEU C 9 -3.93 10.40 -21.98
C LEU C 9 -3.02 9.25 -21.64
N ALA C 10 -1.75 9.33 -22.05
CA ALA C 10 -0.79 8.28 -21.74
C ALA C 10 0.51 8.89 -21.24
N GLY C 11 1.17 8.18 -20.34
CA GLY C 11 2.50 8.57 -19.89
C GLY C 11 3.50 7.72 -20.66
N PHE C 12 4.74 8.19 -20.76
CA PHE C 12 5.76 7.49 -21.51
C PHE C 12 7.14 7.96 -21.08
N PHE C 13 8.00 7.03 -20.69
CA PHE C 13 9.35 7.37 -20.27
C PHE C 13 10.20 6.10 -20.23
N SER C 14 11.50 6.31 -20.34
CA SER C 14 12.44 5.21 -20.28
C SER C 14 12.63 4.76 -18.83
N ALA C 15 12.72 3.46 -18.60
CA ALA C 15 13.13 2.97 -17.30
C ALA C 15 14.65 3.14 -17.22
N GLY C 16 15.09 4.39 -17.12
CA GLY C 16 16.49 4.71 -17.16
C GLY C 16 16.70 6.21 -17.15
N ASN C 17 17.87 6.65 -17.59
CA ASN C 17 18.24 8.03 -17.33
C ASN C 17 17.59 9.08 -18.24
N VAL C 18 17.24 8.71 -19.48
CA VAL C 18 16.78 9.70 -20.45
C VAL C 18 15.65 9.22 -21.36
N THR C 19 14.70 10.11 -21.67
CA THR C 19 13.66 9.78 -22.66
C THR C 19 13.82 10.62 -23.94
N HIS C 20 13.18 11.78 -24.00
CA HIS C 20 13.29 12.64 -25.16
C HIS C 20 14.12 13.89 -24.87
N ALA C 21 13.93 14.46 -23.68
CA ALA C 21 14.74 15.59 -23.22
C ALA C 21 16.07 15.06 -22.67
N HIS C 22 17.18 15.34 -23.35
CA HIS C 22 18.43 14.66 -22.99
C HIS C 22 19.19 15.27 -21.81
N GLY C 23 18.76 16.43 -21.35
CA GLY C 23 19.35 17.02 -20.16
C GLY C 23 18.53 16.72 -18.90
N ALA C 24 17.52 15.86 -19.05
CA ALA C 24 16.57 15.55 -17.98
C ALA C 24 17.25 15.08 -16.70
N TRP C 25 18.27 14.25 -16.81
CA TRP C 25 18.90 13.73 -15.60
C TRP C 25 19.64 14.82 -14.82
N ARG C 26 19.90 15.95 -15.47
CA ARG C 26 20.65 17.03 -14.85
C ARG C 26 19.74 18.07 -14.23
N HIS C 27 18.45 18.01 -14.57
CA HIS C 27 17.45 18.95 -14.06
C HIS C 27 17.47 18.97 -12.54
N VAL C 28 17.43 20.16 -11.96
CA VAL C 28 17.50 20.30 -10.51
C VAL C 28 16.41 19.48 -9.78
N GLY C 29 15.28 19.26 -10.45
CA GLY C 29 14.19 18.51 -9.88
C GLY C 29 14.25 17.01 -10.16
N ALA C 30 15.11 16.56 -11.07
CA ALA C 30 15.25 15.13 -11.37
C ALA C 30 15.76 14.35 -10.17
N THR C 31 15.02 13.32 -9.73
CA THR C 31 15.50 12.54 -8.58
C THR C 31 16.46 11.48 -9.06
N ASN C 32 16.39 11.12 -10.34
CA ASN C 32 17.19 10.03 -10.89
C ASN C 32 17.04 8.74 -10.10
N GLY C 33 15.81 8.48 -9.65
CA GLY C 33 15.50 7.27 -8.90
C GLY C 33 15.21 6.08 -9.78
N PHE C 34 15.62 6.15 -11.05
CA PHE C 34 15.28 5.11 -12.03
C PHE C 34 15.86 3.71 -11.73
N LEU C 35 16.62 3.55 -10.65
CA LEU C 35 17.07 2.22 -10.24
C LEU C 35 16.20 1.61 -9.10
N THR C 36 15.29 2.41 -8.55
CA THR C 36 14.50 2.03 -7.37
C THR C 36 13.04 1.75 -7.71
N GLY C 37 12.39 0.88 -6.95
CA GLY C 37 10.98 0.63 -7.09
C GLY C 37 10.15 1.87 -6.81
N GLU C 38 10.56 2.63 -5.78
CA GLU C 38 9.80 3.80 -5.35
C GLU C 38 9.50 4.82 -6.46
N PHE C 39 10.53 5.15 -7.24
CA PHE C 39 10.44 6.05 -8.39
C PHE C 39 9.29 5.64 -9.35
N TYR C 40 9.30 4.38 -9.78
CA TYR C 40 8.28 3.89 -10.70
C TYR C 40 6.90 3.77 -10.03
N LYS C 41 6.86 3.36 -8.76
CA LYS C 41 5.58 3.27 -8.05
C LYS C 41 4.92 4.66 -7.95
N GLN C 42 5.73 5.66 -7.63
CA GLN C 42 5.22 7.02 -7.50
C GLN C 42 4.61 7.57 -8.78
N ILE C 43 5.30 7.36 -9.91
CA ILE C 43 4.84 7.89 -11.18
C ILE C 43 3.54 7.23 -11.61
N ALA C 44 3.47 5.90 -11.45
CA ALA C 44 2.26 5.16 -11.80
C ALA C 44 1.08 5.59 -10.91
N ARG C 45 1.34 5.74 -9.62
CA ARG C 45 0.26 6.14 -8.70
C ARG C 45 -0.18 7.55 -9.05
N THR C 46 0.78 8.40 -9.44
CA THR C 46 0.46 9.75 -9.88
C THR C 46 -0.41 9.76 -11.16
N LEU C 47 -0.01 9.00 -12.18
CA LEU C 47 -0.77 9.01 -13.43
C LEU C 47 -2.17 8.40 -13.21
N GLU C 48 -2.28 7.45 -12.28
CA GLU C 48 -3.57 6.90 -11.93
C GLU C 48 -4.42 7.93 -11.18
N ARG C 49 -3.78 8.67 -10.28
CA ARG C 49 -4.47 9.75 -9.58
C ARG C 49 -5.06 10.69 -10.64
N GLY C 50 -4.34 10.90 -11.74
CA GLY C 50 -4.83 11.76 -12.80
C GLY C 50 -5.70 11.09 -13.87
N LYS C 51 -6.06 9.83 -13.64
CA LYS C 51 -7.01 9.08 -14.50
C LYS C 51 -6.49 8.81 -15.91
N PHE C 52 -5.15 8.78 -16.05
CA PHE C 52 -4.51 8.45 -17.33
C PHE C 52 -4.97 7.09 -17.83
N ASP C 53 -5.11 6.97 -19.15
CA ASP C 53 -5.41 5.68 -19.73
C ASP C 53 -4.30 4.69 -19.49
N LEU C 54 -3.06 5.11 -19.71
CA LEU C 54 -1.99 4.13 -19.67
C LEU C 54 -0.61 4.79 -19.49
N LEU C 55 0.35 3.94 -19.18
CA LEU C 55 1.73 4.31 -19.04
C LEU C 55 2.50 3.21 -19.77
N PHE C 56 3.43 3.56 -20.67
CA PHE C 56 4.24 2.50 -21.24
C PHE C 56 5.69 2.92 -21.39
N LEU C 57 6.55 1.92 -21.57
CA LEU C 57 7.99 2.09 -21.54
C LEU C 57 8.62 1.66 -22.86
N PRO C 58 9.60 2.44 -23.37
CA PRO C 58 10.35 2.01 -24.56
C PRO C 58 11.41 1.00 -24.16
N ASP C 59 12.12 0.46 -25.12
CA ASP C 59 13.26 -0.38 -24.77
C ASP C 59 14.24 -0.53 -25.93
N GLY C 60 15.51 -0.61 -25.54
CA GLY C 60 16.62 -1.00 -26.39
C GLY C 60 17.45 -1.96 -25.53
N LEU C 61 17.94 -3.04 -26.13
CA LEU C 61 18.66 -4.07 -25.39
C LEU C 61 20.19 -3.91 -25.48
N ALA C 62 20.65 -2.66 -25.56
CA ALA C 62 22.08 -2.33 -25.59
C ALA C 62 22.30 -0.83 -25.41
N ILE C 63 23.39 -0.46 -24.73
CA ILE C 63 23.78 0.96 -24.65
C ILE C 63 24.08 1.41 -26.07
N GLU C 64 23.53 2.52 -26.48
CA GLU C 64 23.75 2.91 -27.82
C GLU C 64 25.23 3.13 -27.81
N ASP C 65 25.94 2.51 -28.74
CA ASP C 65 27.38 2.73 -28.81
C ASP C 65 27.83 2.96 -30.24
N SER C 66 26.87 3.20 -31.14
CA SER C 66 27.18 3.40 -32.54
C SER C 66 28.07 4.61 -32.74
N TYR C 67 27.81 5.70 -32.05
CA TYR C 67 28.73 6.77 -32.22
C TYR C 67 29.36 6.80 -30.88
N GLY C 68 30.65 6.53 -30.86
CA GLY C 68 31.27 6.11 -32.10
C GLY C 68 32.01 4.81 -31.80
N ASP C 69 31.18 3.80 -31.58
CA ASP C 69 31.59 2.44 -31.32
C ASP C 69 32.12 2.35 -29.92
N ASN C 70 31.89 3.40 -29.16
CA ASN C 70 32.37 3.52 -27.79
C ASN C 70 31.29 4.03 -26.83
N LEU C 71 31.45 3.66 -25.56
CA LEU C 71 30.52 4.08 -24.55
C LEU C 71 30.94 5.36 -23.86
N GLU C 72 32.07 5.92 -24.23
CA GLU C 72 32.51 7.09 -23.52
C GLU C 72 31.50 8.22 -23.56
N THR C 73 30.79 8.35 -24.65
CA THR C 73 29.82 9.45 -24.76
C THR C 73 28.51 9.10 -24.05
N GLY C 74 27.91 7.99 -24.48
CA GLY C 74 26.68 7.47 -23.89
C GLY C 74 26.78 7.31 -22.38
N VAL C 75 27.79 6.58 -21.93
CA VAL C 75 27.93 6.31 -20.51
C VAL C 75 28.43 7.57 -19.77
N GLY C 76 29.39 8.28 -20.36
CA GLY C 76 29.97 9.44 -19.74
C GLY C 76 29.05 10.62 -19.52
N LEU C 77 28.14 10.86 -20.47
CA LEU C 77 27.29 12.03 -20.42
C LEU C 77 25.80 11.74 -20.14
N GLY C 78 25.45 10.45 -20.10
CA GLY C 78 24.10 10.02 -19.82
C GLY C 78 23.18 10.02 -21.03
N GLY C 79 23.65 9.42 -22.12
CA GLY C 79 22.89 9.36 -23.36
C GLY C 79 21.83 8.29 -23.33
N GLN C 80 21.22 8.04 -24.49
CA GLN C 80 20.15 7.06 -24.62
C GLN C 80 20.58 5.68 -24.14
N GLY C 81 19.81 5.13 -23.21
CA GLY C 81 20.03 3.77 -22.79
C GLY C 81 21.30 3.53 -22.00
N ALA C 82 21.89 4.58 -21.42
CA ALA C 82 23.06 4.39 -20.57
C ALA C 82 22.67 3.48 -19.39
N VAL C 83 21.50 3.72 -18.82
CA VAL C 83 20.87 2.77 -17.90
C VAL C 83 19.52 2.39 -18.52
N ALA C 84 19.24 1.09 -18.56
CA ALA C 84 18.02 0.62 -19.18
C ALA C 84 17.52 -0.64 -18.48
N LEU C 85 16.58 -0.47 -17.56
CA LEU C 85 16.00 -1.60 -16.84
C LEU C 85 15.09 -2.41 -17.77
N GLU C 86 14.98 -3.71 -17.51
CA GLU C 86 14.09 -4.56 -18.27
C GLU C 86 12.64 -4.11 -18.02
N PRO C 87 11.92 -3.76 -19.10
CA PRO C 87 10.64 -3.04 -18.94
C PRO C 87 9.47 -3.89 -18.37
N THR C 88 9.34 -5.17 -18.70
CA THR C 88 8.22 -5.96 -18.13
C THR C 88 8.31 -6.09 -16.60
N SER C 89 9.54 -6.24 -16.08
CA SER C 89 9.76 -6.22 -14.63
C SER C 89 9.25 -4.92 -14.01
N VAL C 90 9.56 -3.81 -14.67
CA VAL C 90 9.17 -2.52 -14.16
C VAL C 90 7.66 -2.34 -14.16
N ILE C 91 6.98 -2.70 -15.24
CA ILE C 91 5.52 -2.47 -15.23
C ILE C 91 4.80 -3.47 -14.34
N ALA C 92 5.41 -4.63 -14.08
CA ALA C 92 4.86 -5.53 -13.07
C ALA C 92 4.91 -4.83 -11.71
N THR C 93 6.02 -4.16 -11.44
CA THR C 93 6.21 -3.38 -10.24
C THR C 93 5.12 -2.32 -10.10
N MET C 94 4.83 -1.63 -11.20
CA MET C 94 3.81 -0.59 -11.20
C MET C 94 2.40 -1.16 -11.03
N ALA C 95 2.16 -2.33 -11.63
CA ALA C 95 0.83 -2.94 -11.58
C ALA C 95 0.47 -3.29 -10.16
N ALA C 96 1.48 -3.67 -9.39
CA ALA C 96 1.26 -4.14 -8.03
C ALA C 96 0.73 -3.04 -7.12
N VAL C 97 0.98 -1.78 -7.45
CA VAL C 97 0.54 -0.69 -6.56
C VAL C 97 -0.50 0.21 -7.21
N THR C 98 -1.08 -0.26 -8.32
CA THR C 98 -2.17 0.46 -8.99
C THR C 98 -3.35 -0.50 -9.26
N GLN C 99 -4.50 0.00 -9.67
CA GLN C 99 -5.61 -0.90 -9.96
C GLN C 99 -6.44 -0.46 -11.17
N ARG C 100 -6.08 0.66 -11.82
CA ARG C 100 -6.88 1.11 -12.96
C ARG C 100 -6.00 1.46 -14.16
N LEU C 101 -4.88 2.13 -13.92
CA LEU C 101 -3.94 2.52 -14.94
C LEU C 101 -3.52 1.36 -15.87
N GLY C 102 -3.54 1.59 -17.18
CA GLY C 102 -3.00 0.62 -18.13
C GLY C 102 -1.48 0.69 -18.13
N LEU C 103 -0.83 -0.44 -18.39
CA LEU C 103 0.63 -0.51 -18.33
C LEU C 103 1.16 -1.30 -19.50
N GLY C 104 2.12 -0.72 -20.23
CA GLY C 104 2.67 -1.34 -21.40
C GLY C 104 4.17 -1.42 -21.44
N ALA C 105 4.68 -2.42 -22.16
CA ALA C 105 6.11 -2.56 -22.36
C ALA C 105 6.43 -2.84 -23.82
N THR C 106 7.50 -2.24 -24.30
CA THR C 106 8.00 -2.47 -25.64
C THR C 106 8.86 -3.72 -25.65
N VAL C 107 8.49 -4.68 -26.48
CA VAL C 107 9.32 -5.85 -26.65
C VAL C 107 9.42 -6.11 -28.14
N SER C 108 10.64 -6.35 -28.63
CA SER C 108 10.85 -6.61 -30.04
C SER C 108 10.51 -8.03 -30.40
N THR C 109 9.86 -8.20 -31.55
CA THR C 109 9.58 -9.51 -32.11
C THR C 109 10.83 -10.26 -32.54
N THR C 110 11.95 -9.54 -32.68
CA THR C 110 13.21 -10.12 -33.14
C THR C 110 13.86 -11.08 -32.13
N TYR C 111 13.95 -10.69 -30.86
CA TYR C 111 14.87 -11.36 -29.93
C TYR C 111 14.29 -12.43 -29.03
N TYR C 112 12.97 -12.56 -29.00
CA TYR C 112 12.31 -13.56 -28.17
C TYR C 112 11.41 -14.46 -28.98
N PRO C 113 11.26 -15.72 -28.53
CA PRO C 113 10.28 -16.65 -29.12
C PRO C 113 8.86 -16.19 -28.79
N PRO C 114 7.92 -16.47 -29.69
CA PRO C 114 6.52 -16.07 -29.48
C PRO C 114 5.91 -16.62 -28.19
N TYR C 115 6.33 -17.82 -27.78
CA TYR C 115 5.78 -18.44 -26.59
C TYR C 115 6.15 -17.59 -25.38
N HIS C 116 7.39 -17.08 -25.39
CA HIS C 116 7.88 -16.29 -24.28
C HIS C 116 7.12 -14.97 -24.15
N VAL C 117 6.98 -14.27 -25.26
CA VAL C 117 6.21 -13.02 -25.31
C VAL C 117 4.76 -13.27 -24.85
N ALA C 118 4.14 -14.33 -25.36
CA ALA C 118 2.76 -14.65 -24.98
C ALA C 118 2.64 -14.91 -23.49
N ARG C 119 3.56 -15.68 -22.92
CA ARG C 119 3.42 -16.09 -21.53
C ARG C 119 3.68 -14.92 -20.60
N VAL C 120 4.73 -14.14 -20.88
CA VAL C 120 5.04 -12.97 -20.08
C VAL C 120 3.86 -12.00 -20.01
N PHE C 121 3.30 -11.63 -21.16
CA PHE C 121 2.22 -10.67 -21.15
C PHE C 121 0.88 -11.23 -20.65
N ALA C 122 0.62 -12.51 -20.90
CA ALA C 122 -0.58 -13.15 -20.34
C ALA C 122 -0.50 -13.16 -18.82
N THR C 123 0.71 -13.39 -18.31
CA THR C 123 0.97 -13.37 -16.89
C THR C 123 0.73 -11.97 -16.30
N LEU C 124 1.35 -10.96 -16.89
CA LEU C 124 1.18 -9.60 -16.41
C LEU C 124 -0.28 -9.18 -16.53
N ASP C 125 -0.93 -9.62 -17.59
CA ASP C 125 -2.33 -9.27 -17.81
C ASP C 125 -3.20 -9.83 -16.70
N ASN C 126 -2.91 -11.06 -16.29
CA ASN C 126 -3.64 -11.64 -15.17
C ASN C 126 -3.29 -10.98 -13.85
N LEU C 127 -1.99 -10.79 -13.59
CA LEU C 127 -1.52 -10.13 -12.37
C LEU C 127 -2.12 -8.75 -12.17
N SER C 128 -2.42 -8.07 -13.28
CA SER C 128 -2.94 -6.72 -13.23
C SER C 128 -4.46 -6.66 -13.40
N ASP C 129 -5.09 -7.82 -13.49
CA ASP C 129 -6.54 -7.92 -13.67
C ASP C 129 -7.00 -7.21 -14.96
N GLY C 130 -6.26 -7.41 -16.05
CA GLY C 130 -6.65 -6.90 -17.36
C GLY C 130 -6.18 -5.49 -17.72
N ARG C 131 -4.96 -5.11 -17.35
CA ARG C 131 -4.54 -3.74 -17.61
C ARG C 131 -3.25 -3.63 -18.45
N ILE C 132 -2.79 -4.73 -19.01
CA ILE C 132 -1.47 -4.76 -19.62
C ILE C 132 -1.53 -4.53 -21.13
N SER C 133 -0.43 -4.02 -21.67
CA SER C 133 -0.32 -3.80 -23.11
C SER C 133 1.06 -4.20 -23.59
N TRP C 134 1.13 -4.81 -24.78
CA TRP C 134 2.41 -5.06 -25.44
C TRP C 134 2.59 -4.05 -26.56
N ASN C 135 3.65 -3.25 -26.46
CA ASN C 135 4.02 -2.36 -27.55
C ASN C 135 4.92 -3.10 -28.51
N VAL C 136 4.36 -3.45 -29.67
CA VAL C 136 5.08 -4.25 -30.65
C VAL C 136 6.06 -3.44 -31.47
N VAL C 137 7.27 -3.95 -31.52
CA VAL C 137 8.38 -3.32 -32.22
C VAL C 137 9.18 -4.42 -32.95
N THR C 138 9.80 -4.09 -34.08
CA THR C 138 10.45 -5.10 -34.93
C THR C 138 11.95 -4.84 -35.08
N SER C 139 12.53 -4.09 -34.15
CA SER C 139 13.92 -3.68 -34.25
C SER C 139 14.92 -4.83 -34.31
N LEU C 140 16.03 -4.57 -35.00
CA LEU C 140 17.18 -5.44 -35.04
C LEU C 140 18.40 -4.56 -35.37
N ASN C 141 19.25 -4.44 -34.37
CA ASN C 141 20.47 -3.67 -34.40
C ASN C 141 21.57 -4.60 -33.96
N ASP C 142 22.76 -4.41 -34.49
CA ASP C 142 23.86 -5.32 -34.16
C ASP C 142 24.36 -5.36 -32.71
N SER C 143 24.46 -4.23 -32.04
CA SER C 143 24.88 -4.23 -30.65
C SER C 143 23.88 -5.01 -29.80
N GLU C 144 22.60 -4.84 -30.07
CA GLU C 144 21.58 -5.62 -29.41
C GLU C 144 21.80 -7.08 -29.74
N ALA C 145 22.10 -7.32 -31.00
CA ALA C 145 22.39 -8.64 -31.51
C ALA C 145 23.64 -9.20 -30.87
N ARG C 146 24.61 -8.32 -30.64
CA ARG C 146 25.89 -8.71 -30.06
C ARG C 146 25.64 -9.25 -28.68
N ASN C 147 24.70 -8.63 -27.99
CA ASN C 147 24.32 -9.06 -26.66
C ASN C 147 23.63 -10.40 -26.60
N PHE C 148 22.79 -10.65 -27.57
CA PHE C 148 21.99 -11.86 -27.63
C PHE C 148 22.74 -12.92 -28.39
N GLY C 149 23.98 -12.61 -28.75
CA GLY C 149 24.78 -13.54 -29.47
C GLY C 149 24.19 -13.94 -30.79
N VAL C 150 23.62 -12.96 -31.44
CA VAL C 150 23.01 -13.22 -32.70
C VAL C 150 23.83 -12.61 -33.81
N ASP C 151 23.90 -13.32 -34.91
CA ASP C 151 24.55 -12.80 -36.08
C ASP C 151 23.50 -12.96 -37.16
N GLU C 152 22.35 -12.34 -36.87
CA GLU C 152 21.21 -12.27 -37.76
C GLU C 152 21.15 -10.97 -38.53
N HIS C 153 20.82 -11.14 -39.80
CA HIS C 153 20.51 -10.06 -40.70
C HIS C 153 19.13 -10.33 -41.28
N LEU C 154 18.23 -9.38 -41.11
CA LEU C 154 16.96 -9.43 -41.80
C LEU C 154 16.58 -8.02 -42.15
N GLU C 155 16.12 -7.82 -43.37
CA GLU C 155 15.90 -6.47 -43.86
C GLU C 155 14.62 -5.91 -43.22
N HIS C 156 14.63 -4.59 -43.04
CA HIS C 156 13.61 -3.83 -42.31
C HIS C 156 12.17 -4.30 -42.60
N ASP C 157 11.77 -4.31 -43.87
CA ASP C 157 10.40 -4.66 -44.22
C ASP C 157 10.13 -6.13 -43.98
N ILE C 158 11.14 -6.97 -44.10
CA ILE C 158 10.92 -8.40 -43.94
C ILE C 158 10.71 -8.73 -42.46
N ARG C 159 11.38 -7.99 -41.58
CA ARG C 159 11.15 -8.15 -40.15
C ARG C 159 9.66 -8.00 -39.79
N TYR C 160 8.99 -7.05 -40.44
CA TYR C 160 7.57 -6.88 -40.28
C TYR C 160 6.76 -8.06 -40.82
N ASP C 161 7.19 -8.64 -41.95
CA ASP C 161 6.47 -9.79 -42.53
C ASP C 161 6.57 -10.91 -41.53
N ARG C 162 7.78 -11.09 -41.00
CA ARG C 162 7.99 -12.07 -39.93
C ARG C 162 7.10 -11.76 -38.71
N ALA C 163 6.99 -10.48 -38.35
CA ALA C 163 6.19 -10.06 -37.21
C ALA C 163 4.69 -10.39 -37.37
N ASP C 164 4.21 -10.40 -38.62
CA ASP C 164 2.83 -10.77 -38.89
C ASP C 164 2.55 -12.18 -38.39
N GLU C 165 3.49 -13.09 -38.66
CA GLU C 165 3.34 -14.46 -38.24
C GLU C 165 3.54 -14.52 -36.73
N PHE C 166 4.45 -13.69 -36.22
CA PHE C 166 4.70 -13.61 -34.78
C PHE C 166 3.41 -13.26 -34.03
N LEU C 167 2.77 -12.18 -34.46
CA LEU C 167 1.50 -11.75 -33.86
C LEU C 167 0.47 -12.84 -33.94
N GLU C 168 0.41 -13.52 -35.08
CA GLU C 168 -0.54 -14.61 -35.25
C GLU C 168 -0.27 -15.76 -34.27
N ALA C 169 1.00 -16.09 -34.07
CA ALA C 169 1.34 -17.17 -33.15
C ALA C 169 0.96 -16.81 -31.71
N VAL C 170 1.32 -15.58 -31.31
CA VAL C 170 1.03 -15.09 -29.98
C VAL C 170 -0.48 -15.05 -29.74
N LYS C 171 -1.26 -14.59 -30.73
CA LYS C 171 -2.70 -14.49 -30.51
C LYS C 171 -3.34 -15.88 -30.44
N LYS C 172 -2.78 -16.86 -31.15
CA LYS C 172 -3.24 -18.24 -31.01
C LYS C 172 -3.03 -18.70 -29.57
N LEU C 173 -1.81 -18.49 -29.08
CA LEU C 173 -1.43 -18.87 -27.72
C LEU C 173 -2.38 -18.24 -26.70
N TRP C 174 -2.78 -16.99 -26.91
CA TRP C 174 -3.71 -16.32 -25.98
C TRP C 174 -5.12 -16.88 -26.07
N SER C 175 -5.40 -17.66 -27.11
CA SER C 175 -6.68 -18.35 -27.25
C SER C 175 -6.61 -19.82 -26.87
N SER C 176 -5.47 -20.25 -26.33
CA SER C 176 -5.31 -21.62 -25.83
C SER C 176 -6.44 -21.99 -24.91
N TRP C 177 -6.71 -21.09 -23.96
CA TRP C 177 -7.74 -21.29 -22.96
C TRP C 177 -9.02 -20.57 -23.34
N SER C 178 -10.12 -21.32 -23.40
CA SER C 178 -11.42 -20.68 -23.46
C SER C 178 -11.64 -19.95 -22.16
N GLU C 179 -12.49 -18.93 -22.20
CA GLU C 179 -12.76 -18.12 -21.02
C GLU C 179 -13.67 -18.85 -20.04
N ASP C 180 -14.14 -20.04 -20.45
CA ASP C 180 -14.94 -20.91 -19.59
C ASP C 180 -14.25 -22.27 -19.37
N ALA C 181 -12.96 -22.34 -19.68
CA ALA C 181 -12.21 -23.58 -19.54
C ALA C 181 -11.97 -23.98 -18.09
N LEU C 182 -11.59 -23.00 -17.27
CA LEU C 182 -11.23 -23.23 -15.88
C LEU C 182 -12.45 -23.52 -15.02
N LEU C 183 -12.44 -24.61 -14.26
CA LEU C 183 -13.64 -24.96 -13.51
C LEU C 183 -13.48 -24.79 -12.00
N LEU C 184 -12.35 -25.28 -11.47
CA LEU C 184 -12.10 -25.27 -10.03
C LEU C 184 -13.25 -25.92 -9.26
N ASP C 185 -13.75 -27.03 -9.80
CA ASP C 185 -14.78 -27.84 -9.14
C ASP C 185 -14.12 -28.76 -8.12
N LYS C 186 -14.01 -28.27 -6.89
CA LYS C 186 -13.27 -28.99 -5.84
C LYS C 186 -13.93 -30.32 -5.45
N VAL C 187 -15.22 -30.26 -5.20
CA VAL C 187 -15.96 -31.42 -4.77
C VAL C 187 -15.89 -32.51 -5.85
N GLY C 188 -16.11 -32.15 -7.12
CA GLY C 188 -16.11 -33.13 -8.18
C GLY C 188 -14.72 -33.50 -8.70
N GLY C 189 -13.73 -32.71 -8.31
CA GLY C 189 -12.35 -32.96 -8.70
C GLY C 189 -11.96 -32.56 -10.12
N ARG C 190 -12.79 -31.72 -10.75
CA ARG C 190 -12.50 -31.27 -12.11
C ARG C 190 -11.83 -29.88 -12.11
N PHE C 191 -10.53 -29.85 -12.41
CA PHE C 191 -9.81 -28.57 -12.43
C PHE C 191 -10.28 -27.68 -13.58
N ALA C 192 -10.25 -28.24 -14.78
CA ALA C 192 -10.61 -27.49 -15.98
C ALA C 192 -11.15 -28.41 -17.08
N ASP C 193 -11.93 -27.84 -17.99
CA ASP C 193 -12.53 -28.58 -19.09
C ASP C 193 -11.48 -28.81 -20.17
N PRO C 194 -11.04 -30.07 -20.35
CA PRO C 194 -9.93 -30.32 -21.27
C PRO C 194 -10.26 -30.09 -22.75
N LYS C 195 -11.54 -30.03 -23.11
CA LYS C 195 -11.91 -29.74 -24.50
C LYS C 195 -11.94 -28.24 -24.76
N LYS C 196 -11.72 -27.43 -23.72
CA LYS C 196 -11.67 -25.98 -23.87
C LYS C 196 -10.28 -25.40 -23.63
N VAL C 197 -9.28 -26.28 -23.59
CA VAL C 197 -7.88 -25.88 -23.59
C VAL C 197 -7.25 -26.62 -24.76
N GLN C 198 -6.79 -25.89 -25.79
CA GLN C 198 -6.39 -26.53 -27.04
C GLN C 198 -4.93 -26.28 -27.40
N TYR C 199 -4.28 -27.30 -27.95
CA TYR C 199 -2.94 -27.16 -28.49
C TYR C 199 -2.97 -26.15 -29.63
N VAL C 200 -1.83 -25.51 -29.89
CA VAL C 200 -1.77 -24.51 -30.93
C VAL C 200 -1.20 -25.12 -32.23
N ASN C 201 -0.10 -25.87 -32.11
CA ASN C 201 0.53 -26.52 -33.26
C ASN C 201 0.75 -25.55 -34.43
N HIS C 202 1.38 -24.42 -34.11
CA HIS C 202 1.64 -23.44 -35.14
C HIS C 202 2.94 -23.82 -35.81
N ARG C 203 2.88 -24.00 -37.12
CA ARG C 203 4.06 -24.29 -37.91
C ARG C 203 3.99 -23.40 -39.14
N GLY C 204 4.73 -22.30 -39.12
CA GLY C 204 4.71 -21.38 -40.24
C GLY C 204 6.07 -21.24 -40.88
N ARG C 205 6.18 -20.30 -41.80
CA ARG C 205 7.41 -20.08 -42.53
C ARG C 205 8.54 -19.70 -41.59
N TRP C 206 8.23 -18.91 -40.58
CA TRP C 206 9.23 -18.35 -39.67
C TRP C 206 9.35 -19.05 -38.33
N LEU C 207 8.21 -19.48 -37.79
CA LEU C 207 8.14 -19.91 -36.39
C LEU C 207 7.37 -21.19 -36.21
N SER C 208 7.71 -21.92 -35.16
CA SER C 208 6.90 -23.06 -34.76
C SER C 208 6.76 -23.06 -33.24
N VAL C 209 5.51 -23.13 -32.78
CA VAL C 209 5.21 -23.22 -31.34
C VAL C 209 4.07 -24.23 -31.12
N ARG C 210 4.18 -25.08 -30.11
CA ARG C 210 3.20 -26.14 -29.91
C ARG C 210 2.01 -25.75 -29.01
N GLY C 211 2.30 -25.13 -27.86
CA GLY C 211 1.22 -24.81 -26.94
C GLY C 211 0.75 -26.05 -26.18
N PRO C 212 -0.31 -25.90 -25.37
CA PRO C 212 -0.97 -24.61 -25.17
C PRO C 212 -0.20 -23.71 -24.21
N LEU C 213 -0.64 -22.45 -24.12
CA LEU C 213 -0.09 -21.53 -23.14
C LEU C 213 -0.50 -22.00 -21.73
N GLN C 214 0.43 -21.91 -20.79
CA GLN C 214 0.15 -22.29 -19.40
C GLN C 214 -0.60 -21.20 -18.64
N VAL C 215 -1.16 -20.23 -19.36
CA VAL C 215 -1.78 -19.07 -18.74
C VAL C 215 -3.14 -18.76 -19.38
N PRO C 216 -4.21 -18.82 -18.58
CA PRO C 216 -5.55 -18.50 -19.07
C PRO C 216 -5.71 -17.01 -19.39
N ARG C 217 -6.87 -16.67 -19.95
CA ARG C 217 -7.17 -15.32 -20.36
C ARG C 217 -7.66 -14.47 -19.19
N SER C 218 -7.23 -13.22 -19.13
CA SER C 218 -7.66 -12.28 -18.10
C SER C 218 -9.05 -11.71 -18.39
N ARG C 219 -9.53 -10.81 -17.54
CA ARG C 219 -10.85 -10.21 -17.80
C ARG C 219 -10.95 -9.28 -19.02
N GLN C 220 -9.83 -8.87 -19.60
CA GLN C 220 -9.95 -8.07 -20.82
C GLN C 220 -9.65 -8.96 -22.04
N GLY C 221 -9.53 -10.26 -21.81
CA GLY C 221 -9.38 -11.22 -22.89
C GLY C 221 -7.94 -11.39 -23.34
N GLU C 222 -7.40 -10.31 -23.90
CA GLU C 222 -6.02 -10.26 -24.40
C GLU C 222 -5.37 -8.91 -24.10
N PRO C 223 -4.05 -8.92 -23.89
CA PRO C 223 -3.29 -7.68 -23.79
C PRO C 223 -3.61 -6.78 -24.98
N VAL C 224 -3.60 -5.47 -24.75
CA VAL C 224 -3.78 -4.53 -25.83
C VAL C 224 -2.51 -4.40 -26.65
N ILE C 225 -2.66 -4.43 -27.97
CA ILE C 225 -1.52 -4.24 -28.86
C ILE C 225 -1.27 -2.76 -29.13
N LEU C 226 -0.14 -2.28 -28.61
CA LEU C 226 0.41 -0.98 -28.95
C LEU C 226 1.43 -1.20 -30.07
N GLN C 227 1.65 -0.19 -30.90
CA GLN C 227 2.71 -0.29 -31.86
C GLN C 227 3.38 1.06 -32.10
N ALA C 228 4.66 0.96 -32.36
CA ALA C 228 5.46 2.08 -32.68
C ALA C 228 6.27 1.72 -33.88
N GLY C 229 6.18 2.56 -34.88
CA GLY C 229 6.89 2.38 -36.10
C GLY C 229 6.12 3.03 -37.20
N LEU C 230 6.66 4.14 -37.65
CA LEU C 230 6.03 4.97 -38.63
C LEU C 230 6.45 4.81 -40.07
N SER C 231 7.33 3.88 -40.34
CA SER C 231 7.77 3.62 -41.73
C SER C 231 6.57 3.13 -42.56
N PRO C 232 6.67 3.22 -43.90
CA PRO C 232 5.54 2.75 -44.72
C PRO C 232 5.13 1.32 -44.42
N ARG C 233 6.10 0.44 -44.19
CA ARG C 233 5.77 -0.93 -43.82
C ARG C 233 5.18 -0.97 -42.40
N GLY C 234 5.68 -0.06 -41.55
CA GLY C 234 5.22 0.09 -40.17
C GLY C 234 3.76 0.51 -40.04
N ARG C 235 3.32 1.45 -40.88
CA ARG C 235 1.91 1.82 -40.88
C ARG C 235 1.01 0.69 -41.37
N ARG C 236 1.47 -0.12 -42.32
CA ARG C 236 0.67 -1.28 -42.75
C ARG C 236 0.54 -2.25 -41.60
N PHE C 237 1.66 -2.49 -40.92
CA PHE C 237 1.64 -3.35 -39.75
C PHE C 237 0.68 -2.81 -38.67
N ALA C 238 0.70 -1.49 -38.45
CA ALA C 238 -0.21 -0.90 -37.48
C ALA C 238 -1.65 -1.06 -37.97
N GLY C 239 -1.84 -0.90 -39.27
CA GLY C 239 -3.15 -1.02 -39.89
C GLY C 239 -3.77 -2.37 -39.60
N ARG C 240 -2.96 -3.41 -39.66
CA ARG C 240 -3.44 -4.77 -39.43
C ARG C 240 -3.58 -5.17 -37.96
N TRP C 241 -2.63 -4.75 -37.11
CA TRP C 241 -2.54 -5.26 -35.74
C TRP C 241 -2.80 -4.23 -34.61
N ALA C 242 -2.40 -2.99 -34.80
CA ALA C 242 -2.45 -2.01 -33.73
C ALA C 242 -3.85 -1.75 -33.18
N GLU C 243 -3.95 -1.67 -31.86
CA GLU C 243 -5.17 -1.25 -31.17
C GLU C 243 -4.91 0.13 -30.61
N ALA C 244 -3.63 0.47 -30.47
CA ALA C 244 -3.21 1.82 -30.16
C ALA C 244 -1.86 2.10 -30.83
N VAL C 245 -1.68 3.32 -31.31
CA VAL C 245 -0.47 3.68 -32.03
C VAL C 245 0.25 4.85 -31.34
N PHE C 246 1.56 4.68 -31.15
CA PHE C 246 2.48 5.70 -30.65
C PHE C 246 3.03 6.49 -31.83
N SER C 247 2.61 7.75 -31.98
CA SER C 247 3.14 8.57 -33.06
C SER C 247 3.75 9.86 -32.54
N VAL C 248 4.63 10.44 -33.35
CA VAL C 248 5.26 11.72 -33.06
C VAL C 248 5.23 12.67 -34.28
N SER C 249 4.64 13.84 -34.13
CA SER C 249 4.58 14.87 -35.18
C SER C 249 4.85 16.23 -34.57
N PRO C 250 5.63 17.07 -35.28
CA PRO C 250 6.07 18.39 -34.79
C PRO C 250 4.98 19.45 -34.73
N ASN C 251 3.86 19.28 -35.44
CA ASN C 251 2.81 20.28 -35.40
C ASN C 251 1.46 19.69 -35.78
N LEU C 252 0.40 20.47 -35.58
CA LEU C 252 -0.97 20.04 -35.81
C LEU C 252 -1.23 19.50 -37.21
N ASP C 253 -0.67 20.16 -38.21
CA ASP C 253 -0.92 19.78 -39.59
C ASP C 253 -0.36 18.41 -39.93
N ILE C 254 0.87 18.13 -39.51
CA ILE C 254 1.48 16.81 -39.70
C ILE C 254 0.81 15.77 -38.77
N MET C 255 0.47 16.18 -37.55
CA MET C 255 -0.32 15.32 -36.66
C MET C 255 -1.57 14.87 -37.39
N ARG C 256 -2.23 15.83 -38.01
CA ARG C 256 -3.50 15.59 -38.66
C ARG C 256 -3.31 14.61 -39.83
N ALA C 257 -2.21 14.81 -40.57
CA ALA C 257 -1.90 13.98 -41.73
C ALA C 257 -1.56 12.55 -41.34
N VAL C 258 -0.66 12.38 -40.38
CA VAL C 258 -0.34 11.05 -39.82
C VAL C 258 -1.58 10.37 -39.27
N TYR C 259 -2.39 11.14 -38.54
CA TYR C 259 -3.64 10.64 -37.98
C TYR C 259 -4.52 9.99 -39.05
N GLN C 260 -4.82 10.75 -40.11
CA GLN C 260 -5.70 10.23 -41.15
C GLN C 260 -5.03 9.09 -41.93
N ASP C 261 -3.72 9.16 -42.09
CA ASP C 261 -3.01 8.08 -42.76
C ASP C 261 -3.15 6.76 -42.00
N ILE C 262 -2.96 6.80 -40.68
CA ILE C 262 -3.11 5.58 -39.90
C ILE C 262 -4.54 5.05 -39.92
N LYS C 263 -5.52 5.92 -39.73
CA LYS C 263 -6.92 5.46 -39.77
C LYS C 263 -7.24 4.82 -41.12
N ALA C 264 -6.61 5.33 -42.19
CA ALA C 264 -6.80 4.81 -43.54
C ALA C 264 -6.17 3.43 -43.65
N HIS C 265 -4.97 3.27 -43.12
CA HIS C 265 -4.35 1.96 -43.07
C HIS C 265 -5.19 0.93 -42.29
N VAL C 266 -5.81 1.36 -41.20
CA VAL C 266 -6.65 0.45 -40.42
C VAL C 266 -7.88 0.02 -41.23
N ALA C 267 -8.52 1.01 -41.86
CA ALA C 267 -9.67 0.75 -42.71
C ALA C 267 -9.26 -0.14 -43.89
N ALA C 268 -8.06 0.12 -44.44
CA ALA C 268 -7.55 -0.66 -45.57
C ALA C 268 -7.31 -2.10 -45.19
N ALA C 269 -7.06 -2.36 -43.91
CA ALA C 269 -6.81 -3.71 -43.45
C ALA C 269 -8.11 -4.41 -43.08
N GLY C 270 -9.25 -3.77 -43.35
CA GLY C 270 -10.52 -4.41 -43.07
C GLY C 270 -11.01 -4.26 -41.63
N ARG C 271 -10.39 -3.34 -40.88
CA ARG C 271 -10.74 -3.14 -39.49
C ARG C 271 -11.48 -1.82 -39.27
N ASP C 272 -12.12 -1.71 -38.12
CA ASP C 272 -12.84 -0.48 -37.74
C ASP C 272 -11.85 0.56 -37.23
N PRO C 273 -11.76 1.71 -37.92
CA PRO C 273 -10.80 2.77 -37.55
C PRO C 273 -11.03 3.35 -36.15
N GLU C 274 -12.25 3.25 -35.64
CA GLU C 274 -12.54 3.75 -34.31
C GLU C 274 -12.04 2.79 -33.23
N GLN C 275 -11.54 1.62 -33.66
CA GLN C 275 -11.00 0.63 -32.74
C GLN C 275 -9.47 0.62 -32.71
N THR C 276 -8.87 1.62 -33.34
CA THR C 276 -7.43 1.83 -33.21
C THR C 276 -7.23 3.28 -32.77
N LYS C 277 -6.73 3.48 -31.57
CA LYS C 277 -6.59 4.82 -31.00
C LYS C 277 -5.19 5.38 -31.21
N VAL C 278 -5.11 6.54 -31.85
CA VAL C 278 -3.81 7.14 -32.18
C VAL C 278 -3.39 8.17 -31.16
N PHE C 279 -2.20 7.98 -30.60
CA PHE C 279 -1.64 8.90 -29.62
C PHE C 279 -0.50 9.69 -30.25
N THR C 280 -0.42 10.99 -29.97
CA THR C 280 0.71 11.74 -30.44
C THR C 280 1.44 12.36 -29.24
N ALA C 281 2.77 12.36 -29.30
CA ALA C 281 3.57 12.75 -28.16
C ALA C 281 3.78 14.25 -28.13
N VAL C 282 3.68 14.82 -26.94
CA VAL C 282 3.86 16.24 -26.73
C VAL C 282 4.62 16.43 -25.42
N MET C 283 5.46 17.46 -25.35
CA MET C 283 6.26 17.68 -24.15
C MET C 283 5.89 19.01 -23.50
N PRO C 284 4.96 18.99 -22.53
CA PRO C 284 4.56 20.25 -21.90
C PRO C 284 5.55 20.76 -20.85
N VAL C 285 5.68 22.09 -20.78
CA VAL C 285 6.43 22.73 -19.72
C VAL C 285 5.51 23.79 -19.12
N LEU C 286 5.11 23.58 -17.87
CA LEU C 286 4.12 24.42 -17.22
C LEU C 286 4.81 25.55 -16.45
N GLY C 287 4.09 26.65 -16.28
CA GLY C 287 4.52 27.73 -15.41
C GLY C 287 3.25 28.43 -14.93
N GLU C 288 3.32 29.09 -13.77
CA GLU C 288 2.16 29.79 -13.26
C GLU C 288 1.74 30.89 -14.21
N THR C 289 2.73 31.53 -14.84
CA THR C 289 2.49 32.44 -15.94
C THR C 289 3.24 31.92 -17.15
N GLU C 290 2.87 32.41 -18.33
CA GLU C 290 3.52 32.03 -19.57
C GLU C 290 5.03 32.36 -19.54
N GLN C 291 5.37 33.51 -18.96
CA GLN C 291 6.75 33.94 -18.82
C GLN C 291 7.59 32.91 -18.06
N VAL C 292 7.08 32.51 -16.90
CA VAL C 292 7.71 31.47 -16.09
C VAL C 292 7.89 30.20 -16.89
N ALA C 293 6.84 29.80 -17.62
CA ALA C 293 6.88 28.59 -18.43
C ALA C 293 8.00 28.66 -19.47
N ARG C 294 8.10 29.77 -20.18
CA ARG C 294 9.13 29.90 -21.20
C ARG C 294 10.54 29.93 -20.59
N GLU C 295 10.68 30.54 -19.40
CA GLU C 295 11.99 30.56 -18.75
C GLU C 295 12.38 29.15 -18.33
N ARG C 296 11.39 28.38 -17.90
CA ARG C 296 11.65 27.01 -17.49
C ARG C 296 12.03 26.11 -18.67
N LEU C 297 11.39 26.32 -19.82
CA LEU C 297 11.74 25.58 -21.02
C LEU C 297 13.15 25.92 -21.45
N GLU C 298 13.48 27.20 -21.38
CA GLU C 298 14.85 27.64 -21.69
C GLU C 298 15.86 26.97 -20.76
N TYR C 299 15.59 26.97 -19.46
CA TYR C 299 16.49 26.29 -18.52
C TYR C 299 16.68 24.83 -18.85
N LEU C 300 15.59 24.13 -19.14
CA LEU C 300 15.60 22.70 -19.47
C LEU C 300 16.45 22.43 -20.73
N ASN C 301 16.21 23.23 -21.76
CA ASN C 301 16.91 23.06 -23.04
C ASN C 301 18.39 23.38 -22.92
N SER C 302 18.74 24.23 -21.96
CA SER C 302 20.15 24.58 -21.78
C SER C 302 21.00 23.47 -21.14
N LEU C 303 20.37 22.37 -20.73
CA LEU C 303 21.07 21.30 -20.04
C LEU C 303 21.58 20.23 -21.01
N VAL C 304 21.08 20.27 -22.24
CA VAL C 304 21.47 19.33 -23.27
C VAL C 304 22.91 19.53 -23.77
N HIS C 305 23.72 18.49 -23.63
CA HIS C 305 25.07 18.49 -24.18
C HIS C 305 24.97 18.14 -25.68
N PRO C 306 25.65 18.93 -26.54
CA PRO C 306 25.59 18.74 -28.00
C PRO C 306 25.94 17.32 -28.46
N GLU C 307 26.91 16.68 -27.83
CA GLU C 307 27.32 15.34 -28.20
C GLU C 307 26.33 14.20 -27.82
N VAL C 308 25.58 14.34 -26.71
CA VAL C 308 24.59 13.31 -26.41
C VAL C 308 23.44 13.37 -27.43
N GLY C 309 22.99 14.58 -27.76
CA GLY C 309 21.98 14.79 -28.78
C GLY C 309 22.42 14.20 -30.10
N LEU C 310 23.67 14.46 -30.43
CA LEU C 310 24.28 13.98 -31.65
C LEU C 310 24.38 12.47 -31.73
N SER C 311 24.76 11.86 -30.61
CA SER C 311 24.82 10.41 -30.47
C SER C 311 23.48 9.79 -30.88
N THR C 312 22.40 10.29 -30.27
CA THR C 312 21.05 9.85 -30.56
C THR C 312 20.63 10.14 -32.01
N LEU C 313 20.97 11.32 -32.51
CA LEU C 313 20.66 11.72 -33.89
C LEU C 313 21.28 10.74 -34.88
N SER C 314 22.49 10.31 -34.57
CA SER C 314 23.17 9.31 -35.36
C SER C 314 22.39 8.00 -35.45
N SER C 315 21.96 7.53 -34.28
CA SER C 315 21.29 6.24 -34.19
C SER C 315 19.94 6.21 -34.93
N HIS C 316 19.15 7.27 -34.80
CA HIS C 316 17.89 7.37 -35.52
C HIS C 316 18.02 7.56 -37.03
N SER C 317 19.07 8.26 -37.47
CA SER C 317 19.20 8.54 -38.90
C SER C 317 19.96 7.42 -39.63
N GLY C 318 20.67 6.59 -38.89
CA GLY C 318 21.48 5.51 -39.47
C GLY C 318 22.90 5.90 -39.88
N LEU C 319 23.19 7.19 -39.90
CA LEU C 319 24.51 7.67 -40.26
C LEU C 319 25.20 8.00 -39.00
N ASN C 320 26.42 7.54 -38.83
CA ASN C 320 27.13 7.85 -37.63
C ASN C 320 27.93 9.08 -37.90
N LEU C 321 27.54 10.14 -37.21
CA LEU C 321 28.10 11.48 -37.37
C LEU C 321 29.30 11.73 -36.50
N SER C 322 29.66 10.72 -35.76
CA SER C 322 30.78 10.74 -34.85
C SER C 322 32.08 10.97 -35.59
N LYS C 323 32.19 10.39 -36.78
CA LYS C 323 33.41 10.50 -37.55
C LYS C 323 33.73 11.93 -37.87
N TYR C 324 32.72 12.71 -38.20
CA TYR C 324 32.91 14.12 -38.53
C TYR C 324 33.23 14.99 -37.31
N PRO C 325 33.75 16.17 -37.57
CA PRO C 325 34.10 17.16 -36.56
C PRO C 325 32.84 17.82 -36.07
N LEU C 326 32.83 18.49 -34.92
CA LEU C 326 31.58 19.05 -34.40
C LEU C 326 31.18 20.31 -35.16
N ASP C 327 32.16 20.95 -35.79
CA ASP C 327 31.91 22.18 -36.53
C ASP C 327 31.67 21.95 -38.02
N THR C 328 31.63 20.67 -38.42
CA THR C 328 31.27 20.30 -39.79
C THR C 328 29.91 20.90 -40.07
N LYS C 329 29.83 21.75 -41.09
CA LYS C 329 28.54 22.35 -41.42
C LYS C 329 27.69 21.34 -42.15
N PHE C 330 26.38 21.48 -41.96
CA PHE C 330 25.44 20.47 -42.46
C PHE C 330 25.42 20.32 -43.98
N SER C 331 25.72 21.37 -44.74
CA SER C 331 25.67 21.20 -46.19
C SER C 331 26.99 20.64 -46.71
N ASP C 332 28.03 20.68 -45.88
CA ASP C 332 29.26 20.02 -46.25
C ASP C 332 29.23 18.53 -46.05
N ILE C 333 28.31 18.02 -45.24
CA ILE C 333 28.16 16.55 -45.14
C ILE C 333 27.32 16.03 -46.32
N VAL C 334 26.31 16.78 -46.76
CA VAL C 334 25.53 16.34 -47.91
C VAL C 334 26.33 16.54 -49.19
N ALA C 335 27.30 17.45 -49.17
CA ALA C 335 28.18 17.61 -50.32
C ALA C 335 28.98 16.34 -50.50
N ASP C 336 29.63 15.88 -49.43
CA ASP C 336 30.44 14.68 -49.52
C ASP C 336 29.64 13.37 -49.44
N LEU C 337 28.32 13.50 -49.34
CA LEU C 337 27.46 12.32 -49.33
C LEU C 337 26.35 12.39 -50.38
N GLY C 338 26.16 13.55 -51.01
CA GLY C 338 25.22 13.62 -52.11
C GLY C 338 23.78 13.73 -51.66
N ASP C 339 22.97 14.52 -52.38
CA ASP C 339 21.53 14.64 -52.10
C ASP C 339 20.96 13.21 -52.07
N ARG C 340 21.58 12.33 -52.85
CA ARG C 340 21.15 10.96 -52.96
C ARG C 340 21.45 10.11 -51.71
N HIS C 341 22.50 10.38 -50.91
CA HIS C 341 22.70 9.38 -49.85
C HIS C 341 22.80 9.84 -48.37
N VAL C 342 22.03 10.85 -47.95
CA VAL C 342 21.87 11.08 -46.51
C VAL C 342 20.36 11.10 -46.18
N PRO C 343 19.94 10.29 -45.16
CA PRO C 343 18.55 10.00 -44.77
C PRO C 343 17.55 11.17 -44.75
N THR C 344 16.31 10.85 -45.12
CA THR C 344 15.28 11.87 -45.37
C THR C 344 14.88 12.60 -44.08
N MET C 345 14.73 11.83 -43.00
CA MET C 345 14.39 12.41 -41.70
C MET C 345 15.49 13.37 -41.28
N LEU C 346 16.74 13.11 -41.70
CA LEU C 346 17.83 13.87 -41.11
C LEU C 346 17.80 15.36 -41.52
N GLN C 347 17.42 15.69 -42.77
CA GLN C 347 17.29 17.12 -43.15
C GLN C 347 15.84 17.69 -43.13
N MET C 348 14.81 16.87 -42.86
CA MET C 348 13.51 17.50 -42.67
C MET C 348 13.60 18.02 -41.25
N PHE C 349 14.68 17.58 -40.59
CA PHE C 349 15.07 18.08 -39.29
C PHE C 349 15.96 19.32 -39.37
N SER C 350 16.92 19.29 -40.28
CA SER C 350 17.77 20.43 -40.36
C SER C 350 17.03 21.63 -40.82
N ALA C 351 16.26 21.50 -41.89
CA ALA C 351 15.54 22.65 -42.35
C ALA C 351 14.56 23.07 -41.30
N VAL C 352 13.91 22.10 -40.71
CA VAL C 352 12.95 22.49 -39.76
C VAL C 352 13.65 23.20 -38.64
N ALA C 353 14.79 22.71 -38.16
CA ALA C 353 15.34 23.48 -37.10
C ALA C 353 15.78 24.90 -37.43
N GLY C 354 16.49 25.10 -38.53
CA GLY C 354 16.81 26.45 -39.01
C GLY C 354 15.57 27.20 -39.42
N GLY C 355 14.82 26.36 -40.10
CA GLY C 355 13.56 26.63 -40.76
C GLY C 355 14.11 27.20 -42.04
N GLY C 356 15.44 27.30 -42.09
CA GLY C 356 16.19 27.76 -43.26
C GLY C 356 17.70 27.59 -43.25
N ALA C 357 18.26 27.81 -42.07
CA ALA C 357 19.70 27.90 -41.81
C ALA C 357 20.65 26.71 -41.83
N ASP C 358 21.93 27.04 -41.96
CA ASP C 358 23.02 26.07 -41.91
C ASP C 358 23.66 26.15 -40.52
N LEU C 359 23.60 25.03 -39.81
CA LEU C 359 24.08 24.93 -38.43
C LEU C 359 25.26 23.96 -38.34
N THR C 360 26.19 24.18 -37.40
CA THR C 360 27.19 23.15 -37.13
C THR C 360 26.46 21.90 -36.65
N LEU C 361 27.06 20.73 -36.85
CA LEU C 361 26.42 19.52 -36.35
C LEU C 361 26.40 19.48 -34.83
N ALA C 362 27.35 20.18 -34.19
CA ALA C 362 27.26 20.43 -32.76
C ALA C 362 25.87 21.03 -32.41
N GLU C 363 25.48 22.07 -33.13
CA GLU C 363 24.22 22.76 -32.87
C GLU C 363 23.03 21.89 -33.25
N LEU C 364 23.20 21.11 -34.30
CA LEU C 364 22.16 20.21 -34.77
C LEU C 364 21.92 19.08 -33.77
N GLY C 365 23.01 18.61 -33.17
CA GLY C 365 22.92 17.56 -32.18
C GLY C 365 22.32 18.11 -30.89
N ARG C 366 22.70 19.34 -30.57
CA ARG C 366 22.18 20.00 -29.37
C ARG C 366 20.66 20.15 -29.47
N ARG C 367 20.19 20.62 -30.62
CA ARG C 367 18.77 20.85 -30.81
C ARG C 367 18.00 19.55 -30.90
N TYR C 368 18.63 18.54 -31.48
CA TYR C 368 17.99 17.23 -31.56
C TYR C 368 17.84 16.67 -30.16
N GLY C 369 18.81 16.96 -29.29
CA GLY C 369 18.80 16.47 -27.92
C GLY C 369 17.70 17.02 -27.04
N THR C 370 17.13 18.17 -27.40
CA THR C 370 16.07 18.76 -26.58
C THR C 370 14.75 17.98 -26.63
N ASN C 371 14.41 17.47 -27.80
CA ASN C 371 13.08 16.90 -28.02
C ASN C 371 13.07 15.81 -29.09
N VAL C 372 14.22 15.18 -29.29
CA VAL C 372 14.41 14.10 -30.25
C VAL C 372 13.97 14.59 -31.65
N GLY C 373 14.20 15.88 -31.87
CA GLY C 373 13.91 16.51 -33.15
C GLY C 373 12.45 16.86 -33.42
N PHE C 374 11.53 15.96 -33.09
CA PHE C 374 10.14 16.09 -33.52
C PHE C 374 9.07 16.14 -32.43
N VAL C 375 9.44 15.96 -31.16
CA VAL C 375 8.43 16.07 -30.11
C VAL C 375 8.23 17.54 -29.75
N PRO C 376 7.03 18.07 -30.02
CA PRO C 376 6.78 19.50 -29.79
C PRO C 376 6.93 19.88 -28.31
N GLN C 377 7.65 20.97 -28.07
CA GLN C 377 7.73 21.49 -26.72
C GLN C 377 6.65 22.54 -26.54
N TRP C 378 5.71 22.31 -25.63
CA TRP C 378 4.62 23.27 -25.34
C TRP C 378 4.85 23.93 -24.01
N ALA C 379 5.23 25.20 -24.03
CA ALA C 379 5.40 25.98 -22.80
C ALA C 379 4.21 26.92 -22.62
N GLY C 380 3.62 26.91 -21.43
CA GLY C 380 2.51 27.80 -21.14
C GLY C 380 1.92 27.55 -19.77
N THR C 381 0.89 28.32 -19.43
CA THR C 381 0.12 28.08 -18.22
C THR C 381 -0.68 26.82 -18.36
N ALA C 382 -1.25 26.34 -17.26
CA ALA C 382 -2.09 25.16 -17.32
C ALA C 382 -3.26 25.38 -18.27
N GLU C 383 -3.85 26.57 -18.18
CA GLU C 383 -4.99 26.90 -19.02
C GLU C 383 -4.63 26.85 -20.52
N GLN C 384 -3.46 27.38 -20.88
CA GLN C 384 -3.01 27.39 -22.27
C GLN C 384 -2.74 25.98 -22.78
N ILE C 385 -2.07 25.18 -21.95
CA ILE C 385 -1.79 23.80 -22.30
C ILE C 385 -3.10 23.04 -22.46
N ALA C 386 -4.04 23.25 -21.54
CA ALA C 386 -5.35 22.57 -21.62
C ALA C 386 -6.05 22.95 -22.91
N ASP C 387 -6.04 24.26 -23.19
CA ASP C 387 -6.62 24.82 -24.40
C ASP C 387 -6.05 24.19 -25.65
N GLN C 388 -4.73 24.12 -25.72
CA GLN C 388 -4.06 23.51 -26.86
C GLN C 388 -4.38 22.04 -27.06
N LEU C 389 -4.39 21.27 -25.98
CA LEU C 389 -4.75 19.85 -26.07
C LEU C 389 -6.17 19.68 -26.62
N ILE C 390 -7.11 20.46 -26.10
CA ILE C 390 -8.50 20.39 -26.54
C ILE C 390 -8.58 20.82 -27.98
N SER C 391 -7.85 21.88 -28.28
CA SER C 391 -7.86 22.47 -29.61
C SER C 391 -7.26 21.50 -30.65
N HIS C 392 -6.17 20.82 -30.31
CA HIS C 392 -5.58 19.83 -31.22
C HIS C 392 -6.47 18.60 -31.39
N PHE C 393 -7.06 18.15 -30.28
CA PHE C 393 -8.00 17.05 -30.27
C PHE C 393 -9.23 17.36 -31.13
N GLU C 394 -9.78 18.56 -30.96
CA GLU C 394 -10.98 18.93 -31.70
C GLU C 394 -10.65 19.09 -33.18
N ALA C 395 -9.40 19.42 -33.47
CA ALA C 395 -8.91 19.56 -34.85
C ALA C 395 -8.46 18.23 -35.47
N GLY C 396 -8.68 17.13 -34.77
CA GLY C 396 -8.34 15.82 -35.30
C GLY C 396 -6.87 15.48 -35.32
N ALA C 397 -6.11 16.00 -34.36
CA ALA C 397 -4.68 15.68 -34.28
C ALA C 397 -4.46 14.22 -33.84
N ALA C 398 -5.35 13.72 -32.98
CA ALA C 398 -5.15 12.41 -32.33
C ALA C 398 -6.36 12.01 -31.49
N ASP C 399 -6.41 10.74 -31.12
CA ASP C 399 -7.46 10.28 -30.20
C ASP C 399 -7.02 10.54 -28.76
N GLY C 400 -5.71 10.69 -28.57
CA GLY C 400 -5.15 10.92 -27.26
C GLY C 400 -3.74 11.47 -27.34
N PHE C 401 -3.19 11.88 -26.20
CA PHE C 401 -1.83 12.43 -26.16
C PHE C 401 -0.92 11.67 -25.23
N ILE C 402 0.30 11.46 -25.71
CA ILE C 402 1.38 10.96 -24.89
C ILE C 402 2.11 12.17 -24.32
N ILE C 403 2.25 12.16 -23.01
CA ILE C 403 2.85 13.27 -22.31
C ILE C 403 4.29 12.93 -22.05
N SER C 404 5.18 13.51 -22.87
CA SER C 404 6.60 13.24 -22.76
C SER C 404 7.20 14.11 -21.66
N PRO C 405 7.88 13.49 -20.70
CA PRO C 405 8.30 14.19 -19.47
C PRO C 405 9.62 14.93 -19.61
N ALA C 406 9.62 16.23 -19.31
CA ALA C 406 10.84 17.02 -19.32
C ALA C 406 11.83 16.52 -18.26
N TYR C 407 11.29 16.05 -17.14
CA TYR C 407 12.10 15.53 -16.05
C TYR C 407 11.20 14.74 -15.09
N LEU C 408 11.76 13.77 -14.37
CA LEU C 408 10.96 12.87 -13.54
C LEU C 408 11.38 12.83 -12.08
N PRO C 409 10.41 12.58 -11.17
CA PRO C 409 8.97 12.34 -11.40
C PRO C 409 8.16 13.62 -11.53
N GLY C 410 8.80 14.75 -11.20
CA GLY C 410 8.14 16.03 -11.00
C GLY C 410 7.17 16.55 -12.05
N ILE C 411 7.47 16.39 -13.33
CA ILE C 411 6.61 16.98 -14.35
C ILE C 411 5.18 16.36 -14.36
N TYR C 412 5.07 15.07 -14.07
CA TYR C 412 3.78 14.40 -14.00
C TYR C 412 2.96 14.87 -12.77
N GLU C 413 3.61 15.15 -11.65
CA GLU C 413 2.88 15.75 -10.52
C GLU C 413 2.25 17.09 -10.96
N GLU C 414 3.02 17.94 -11.65
CA GLU C 414 2.50 19.24 -12.12
C GLU C 414 1.36 19.07 -13.11
N PHE C 415 1.53 18.18 -14.07
CA PHE C 415 0.53 17.98 -15.11
C PHE C 415 -0.78 17.42 -14.54
N VAL C 416 -0.67 16.45 -13.64
CA VAL C 416 -1.87 15.87 -13.04
C VAL C 416 -2.59 16.89 -12.15
N ASP C 417 -1.84 17.73 -11.45
CA ASP C 417 -2.42 18.73 -10.54
C ASP C 417 -2.97 19.96 -11.26
N GLN C 418 -2.35 20.35 -12.37
CA GLN C 418 -2.75 21.60 -13.00
C GLN C 418 -3.62 21.44 -14.26
N VAL C 419 -3.25 20.53 -15.14
CA VAL C 419 -3.91 20.47 -16.44
C VAL C 419 -5.12 19.54 -16.44
N VAL C 420 -4.96 18.36 -15.86
CA VAL C 420 -6.02 17.37 -15.82
C VAL C 420 -7.37 17.90 -15.28
N PRO C 421 -7.38 18.60 -14.12
CA PRO C 421 -8.68 19.10 -13.63
C PRO C 421 -9.38 20.03 -14.63
N LEU C 422 -8.58 20.83 -15.34
CA LEU C 422 -9.09 21.74 -16.36
C LEU C 422 -9.73 20.97 -17.52
N LEU C 423 -9.08 19.89 -17.94
CA LEU C 423 -9.64 19.01 -18.96
C LEU C 423 -10.96 18.40 -18.48
N GLN C 424 -10.97 18.03 -17.20
CA GLN C 424 -12.13 17.37 -16.64
C GLN C 424 -13.31 18.35 -16.56
N GLN C 425 -13.04 19.58 -16.11
CA GLN C 425 -14.06 20.62 -16.00
C GLN C 425 -14.65 21.00 -17.37
N ARG C 426 -13.85 20.88 -18.43
CA ARG C 426 -14.35 21.12 -19.77
C ARG C 426 -15.11 19.91 -20.33
N GLY C 427 -15.10 18.80 -19.58
CA GLY C 427 -15.81 17.61 -20.00
C GLY C 427 -15.17 16.79 -21.12
N VAL C 428 -13.91 17.08 -21.47
CA VAL C 428 -13.25 16.35 -22.54
C VAL C 428 -12.35 15.23 -22.01
N PHE C 429 -12.27 15.09 -20.69
CA PHE C 429 -11.48 14.02 -20.08
C PHE C 429 -12.20 13.44 -18.86
N ARG C 430 -12.15 12.11 -18.72
CA ARG C 430 -12.86 11.40 -17.66
C ARG C 430 -12.60 12.01 -16.29
N THR C 431 -13.65 12.12 -15.46
CA THR C 431 -13.47 12.58 -14.10
C THR C 431 -13.14 11.37 -13.25
N GLU C 432 -13.52 10.20 -13.75
CA GLU C 432 -13.28 8.93 -13.06
C GLU C 432 -13.25 7.79 -14.07
N TYR C 433 -12.53 6.71 -13.75
CA TYR C 433 -12.52 5.51 -14.58
C TYR C 433 -13.90 4.86 -14.62
N GLU C 434 -14.40 4.53 -15.81
CA GLU C 434 -15.73 3.91 -15.92
C GLU C 434 -15.62 2.40 -15.80
N GLY C 435 -14.53 1.83 -16.31
CA GLY C 435 -14.30 0.41 -16.18
C GLY C 435 -13.02 0.11 -15.45
N THR C 436 -12.66 -1.16 -15.41
CA THR C 436 -11.46 -1.57 -14.71
C THR C 436 -10.31 -2.03 -15.63
N THR C 437 -10.60 -2.31 -16.90
CA THR C 437 -9.57 -2.82 -17.81
C THR C 437 -9.03 -1.73 -18.73
N LEU C 438 -7.84 -1.96 -19.29
CA LEU C 438 -7.26 -1.03 -20.25
C LEU C 438 -8.14 -0.94 -21.50
N ARG C 439 -8.71 -2.07 -21.92
CA ARG C 439 -9.63 -2.04 -23.07
C ARG C 439 -10.83 -1.10 -22.83
N GLU C 440 -11.43 -1.18 -21.65
CA GLU C 440 -12.55 -0.28 -21.35
C GLU C 440 -12.12 1.18 -21.32
N HIS C 441 -10.93 1.47 -20.80
CA HIS C 441 -10.46 2.86 -20.78
C HIS C 441 -10.32 3.37 -22.20
N LEU C 442 -9.84 2.51 -23.11
CA LEU C 442 -9.60 2.94 -24.49
C LEU C 442 -10.84 2.82 -25.38
N GLY C 443 -11.90 2.23 -24.84
CA GLY C 443 -13.13 2.00 -25.60
C GLY C 443 -12.96 0.94 -26.67
N LEU C 444 -12.13 -0.06 -26.38
CA LEU C 444 -11.91 -1.20 -27.25
C LEU C 444 -12.77 -2.40 -26.89
N ALA C 445 -13.18 -3.17 -27.90
CA ALA C 445 -14.00 -4.34 -27.65
C ALA C 445 -13.17 -5.44 -26.99
N HIS C 446 -13.87 -6.29 -26.24
CA HIS C 446 -13.29 -7.46 -25.60
C HIS C 446 -13.23 -8.55 -26.66
N PRO C 447 -12.02 -8.92 -27.09
CA PRO C 447 -11.80 -9.85 -28.20
C PRO C 447 -12.30 -11.27 -27.91
N GLU C 448 -12.70 -12.01 -28.93
CA GLU C 448 -13.20 -13.37 -28.71
C GLU C 448 -12.15 -14.43 -28.93
N VAL C 449 -12.39 -15.60 -28.32
CA VAL C 449 -11.51 -16.74 -28.43
C VAL C 449 -11.62 -17.36 -29.83
N ARG D 5 23.43 -19.03 16.82
CA ARG D 5 23.28 -19.87 15.64
C ARG D 5 21.80 -20.08 15.31
N GLN D 6 21.34 -19.45 14.23
CA GLN D 6 19.93 -19.50 13.87
C GLN D 6 19.70 -20.22 12.54
N LEU D 7 18.54 -20.85 12.40
CA LEU D 7 18.18 -21.53 11.17
C LEU D 7 17.53 -20.55 10.21
N HIS D 8 17.50 -20.89 8.93
CA HIS D 8 16.87 -20.03 7.94
C HIS D 8 15.54 -20.62 7.48
N LEU D 9 14.64 -19.75 7.04
CA LEU D 9 13.35 -20.24 6.58
C LEU D 9 13.02 -19.70 5.20
N ALA D 10 12.50 -20.57 4.33
CA ALA D 10 12.13 -20.15 2.99
C ALA D 10 10.75 -20.67 2.61
N GLY D 11 10.03 -19.88 1.82
CA GLY D 11 8.77 -20.30 1.23
C GLY D 11 9.01 -20.73 -0.21
N PHE D 12 8.12 -21.58 -0.71
CA PHE D 12 8.28 -22.19 -2.02
C PHE D 12 6.95 -22.71 -2.51
N PHE D 13 6.53 -22.28 -3.71
CA PHE D 13 5.29 -22.77 -4.28
C PHE D 13 5.22 -22.40 -5.74
N SER D 14 4.46 -23.15 -6.52
CA SER D 14 4.38 -22.80 -7.93
C SER D 14 3.40 -21.62 -8.10
N ALA D 15 3.73 -20.74 -9.04
CA ALA D 15 2.81 -19.69 -9.46
C ALA D 15 1.72 -20.35 -10.29
N GLY D 16 0.87 -21.12 -9.64
CA GLY D 16 -0.12 -21.91 -10.33
C GLY D 16 -0.93 -22.77 -9.39
N ASN D 17 -1.53 -23.83 -9.92
CA ASN D 17 -2.54 -24.55 -9.16
C ASN D 17 -2.01 -25.48 -8.04
N VAL D 18 -0.86 -26.11 -8.28
CA VAL D 18 -0.29 -27.14 -7.40
C VAL D 18 1.25 -27.12 -7.28
N THR D 19 1.74 -27.44 -6.09
CA THR D 19 3.18 -27.55 -5.83
C THR D 19 3.60 -29.02 -5.60
N HIS D 20 3.51 -29.48 -4.36
CA HIS D 20 3.79 -30.86 -3.99
C HIS D 20 2.52 -31.65 -3.58
N ALA D 21 1.65 -31.03 -2.79
CA ALA D 21 0.38 -31.64 -2.44
C ALA D 21 -0.58 -31.47 -3.63
N HIS D 22 -0.90 -32.57 -4.31
CA HIS D 22 -1.61 -32.48 -5.57
C HIS D 22 -3.12 -32.29 -5.45
N GLY D 23 -3.64 -32.41 -4.24
CA GLY D 23 -5.04 -32.14 -4.01
C GLY D 23 -5.28 -30.74 -3.48
N ALA D 24 -4.20 -29.96 -3.38
CA ALA D 24 -4.22 -28.64 -2.75
C ALA D 24 -5.30 -27.72 -3.34
N TRP D 25 -5.46 -27.73 -4.66
CA TRP D 25 -6.42 -26.81 -5.28
C TRP D 25 -7.85 -27.20 -4.89
N ARG D 26 -8.01 -28.40 -4.35
CA ARG D 26 -9.32 -28.91 -3.96
C ARG D 26 -9.65 -28.65 -2.49
N HIS D 27 -8.63 -28.26 -1.73
CA HIS D 27 -8.79 -28.00 -0.31
C HIS D 27 -9.87 -26.93 -0.07
N VAL D 28 -10.76 -27.17 0.90
CA VAL D 28 -11.83 -26.23 1.20
C VAL D 28 -11.30 -24.80 1.46
N GLY D 29 -10.07 -24.69 1.96
CA GLY D 29 -9.49 -23.40 2.27
C GLY D 29 -8.68 -22.73 1.16
N ALA D 30 -8.35 -23.48 0.12
CA ALA D 30 -7.61 -22.95 -1.03
C ALA D 30 -8.42 -21.88 -1.73
N THR D 31 -7.86 -20.69 -1.91
CA THR D 31 -8.58 -19.65 -2.65
C THR D 31 -8.42 -19.84 -4.15
N ASN D 32 -7.36 -20.54 -4.56
CA ASN D 32 -7.02 -20.69 -5.96
C ASN D 32 -6.92 -19.32 -6.63
N GLY D 33 -6.35 -18.36 -5.92
CA GLY D 33 -6.18 -17.01 -6.45
C GLY D 33 -4.93 -16.86 -7.32
N PHE D 34 -4.38 -17.99 -7.78
CA PHE D 34 -3.10 -17.98 -8.47
C PHE D 34 -3.06 -17.21 -9.81
N LEU D 35 -4.18 -16.63 -10.23
CA LEU D 35 -4.19 -15.76 -11.42
C LEU D 35 -4.15 -14.25 -11.07
N THR D 36 -4.32 -13.94 -9.79
CA THR D 36 -4.44 -12.56 -9.29
C THR D 36 -3.20 -12.05 -8.58
N GLY D 37 -2.94 -10.74 -8.65
CA GLY D 37 -1.85 -10.13 -7.92
C GLY D 37 -2.03 -10.25 -6.40
N GLU D 38 -3.26 -10.07 -5.97
CA GLU D 38 -3.60 -10.07 -4.54
C GLU D 38 -3.13 -11.34 -3.82
N PHE D 39 -3.37 -12.49 -4.45
CA PHE D 39 -2.92 -13.78 -3.93
C PHE D 39 -1.43 -13.76 -3.58
N TYR D 40 -0.58 -13.35 -4.52
CA TYR D 40 0.87 -13.28 -4.33
C TYR D 40 1.30 -12.16 -3.38
N LYS D 41 0.64 -11.02 -3.42
CA LYS D 41 0.98 -9.94 -2.49
C LYS D 41 0.72 -10.39 -1.04
N GLN D 42 -0.39 -11.11 -0.83
CA GLN D 42 -0.72 -11.62 0.49
C GLN D 42 0.29 -12.63 1.04
N ILE D 43 0.69 -13.59 0.21
CA ILE D 43 1.63 -14.60 0.68
C ILE D 43 2.98 -13.97 1.00
N ALA D 44 3.46 -13.10 0.13
CA ALA D 44 4.74 -12.42 0.35
C ALA D 44 4.72 -11.53 1.60
N ARG D 45 3.63 -10.81 1.84
CA ARG D 45 3.56 -9.96 3.04
C ARG D 45 3.53 -10.81 4.31
N THR D 46 2.84 -11.95 4.24
CA THR D 46 2.77 -12.89 5.35
C THR D 46 4.14 -13.48 5.69
N LEU D 47 4.89 -13.88 4.67
CA LEU D 47 6.20 -14.44 4.95
C LEU D 47 7.14 -13.35 5.46
N GLU D 48 6.95 -12.11 5.00
CA GLU D 48 7.76 -11.00 5.50
C GLU D 48 7.41 -10.68 6.96
N ARG D 49 6.12 -10.74 7.27
CA ARG D 49 5.66 -10.62 8.66
C ARG D 49 6.28 -11.70 9.55
N GLY D 50 6.48 -12.90 8.99
CA GLY D 50 7.12 -14.00 9.70
C GLY D 50 8.63 -14.02 9.61
N LYS D 51 9.20 -12.96 9.01
CA LYS D 51 10.65 -12.73 8.96
C LYS D 51 11.40 -13.80 8.14
N PHE D 52 10.70 -14.45 7.20
CA PHE D 52 11.31 -15.45 6.34
C PHE D 52 12.50 -14.85 5.62
N ASP D 53 13.52 -15.68 5.41
CA ASP D 53 14.68 -15.33 4.60
C ASP D 53 14.29 -15.08 3.16
N LEU D 54 13.45 -15.96 2.64
CA LEU D 54 13.20 -16.00 1.23
C LEU D 54 11.91 -16.72 0.84
N LEU D 55 11.46 -16.43 -0.37
CA LEU D 55 10.35 -17.09 -1.02
C LEU D 55 10.86 -17.29 -2.44
N PHE D 56 10.81 -18.49 -2.98
CA PHE D 56 11.20 -18.62 -4.37
C PHE D 56 10.22 -19.53 -5.10
N LEU D 57 10.24 -19.45 -6.42
CA LEU D 57 9.25 -20.13 -7.26
C LEU D 57 9.93 -21.08 -8.23
N PRO D 58 9.34 -22.27 -8.45
CA PRO D 58 9.81 -23.22 -9.47
C PRO D 58 9.28 -22.79 -10.83
N ASP D 59 9.64 -23.49 -11.90
CA ASP D 59 9.05 -23.19 -13.19
C ASP D 59 9.17 -24.36 -14.19
N GLY D 60 8.20 -24.44 -15.09
CA GLY D 60 8.25 -25.32 -16.26
C GLY D 60 7.71 -24.54 -17.45
N LEU D 61 8.30 -24.72 -18.64
CA LEU D 61 7.84 -23.94 -19.80
C LEU D 61 6.85 -24.69 -20.72
N ALA D 62 6.01 -25.54 -20.13
CA ALA D 62 4.97 -26.24 -20.87
C ALA D 62 4.00 -26.90 -19.89
N ILE D 63 2.72 -26.97 -20.24
CA ILE D 63 1.77 -27.72 -19.41
C ILE D 63 2.23 -29.18 -19.39
N GLU D 64 2.11 -29.83 -18.23
CA GLU D 64 2.59 -31.21 -18.13
C GLU D 64 1.61 -32.17 -18.76
N ASP D 65 1.96 -32.57 -19.99
CA ASP D 65 1.12 -33.41 -20.82
C ASP D 65 1.77 -34.75 -21.14
N SER D 66 2.90 -35.03 -20.54
CA SER D 66 3.65 -36.20 -20.87
C SER D 66 2.87 -37.47 -20.66
N TYR D 67 2.12 -37.57 -19.58
CA TYR D 67 1.33 -38.74 -19.43
C TYR D 67 -0.01 -38.25 -19.85
N GLY D 68 -0.50 -38.66 -21.00
CA GLY D 68 0.28 -39.48 -21.89
C GLY D 68 0.23 -38.78 -23.23
N ASP D 69 0.98 -37.68 -23.27
CA ASP D 69 1.09 -36.76 -24.39
C ASP D 69 -0.25 -36.13 -24.70
N ASN D 70 -1.07 -36.00 -23.68
CA ASN D 70 -2.37 -35.36 -23.82
C ASN D 70 -2.58 -34.55 -22.56
N LEU D 71 -3.43 -33.55 -22.63
CA LEU D 71 -3.65 -32.68 -21.49
C LEU D 71 -4.79 -33.12 -20.57
N GLU D 72 -5.52 -34.18 -20.95
CA GLU D 72 -6.75 -34.55 -20.22
C GLU D 72 -6.51 -34.85 -18.74
N THR D 73 -5.31 -35.32 -18.41
CA THR D 73 -4.99 -35.58 -17.01
C THR D 73 -4.51 -34.30 -16.30
N GLY D 74 -3.44 -33.70 -16.82
CA GLY D 74 -2.87 -32.48 -16.29
C GLY D 74 -3.89 -31.36 -16.12
N VAL D 75 -4.59 -31.04 -17.21
CA VAL D 75 -5.59 -29.97 -17.23
C VAL D 75 -6.90 -30.36 -16.55
N GLY D 76 -7.40 -31.56 -16.88
CA GLY D 76 -8.68 -32.00 -16.39
C GLY D 76 -8.72 -32.15 -14.88
N LEU D 77 -7.62 -32.64 -14.30
CA LEU D 77 -7.59 -32.93 -12.87
C LEU D 77 -6.69 -31.98 -12.07
N GLY D 78 -5.98 -31.09 -12.76
CA GLY D 78 -5.18 -30.11 -12.06
C GLY D 78 -3.86 -30.65 -11.58
N GLY D 79 -3.11 -31.29 -12.47
CA GLY D 79 -1.82 -31.80 -12.07
C GLY D 79 -0.88 -30.62 -12.04
N GLN D 80 0.39 -30.88 -11.76
CA GLN D 80 1.44 -29.86 -11.71
C GLN D 80 1.58 -29.13 -13.03
N GLY D 81 1.68 -27.81 -12.94
CA GLY D 81 1.97 -26.96 -14.08
C GLY D 81 0.86 -26.83 -15.09
N ALA D 82 -0.36 -27.21 -14.71
CA ALA D 82 -1.53 -26.99 -15.56
C ALA D 82 -1.73 -25.50 -15.81
N VAL D 83 -1.55 -24.71 -14.73
CA VAL D 83 -1.48 -23.27 -14.82
C VAL D 83 -0.11 -22.93 -14.26
N ALA D 84 0.64 -22.12 -14.99
CA ALA D 84 1.98 -21.75 -14.57
C ALA D 84 2.37 -20.37 -15.09
N LEU D 85 2.22 -19.37 -14.24
CA LEU D 85 2.57 -17.98 -14.58
C LEU D 85 4.09 -17.82 -14.68
N GLU D 86 4.52 -16.91 -15.55
CA GLU D 86 5.94 -16.62 -15.66
C GLU D 86 6.44 -16.07 -14.31
N PRO D 87 7.46 -16.72 -13.72
CA PRO D 87 7.86 -16.49 -12.33
C PRO D 87 8.53 -15.15 -12.05
N THR D 88 9.36 -14.65 -12.96
CA THR D 88 10.02 -13.37 -12.69
C THR D 88 8.98 -12.23 -12.54
N SER D 89 7.95 -12.24 -13.39
CA SER D 89 6.85 -11.29 -13.23
C SER D 89 6.20 -11.37 -11.84
N VAL D 90 6.00 -12.61 -11.37
CA VAL D 90 5.33 -12.81 -10.09
C VAL D 90 6.14 -12.22 -8.93
N ILE D 91 7.45 -12.49 -8.88
CA ILE D 91 8.25 -12.00 -7.75
C ILE D 91 8.50 -10.49 -7.83
N ALA D 92 8.47 -9.92 -9.03
CA ALA D 92 8.49 -8.48 -9.18
C ALA D 92 7.27 -7.89 -8.47
N THR D 93 6.12 -8.53 -8.67
CA THR D 93 4.88 -8.14 -8.03
C THR D 93 5.05 -8.21 -6.51
N MET D 94 5.66 -9.28 -6.03
CA MET D 94 5.85 -9.44 -4.60
C MET D 94 6.84 -8.44 -4.03
N ALA D 95 7.88 -8.13 -4.82
CA ALA D 95 8.94 -7.23 -4.39
C ALA D 95 8.39 -5.82 -4.18
N ALA D 96 7.40 -5.47 -4.98
CA ALA D 96 6.83 -4.14 -4.92
C ALA D 96 6.10 -3.89 -3.62
N VAL D 97 5.64 -4.94 -2.94
CA VAL D 97 4.85 -4.75 -1.72
C VAL D 97 5.55 -5.33 -0.49
N THR D 98 6.84 -5.61 -0.61
CA THR D 98 7.65 -6.07 0.52
C THR D 98 8.91 -5.21 0.56
N GLN D 99 9.69 -5.30 1.63
CA GLN D 99 10.92 -4.53 1.71
C GLN D 99 12.09 -5.30 2.36
N ARG D 100 11.84 -6.54 2.77
CA ARG D 100 12.92 -7.32 3.41
C ARG D 100 13.04 -8.72 2.86
N LEU D 101 11.89 -9.36 2.66
CA LEU D 101 11.81 -10.72 2.15
C LEU D 101 12.67 -10.95 0.89
N GLY D 102 13.42 -12.03 0.88
CA GLY D 102 14.15 -12.42 -0.31
C GLY D 102 13.22 -13.06 -1.33
N LEU D 103 13.55 -12.89 -2.60
CA LEU D 103 12.68 -13.41 -3.66
C LEU D 103 13.49 -14.05 -4.79
N GLY D 104 13.14 -15.28 -5.12
CA GLY D 104 13.86 -16.02 -6.14
C GLY D 104 12.97 -16.60 -7.21
N ALA D 105 13.53 -16.77 -8.40
CA ALA D 105 12.80 -17.40 -9.49
C ALA D 105 13.67 -18.43 -10.21
N THR D 106 13.05 -19.54 -10.57
CA THR D 106 13.70 -20.60 -11.35
C THR D 106 13.67 -20.31 -12.85
N VAL D 107 14.84 -20.25 -13.46
CA VAL D 107 14.97 -20.06 -14.90
C VAL D 107 15.99 -21.04 -15.43
N SER D 108 15.65 -21.75 -16.51
CA SER D 108 16.55 -22.74 -17.09
C SER D 108 17.61 -22.08 -17.97
N THR D 109 18.84 -22.56 -17.86
CA THR D 109 19.93 -22.09 -18.73
C THR D 109 19.73 -22.53 -20.19
N THR D 110 18.88 -23.52 -20.39
CA THR D 110 18.62 -24.06 -21.72
C THR D 110 17.92 -23.07 -22.66
N TYR D 111 16.87 -22.43 -22.17
CA TYR D 111 15.95 -21.72 -23.06
C TYR D 111 16.20 -20.21 -23.21
N TYR D 112 17.07 -19.64 -22.36
CA TYR D 112 17.33 -18.20 -22.45
C TYR D 112 18.81 -17.91 -22.61
N PRO D 113 19.13 -16.86 -23.36
CA PRO D 113 20.51 -16.40 -23.49
C PRO D 113 20.98 -15.79 -22.17
N PRO D 114 22.28 -15.89 -21.88
CA PRO D 114 22.84 -15.36 -20.65
C PRO D 114 22.57 -13.87 -20.47
N TYR D 115 22.49 -13.12 -21.57
CA TYR D 115 22.27 -11.69 -21.46
C TYR D 115 20.88 -11.38 -20.88
N HIS D 116 19.91 -12.20 -21.29
CA HIS D 116 18.53 -12.07 -20.85
C HIS D 116 18.39 -12.41 -19.36
N VAL D 117 18.94 -13.55 -18.96
CA VAL D 117 18.92 -13.88 -17.55
C VAL D 117 19.63 -12.77 -16.75
N ALA D 118 20.79 -12.34 -17.23
CA ALA D 118 21.56 -11.29 -16.53
C ALA D 118 20.77 -10.00 -16.36
N ARG D 119 20.09 -9.54 -17.42
CA ARG D 119 19.42 -8.25 -17.33
C ARG D 119 18.17 -8.32 -16.46
N VAL D 120 17.38 -9.37 -16.62
CA VAL D 120 16.19 -9.58 -15.82
C VAL D 120 16.50 -9.57 -14.32
N PHE D 121 17.47 -10.37 -13.89
CA PHE D 121 17.76 -10.44 -12.47
C PHE D 121 18.50 -9.18 -11.96
N ALA D 122 19.34 -8.57 -12.78
CA ALA D 122 19.93 -7.31 -12.36
C ALA D 122 18.85 -6.25 -12.19
N THR D 123 17.88 -6.26 -13.09
CA THR D 123 16.76 -5.33 -13.00
C THR D 123 15.97 -5.58 -11.71
N LEU D 124 15.59 -6.84 -11.48
CA LEU D 124 14.87 -7.22 -10.28
C LEU D 124 15.67 -6.95 -9.02
N ASP D 125 16.98 -7.14 -9.08
CA ASP D 125 17.81 -6.92 -7.91
C ASP D 125 17.77 -5.44 -7.53
N ASN D 126 17.80 -4.57 -8.54
CA ASN D 126 17.68 -3.13 -8.27
C ASN D 126 16.27 -2.73 -7.82
N LEU D 127 15.22 -3.21 -8.50
CA LEU D 127 13.86 -2.84 -8.11
C LEU D 127 13.58 -3.22 -6.66
N SER D 128 14.20 -4.30 -6.21
CA SER D 128 13.94 -4.83 -4.87
C SER D 128 14.99 -4.37 -3.87
N ASP D 129 15.92 -3.52 -4.33
CA ASP D 129 16.99 -3.00 -3.49
C ASP D 129 17.83 -4.15 -2.89
N GLY D 130 18.16 -5.16 -3.70
CA GLY D 130 19.09 -6.21 -3.30
C GLY D 130 18.50 -7.43 -2.60
N ARG D 131 17.32 -7.87 -3.03
CA ARG D 131 16.67 -8.98 -2.34
C ARG D 131 16.44 -10.19 -3.23
N ILE D 132 17.02 -10.15 -4.43
CA ILE D 132 16.63 -11.10 -5.45
C ILE D 132 17.57 -12.30 -5.57
N SER D 133 17.02 -13.40 -6.07
CA SER D 133 17.77 -14.62 -6.27
C SER D 133 17.36 -15.33 -7.55
N TRP D 134 18.34 -15.89 -8.25
CA TRP D 134 18.07 -16.76 -9.39
C TRP D 134 18.26 -18.23 -8.99
N ASN D 135 17.20 -19.03 -9.15
CA ASN D 135 17.35 -20.46 -8.94
C ASN D 135 17.77 -21.14 -10.24
N VAL D 136 19.04 -21.54 -10.28
CA VAL D 136 19.61 -22.08 -11.50
C VAL D 136 19.19 -23.54 -11.73
N VAL D 137 18.71 -23.78 -12.94
CA VAL D 137 18.22 -25.08 -13.34
C VAL D 137 18.70 -25.34 -14.77
N THR D 138 18.95 -26.62 -15.11
CA THR D 138 19.55 -26.94 -16.41
C THR D 138 18.66 -27.83 -17.26
N SER D 139 17.37 -27.78 -16.96
CA SER D 139 16.39 -28.65 -17.58
C SER D 139 16.29 -28.53 -19.10
N LEU D 140 15.83 -29.61 -19.72
CA LEU D 140 15.47 -29.62 -21.13
C LEU D 140 14.44 -30.72 -21.32
N ASN D 141 13.21 -30.33 -21.64
CA ASN D 141 12.13 -31.30 -21.87
C ASN D 141 11.52 -31.07 -23.26
N ASP D 142 10.91 -32.11 -23.84
CA ASP D 142 10.41 -32.05 -25.21
C ASP D 142 9.22 -31.10 -25.40
N SER D 143 8.23 -31.21 -24.53
CA SER D 143 7.10 -30.29 -24.57
C SER D 143 7.58 -28.85 -24.47
N GLU D 144 8.52 -28.62 -23.57
CA GLU D 144 9.14 -27.31 -23.41
C GLU D 144 9.99 -26.87 -24.60
N ALA D 145 10.73 -27.78 -25.20
CA ALA D 145 11.55 -27.41 -26.36
C ALA D 145 10.67 -27.13 -27.59
N ARG D 146 9.48 -27.73 -27.62
CA ARG D 146 8.55 -27.55 -28.72
C ARG D 146 7.66 -26.31 -28.59
N ASN D 147 7.64 -25.71 -27.40
CA ASN D 147 7.05 -24.39 -27.25
C ASN D 147 8.03 -23.30 -27.68
N PHE D 148 9.31 -23.52 -27.39
CA PHE D 148 10.38 -22.62 -27.83
C PHE D 148 10.88 -22.98 -29.24
N GLY D 149 10.17 -23.94 -29.86
CA GLY D 149 10.46 -24.47 -31.19
C GLY D 149 11.90 -24.92 -31.37
N VAL D 150 12.46 -25.47 -30.30
CA VAL D 150 13.86 -25.91 -30.26
C VAL D 150 13.94 -27.40 -30.59
N ASP D 151 14.76 -27.78 -31.56
CA ASP D 151 15.13 -29.20 -31.62
C ASP D 151 16.63 -29.47 -31.66
N GLU D 152 17.25 -29.47 -30.49
CA GLU D 152 18.60 -29.97 -30.27
C GLU D 152 18.45 -30.68 -28.93
N HIS D 153 18.95 -31.89 -28.78
CA HIS D 153 18.85 -32.51 -27.47
C HIS D 153 20.25 -32.76 -26.94
N LEU D 154 20.54 -32.07 -25.85
CA LEU D 154 21.84 -32.13 -25.21
C LEU D 154 21.76 -33.09 -24.04
N GLU D 155 22.84 -33.82 -23.82
CA GLU D 155 22.83 -34.86 -22.81
C GLU D 155 22.86 -34.18 -21.45
N HIS D 156 22.22 -34.82 -20.48
CA HIS D 156 21.99 -34.30 -19.13
C HIS D 156 23.21 -33.58 -18.55
N ASP D 157 24.34 -34.29 -18.50
CA ASP D 157 25.57 -33.79 -17.91
C ASP D 157 26.21 -32.70 -18.78
N ILE D 158 25.94 -32.71 -20.09
CA ILE D 158 26.52 -31.70 -20.96
C ILE D 158 25.83 -30.35 -20.75
N ARG D 159 24.51 -30.39 -20.51
CA ARG D 159 23.77 -29.17 -20.18
C ARG D 159 24.40 -28.47 -18.98
N TYR D 160 24.84 -29.25 -17.99
CA TYR D 160 25.53 -28.69 -16.86
C TYR D 160 26.87 -28.08 -17.25
N ASP D 161 27.55 -28.70 -18.21
CA ASP D 161 28.83 -28.17 -18.69
C ASP D 161 28.57 -26.83 -19.38
N ARG D 162 27.54 -26.80 -20.21
CA ARG D 162 27.11 -25.57 -20.86
C ARG D 162 26.76 -24.54 -19.80
N ALA D 163 26.09 -25.01 -18.75
CA ALA D 163 25.67 -24.15 -17.65
C ALA D 163 26.84 -23.48 -16.92
N ASP D 164 27.97 -24.17 -16.86
CA ASP D 164 29.18 -23.59 -16.26
C ASP D 164 29.57 -22.31 -16.99
N GLU D 165 29.54 -22.33 -18.32
CA GLU D 165 29.95 -21.16 -19.10
C GLU D 165 28.87 -20.08 -19.00
N PHE D 166 27.63 -20.53 -18.94
CA PHE D 166 26.48 -19.64 -18.78
C PHE D 166 26.63 -18.74 -17.57
N LEU D 167 26.89 -19.35 -16.43
CA LEU D 167 27.09 -18.58 -15.19
C LEU D 167 28.29 -17.65 -15.28
N GLU D 168 29.39 -18.10 -15.89
CA GLU D 168 30.51 -17.18 -16.03
C GLU D 168 30.08 -15.98 -16.86
N ALA D 169 29.33 -16.25 -17.92
CA ALA D 169 28.86 -15.17 -18.79
C ALA D 169 27.97 -14.19 -18.02
N VAL D 170 27.04 -14.73 -17.24
CA VAL D 170 26.13 -13.91 -16.44
C VAL D 170 26.88 -13.08 -15.40
N LYS D 171 27.83 -13.71 -14.72
CA LYS D 171 28.56 -13.00 -13.66
C LYS D 171 29.48 -11.94 -14.25
N LYS D 172 29.99 -12.18 -15.46
CA LYS D 172 30.76 -11.15 -16.16
C LYS D 172 29.89 -9.93 -16.40
N LEU D 173 28.70 -10.17 -16.93
CA LEU D 173 27.75 -9.09 -17.19
C LEU D 173 27.45 -8.30 -15.91
N TRP D 174 27.31 -8.98 -14.78
CA TRP D 174 27.01 -8.30 -13.51
C TRP D 174 28.18 -7.47 -12.99
N SER D 175 29.35 -7.66 -13.59
CA SER D 175 30.50 -6.85 -13.23
C SER D 175 30.79 -5.75 -14.26
N SER D 176 29.90 -5.59 -15.25
CA SER D 176 29.99 -4.50 -16.23
C SER D 176 30.15 -3.15 -15.54
N TRP D 177 29.33 -2.91 -14.52
CA TRP D 177 29.40 -1.66 -13.78
C TRP D 177 30.18 -1.82 -12.49
N SER D 178 31.21 -1.00 -12.33
CA SER D 178 31.83 -0.88 -11.02
C SER D 178 30.79 -0.28 -10.07
N GLU D 179 30.94 -0.56 -8.77
CA GLU D 179 29.98 -0.09 -7.79
C GLU D 179 30.15 1.40 -7.51
N ASP D 180 31.15 2.01 -8.12
CA ASP D 180 31.37 3.45 -8.01
C ASP D 180 31.35 4.15 -9.37
N ALA D 181 30.83 3.47 -10.39
CA ALA D 181 30.83 4.01 -11.75
C ALA D 181 29.83 5.15 -11.95
N LEU D 182 28.63 5.00 -11.38
CA LEU D 182 27.56 5.99 -11.54
C LEU D 182 27.85 7.24 -10.72
N LEU D 183 27.80 8.41 -11.37
CA LEU D 183 28.21 9.65 -10.73
C LEU D 183 27.05 10.61 -10.49
N LEU D 184 26.21 10.78 -11.50
CA LEU D 184 25.08 11.71 -11.42
C LEU D 184 25.48 13.10 -10.94
N ASP D 185 26.59 13.59 -11.47
CA ASP D 185 27.07 14.94 -11.23
C ASP D 185 26.30 15.88 -12.15
N LYS D 186 25.19 16.43 -11.65
CA LYS D 186 24.33 17.25 -12.49
C LYS D 186 25.06 18.49 -12.93
N VAL D 187 25.71 19.15 -11.97
CA VAL D 187 26.42 20.40 -12.27
C VAL D 187 27.50 20.19 -13.33
N GLY D 188 28.34 19.17 -13.16
CA GLY D 188 29.43 18.92 -14.08
C GLY D 188 29.05 18.17 -15.35
N GLY D 189 27.85 17.61 -15.37
CA GLY D 189 27.36 16.92 -16.55
C GLY D 189 28.00 15.56 -16.73
N ARG D 190 28.60 15.04 -15.68
CA ARG D 190 29.18 13.71 -15.74
C ARG D 190 28.23 12.66 -15.14
N PHE D 191 27.61 11.89 -16.04
CA PHE D 191 26.66 10.86 -15.65
C PHE D 191 27.33 9.72 -14.91
N ALA D 192 28.34 9.15 -15.56
CA ALA D 192 29.07 8.00 -15.04
C ALA D 192 30.50 8.00 -15.59
N ASP D 193 31.40 7.38 -14.83
CA ASP D 193 32.80 7.25 -15.22
C ASP D 193 32.95 6.09 -16.21
N PRO D 194 33.21 6.39 -17.49
CA PRO D 194 33.22 5.33 -18.52
C PRO D 194 34.39 4.34 -18.39
N LYS D 195 35.40 4.70 -17.61
CA LYS D 195 36.50 3.78 -17.33
C LYS D 195 36.14 2.83 -16.20
N LYS D 196 34.96 3.02 -15.62
CA LYS D 196 34.51 2.10 -14.58
C LYS D 196 33.28 1.30 -15.06
N VAL D 197 33.02 1.39 -16.37
CA VAL D 197 32.01 0.58 -17.06
C VAL D 197 32.68 -0.15 -18.23
N GLN D 198 32.69 -1.47 -18.17
CA GLN D 198 33.56 -2.27 -19.02
C GLN D 198 32.83 -3.16 -20.01
N TYR D 199 33.33 -3.25 -21.23
CA TYR D 199 32.84 -4.26 -22.17
C TYR D 199 33.16 -5.64 -21.64
N VAL D 200 32.39 -6.61 -22.08
CA VAL D 200 32.58 -7.99 -21.64
C VAL D 200 33.29 -8.86 -22.70
N ASN D 201 32.73 -8.81 -23.91
CA ASN D 201 33.11 -9.57 -25.12
C ASN D 201 33.50 -11.00 -24.74
N HIS D 202 32.56 -11.72 -24.15
CA HIS D 202 32.76 -13.12 -23.78
C HIS D 202 32.55 -13.99 -25.00
N ARG D 203 33.54 -14.82 -25.32
CA ARG D 203 33.35 -15.84 -26.36
C ARG D 203 33.98 -17.16 -25.95
N GLY D 204 33.10 -18.09 -25.59
CA GLY D 204 33.47 -19.41 -25.15
C GLY D 204 32.88 -20.43 -26.11
N ARG D 205 32.98 -21.70 -25.73
CA ARG D 205 32.54 -22.81 -26.56
C ARG D 205 31.06 -22.75 -26.90
N TRP D 206 30.27 -22.32 -25.93
CA TRP D 206 28.84 -22.42 -26.05
C TRP D 206 28.14 -21.11 -26.38
N LEU D 207 28.64 -20.03 -25.82
CA LEU D 207 27.90 -18.78 -25.81
C LEU D 207 28.75 -17.60 -26.20
N SER D 208 28.09 -16.56 -26.71
CA SER D 208 28.77 -15.31 -26.99
C SER D 208 27.93 -14.13 -26.51
N VAL D 209 28.53 -13.30 -25.65
CA VAL D 209 27.87 -12.09 -25.17
C VAL D 209 28.85 -10.91 -25.12
N ARG D 210 28.48 -9.83 -25.81
CA ARG D 210 29.26 -8.58 -25.86
C ARG D 210 29.34 -7.58 -24.69
N GLY D 211 28.21 -7.22 -24.09
CA GLY D 211 28.18 -6.24 -23.02
C GLY D 211 28.41 -4.80 -23.50
N PRO D 212 28.45 -3.85 -22.55
CA PRO D 212 28.25 -4.08 -21.12
C PRO D 212 26.77 -4.26 -20.79
N LEU D 213 26.48 -4.71 -19.58
CA LEU D 213 25.09 -4.77 -19.11
C LEU D 213 24.59 -3.35 -18.88
N GLN D 214 23.34 -3.09 -19.25
CA GLN D 214 22.75 -1.76 -19.05
C GLN D 214 22.17 -1.52 -17.64
N VAL D 215 22.59 -2.31 -16.66
CA VAL D 215 22.02 -2.25 -15.32
C VAL D 215 23.14 -2.31 -14.29
N PRO D 216 23.30 -1.25 -13.49
CA PRO D 216 24.35 -1.25 -12.47
C PRO D 216 24.11 -2.27 -11.37
N ARG D 217 25.07 -2.35 -10.44
CA ARG D 217 24.96 -3.30 -9.36
C ARG D 217 24.10 -2.78 -8.23
N SER D 218 23.31 -3.69 -7.67
CA SER D 218 22.45 -3.39 -6.55
C SER D 218 23.25 -3.29 -5.26
N ARG D 219 22.50 -3.06 -4.19
CA ARG D 219 23.02 -2.92 -2.86
C ARG D 219 23.69 -4.19 -2.33
N GLN D 220 23.34 -5.33 -2.91
CA GLN D 220 23.95 -6.60 -2.50
C GLN D 220 24.96 -7.10 -3.53
N GLY D 221 25.26 -6.27 -4.51
CA GLY D 221 26.27 -6.60 -5.51
C GLY D 221 25.76 -7.41 -6.67
N GLU D 222 25.34 -8.64 -6.38
CA GLU D 222 24.84 -9.58 -7.38
C GLU D 222 23.68 -10.35 -6.78
N PRO D 223 22.74 -10.81 -7.62
CA PRO D 223 21.73 -11.77 -7.17
C PRO D 223 22.36 -13.00 -6.52
N VAL D 224 21.66 -13.59 -5.56
CA VAL D 224 22.07 -14.81 -4.90
C VAL D 224 21.81 -15.98 -5.84
N ILE D 225 22.80 -16.86 -5.99
CA ILE D 225 22.63 -18.06 -6.78
C ILE D 225 22.05 -19.19 -5.96
N LEU D 226 20.81 -19.54 -6.28
CA LEU D 226 20.15 -20.75 -5.79
C LEU D 226 20.38 -21.81 -6.83
N GLN D 227 20.37 -23.06 -6.39
CA GLN D 227 20.45 -24.14 -7.36
C GLN D 227 19.61 -25.32 -6.89
N ALA D 228 19.05 -26.02 -7.87
CA ALA D 228 18.27 -27.22 -7.65
C ALA D 228 18.65 -28.27 -8.70
N GLY D 229 18.98 -29.47 -8.25
CA GLY D 229 19.46 -30.51 -9.13
C GLY D 229 20.41 -31.38 -8.34
N LEU D 230 19.94 -32.58 -8.00
CA LEU D 230 20.70 -33.43 -7.09
C LEU D 230 21.38 -34.63 -7.77
N SER D 231 21.38 -34.65 -9.10
CA SER D 231 22.16 -35.65 -9.82
C SER D 231 23.63 -35.39 -9.49
N PRO D 232 24.49 -36.42 -9.66
CA PRO D 232 25.92 -36.26 -9.35
C PRO D 232 26.54 -35.08 -10.08
N ARG D 233 26.12 -34.87 -11.32
CA ARG D 233 26.60 -33.73 -12.09
C ARG D 233 26.06 -32.41 -11.52
N GLY D 234 24.82 -32.46 -11.04
CA GLY D 234 24.20 -31.30 -10.42
C GLY D 234 24.92 -30.87 -9.15
N ARG D 235 25.29 -31.86 -8.32
CA ARG D 235 26.00 -31.58 -7.07
C ARG D 235 27.40 -31.00 -7.30
N ARG D 236 28.10 -31.44 -8.35
CA ARG D 236 29.39 -30.82 -8.69
C ARG D 236 29.15 -29.36 -9.09
N PHE D 237 28.12 -29.15 -9.89
CA PHE D 237 27.71 -27.80 -10.31
C PHE D 237 27.39 -26.93 -9.11
N ALA D 238 26.66 -27.50 -8.15
CA ALA D 238 26.30 -26.79 -6.94
C ALA D 238 27.55 -26.43 -6.14
N GLY D 239 28.52 -27.33 -6.15
CA GLY D 239 29.78 -27.11 -5.44
C GLY D 239 30.48 -25.86 -5.91
N ARG D 240 30.43 -25.64 -7.22
CA ARG D 240 31.12 -24.50 -7.82
C ARG D 240 30.35 -23.18 -7.70
N TRP D 241 29.04 -23.22 -7.88
CA TRP D 241 28.28 -21.98 -8.06
C TRP D 241 27.27 -21.67 -6.95
N ALA D 242 26.61 -22.68 -6.41
CA ALA D 242 25.49 -22.46 -5.49
C ALA D 242 25.85 -21.69 -4.23
N GLU D 243 24.98 -20.75 -3.86
CA GLU D 243 25.10 -20.05 -2.58
C GLU D 243 23.98 -20.54 -1.65
N ALA D 244 22.94 -21.11 -2.24
CA ALA D 244 21.93 -21.81 -1.46
C ALA D 244 21.40 -22.98 -2.27
N VAL D 245 21.13 -24.10 -1.60
CA VAL D 245 20.71 -25.28 -2.32
C VAL D 245 19.34 -25.76 -1.89
N PHE D 246 18.50 -26.04 -2.89
CA PHE D 246 17.18 -26.59 -2.66
C PHE D 246 17.28 -28.11 -2.64
N SER D 247 17.10 -28.72 -1.47
CA SER D 247 17.17 -30.17 -1.37
C SER D 247 15.88 -30.79 -0.80
N VAL D 248 15.64 -32.04 -1.15
CA VAL D 248 14.50 -32.78 -0.64
C VAL D 248 14.92 -34.20 -0.21
N SER D 249 14.72 -34.53 1.06
CA SER D 249 15.02 -35.85 1.59
C SER D 249 13.92 -36.32 2.55
N PRO D 250 13.51 -37.60 2.45
CA PRO D 250 12.38 -38.13 3.21
C PRO D 250 12.62 -38.31 4.71
N ASN D 251 13.87 -38.31 5.19
CA ASN D 251 14.12 -38.45 6.62
C ASN D 251 15.45 -37.85 7.04
N LEU D 252 15.65 -37.76 8.36
CA LEU D 252 16.84 -37.14 8.92
C LEU D 252 18.13 -37.79 8.41
N ASP D 253 18.12 -39.12 8.26
CA ASP D 253 19.32 -39.83 7.82
C ASP D 253 19.74 -39.43 6.42
N ILE D 254 18.79 -39.43 5.49
CA ILE D 254 19.07 -39.00 4.13
C ILE D 254 19.38 -37.49 4.06
N MET D 255 18.67 -36.69 4.86
CA MET D 255 18.95 -35.25 4.98
C MET D 255 20.41 -34.99 5.32
N ARG D 256 20.89 -35.71 6.33
CA ARG D 256 22.23 -35.49 6.85
C ARG D 256 23.31 -35.87 5.82
N ALA D 257 23.08 -36.95 5.09
CA ALA D 257 24.04 -37.39 4.07
C ALA D 257 24.09 -36.39 2.92
N VAL D 258 22.91 -36.02 2.43
CA VAL D 258 22.77 -35.00 1.40
C VAL D 258 23.44 -33.71 1.88
N TYR D 259 23.19 -33.34 3.13
CA TYR D 259 23.83 -32.16 3.72
C TYR D 259 25.35 -32.22 3.59
N GLN D 260 25.93 -33.29 4.13
CA GLN D 260 27.38 -33.42 4.18
C GLN D 260 28.00 -33.60 2.79
N ASP D 261 27.30 -34.29 1.90
CA ASP D 261 27.80 -34.44 0.53
C ASP D 261 27.92 -33.05 -0.16
N ILE D 262 26.88 -32.24 -0.02
CA ILE D 262 26.87 -30.92 -0.66
C ILE D 262 28.00 -30.07 -0.09
N LYS D 263 28.14 -30.07 1.24
CA LYS D 263 29.21 -29.30 1.87
C LYS D 263 30.59 -29.75 1.35
N ALA D 264 30.72 -31.04 1.05
CA ALA D 264 31.98 -31.56 0.53
C ALA D 264 32.22 -31.12 -0.91
N HIS D 265 31.21 -31.24 -1.76
CA HIS D 265 31.34 -30.78 -3.15
C HIS D 265 31.77 -29.31 -3.21
N VAL D 266 31.25 -28.49 -2.29
CA VAL D 266 31.60 -27.07 -2.21
C VAL D 266 33.05 -26.87 -1.78
N ALA D 267 33.48 -27.59 -0.75
CA ALA D 267 34.86 -27.54 -0.29
C ALA D 267 35.78 -27.97 -1.43
N ALA D 268 35.35 -28.99 -2.17
CA ALA D 268 36.11 -29.54 -3.28
C ALA D 268 36.28 -28.52 -4.40
N ALA D 269 35.35 -27.58 -4.49
CA ALA D 269 35.41 -26.55 -5.50
C ALA D 269 36.24 -25.39 -5.01
N GLY D 270 36.83 -25.55 -3.84
CA GLY D 270 37.72 -24.55 -3.29
C GLY D 270 37.00 -23.41 -2.59
N ARG D 271 35.73 -23.63 -2.28
CA ARG D 271 34.90 -22.60 -1.66
C ARG D 271 34.59 -22.91 -0.19
N ASP D 272 34.21 -21.87 0.54
CA ASP D 272 33.87 -22.01 1.96
C ASP D 272 32.46 -22.58 2.12
N PRO D 273 32.35 -23.78 2.72
CA PRO D 273 31.09 -24.50 2.87
C PRO D 273 30.02 -23.78 3.71
N GLU D 274 30.46 -22.84 4.52
CA GLU D 274 29.60 -22.07 5.36
C GLU D 274 28.95 -20.97 4.53
N GLN D 275 29.46 -20.75 3.33
CA GLN D 275 28.97 -19.72 2.44
C GLN D 275 28.06 -20.29 1.36
N THR D 276 27.68 -21.55 1.53
CA THR D 276 26.63 -22.17 0.75
C THR D 276 25.62 -22.78 1.74
N LYS D 277 24.42 -22.22 1.80
CA LYS D 277 23.43 -22.66 2.80
C LYS D 277 22.47 -23.68 2.19
N VAL D 278 22.33 -24.84 2.83
CA VAL D 278 21.48 -25.91 2.33
C VAL D 278 20.10 -25.95 3.01
N PHE D 279 19.05 -25.91 2.18
CA PHE D 279 17.66 -25.95 2.65
C PHE D 279 17.05 -27.30 2.31
N THR D 280 16.26 -27.86 3.22
CA THR D 280 15.52 -29.08 2.92
C THR D 280 14.01 -28.83 3.09
N ALA D 281 13.22 -29.44 2.21
CA ALA D 281 11.78 -29.18 2.17
C ALA D 281 10.98 -30.12 3.07
N VAL D 282 10.01 -29.53 3.78
CA VAL D 282 9.11 -30.29 4.65
C VAL D 282 7.71 -29.71 4.48
N MET D 283 6.70 -30.56 4.60
CA MET D 283 5.34 -30.13 4.46
C MET D 283 4.60 -30.31 5.78
N PRO D 284 4.55 -29.23 6.59
CA PRO D 284 3.87 -29.26 7.89
C PRO D 284 2.37 -29.11 7.74
N VAL D 285 1.64 -29.79 8.61
CA VAL D 285 0.20 -29.66 8.74
C VAL D 285 -0.11 -29.41 10.21
N LEU D 286 -0.69 -28.26 10.49
CA LEU D 286 -0.91 -27.81 11.86
C LEU D 286 -2.29 -28.14 12.38
N GLY D 287 -2.40 -28.28 13.70
CA GLY D 287 -3.68 -28.40 14.37
C GLY D 287 -3.56 -27.89 15.80
N GLU D 288 -4.68 -27.46 16.39
CA GLU D 288 -4.71 -26.99 17.77
C GLU D 288 -4.30 -28.13 18.70
N THR D 289 -4.73 -29.35 18.35
CA THR D 289 -4.25 -30.56 19.00
C THR D 289 -3.61 -31.46 17.94
N GLU D 290 -2.81 -32.42 18.38
CA GLU D 290 -2.18 -33.36 17.47
C GLU D 290 -3.26 -34.16 16.74
N GLN D 291 -4.33 -34.50 17.45
CA GLN D 291 -5.46 -35.23 16.86
C GLN D 291 -6.03 -34.45 15.67
N VAL D 292 -6.27 -33.15 15.90
CA VAL D 292 -6.73 -32.27 14.84
C VAL D 292 -5.76 -32.27 13.64
N ALA D 293 -4.46 -32.15 13.91
CA ALA D 293 -3.47 -32.13 12.82
C ALA D 293 -3.52 -33.41 11.99
N ARG D 294 -3.55 -34.56 12.66
CA ARG D 294 -3.52 -35.82 11.92
C ARG D 294 -4.77 -35.90 11.05
N GLU D 295 -5.89 -35.41 11.56
CA GLU D 295 -7.12 -35.42 10.75
C GLU D 295 -7.05 -34.48 9.56
N ARG D 296 -6.44 -33.30 9.75
CA ARG D 296 -6.32 -32.35 8.65
C ARG D 296 -5.39 -32.91 7.58
N LEU D 297 -4.37 -33.65 8.02
CA LEU D 297 -3.46 -34.28 7.09
C LEU D 297 -4.19 -35.35 6.28
N GLU D 298 -5.02 -36.14 6.96
CA GLU D 298 -5.79 -37.18 6.28
C GLU D 298 -6.73 -36.59 5.23
N TYR D 299 -7.39 -35.49 5.58
CA TYR D 299 -8.28 -34.80 4.65
C TYR D 299 -7.51 -34.34 3.42
N LEU D 300 -6.35 -33.76 3.65
CA LEU D 300 -5.51 -33.24 2.59
C LEU D 300 -5.10 -34.35 1.61
N ASN D 301 -4.64 -35.45 2.18
CA ASN D 301 -4.15 -36.57 1.38
C ASN D 301 -5.29 -37.30 0.66
N SER D 302 -6.49 -37.23 1.22
CA SER D 302 -7.65 -37.88 0.62
C SER D 302 -8.17 -37.13 -0.61
N LEU D 303 -7.54 -36.01 -0.95
CA LEU D 303 -7.97 -35.21 -2.09
C LEU D 303 -7.16 -35.57 -3.34
N VAL D 304 -6.07 -36.30 -3.14
CA VAL D 304 -5.18 -36.70 -4.22
C VAL D 304 -5.82 -37.74 -5.14
N HIS D 305 -5.93 -37.43 -6.42
CA HIS D 305 -6.34 -38.39 -7.44
C HIS D 305 -5.11 -39.20 -7.87
N PRO D 306 -5.22 -40.54 -7.93
CA PRO D 306 -4.06 -41.39 -8.31
C PRO D 306 -3.40 -41.03 -9.65
N GLU D 307 -4.18 -40.66 -10.66
CA GLU D 307 -3.62 -40.35 -11.98
C GLU D 307 -2.85 -39.02 -12.08
N VAL D 308 -3.22 -37.98 -11.32
CA VAL D 308 -2.41 -36.76 -11.37
C VAL D 308 -1.02 -36.99 -10.81
N GLY D 309 -0.93 -37.75 -9.72
CA GLY D 309 0.34 -38.12 -9.17
C GLY D 309 1.22 -38.81 -10.20
N LEU D 310 0.62 -39.75 -10.93
CA LEU D 310 1.31 -40.50 -11.98
C LEU D 310 1.71 -39.62 -13.16
N SER D 311 0.82 -38.71 -13.56
CA SER D 311 1.11 -37.72 -14.60
C SER D 311 2.36 -36.98 -14.25
N THR D 312 2.34 -36.48 -13.03
CA THR D 312 3.47 -35.80 -12.51
C THR D 312 4.66 -36.79 -12.34
N LEU D 313 4.42 -37.97 -11.76
CA LEU D 313 5.50 -38.98 -11.61
C LEU D 313 6.14 -39.43 -12.98
N SER D 314 5.36 -39.38 -14.04
CA SER D 314 5.93 -39.77 -15.29
C SER D 314 7.05 -38.83 -15.62
N SER D 315 6.79 -37.55 -15.53
CA SER D 315 7.85 -36.64 -15.88
C SER D 315 9.05 -36.71 -14.99
N HIS D 316 8.84 -36.84 -13.69
CA HIS D 316 10.01 -36.87 -12.86
C HIS D 316 10.90 -38.09 -13.12
N SER D 317 10.28 -39.26 -13.24
CA SER D 317 11.00 -40.46 -13.59
C SER D 317 11.51 -40.22 -14.99
N GLY D 318 10.63 -39.59 -15.74
CA GLY D 318 10.81 -39.27 -17.13
C GLY D 318 10.43 -40.50 -17.90
N LEU D 319 9.93 -41.51 -17.24
CA LEU D 319 9.42 -42.65 -17.97
C LEU D 319 7.92 -42.44 -18.20
N ASN D 320 7.35 -42.78 -19.35
CA ASN D 320 5.92 -42.51 -19.47
C ASN D 320 5.15 -43.75 -19.11
N LEU D 321 4.36 -43.57 -18.06
CA LEU D 321 3.58 -44.55 -17.37
C LEU D 321 2.21 -44.58 -17.91
N SER D 322 2.00 -43.80 -18.95
CA SER D 322 0.72 -43.56 -19.56
C SER D 322 0.15 -44.86 -20.10
N LYS D 323 0.94 -45.75 -20.65
CA LYS D 323 0.29 -46.93 -21.16
C LYS D 323 0.88 -48.20 -20.63
N TYR D 324 0.54 -48.35 -19.37
CA TYR D 324 0.71 -49.50 -18.55
C TYR D 324 -0.64 -49.42 -17.93
N PRO D 325 -1.20 -50.55 -17.55
CA PRO D 325 -2.49 -50.50 -16.89
C PRO D 325 -2.28 -49.90 -15.51
N LEU D 326 -3.26 -49.18 -15.01
CA LEU D 326 -3.18 -48.51 -13.72
C LEU D 326 -3.00 -49.50 -12.57
N ASP D 327 -3.61 -50.66 -12.68
CA ASP D 327 -3.45 -51.68 -11.65
C ASP D 327 -2.25 -52.58 -11.96
N THR D 328 -1.44 -52.16 -12.92
CA THR D 328 -0.28 -52.92 -13.27
C THR D 328 0.52 -53.02 -12.01
N LYS D 329 0.94 -54.22 -11.62
CA LYS D 329 1.75 -54.30 -10.43
C LYS D 329 3.06 -53.64 -10.80
N PHE D 330 3.65 -52.91 -9.89
CA PHE D 330 4.87 -52.21 -10.23
C PHE D 330 6.04 -53.10 -10.61
N SER D 331 6.21 -54.18 -9.86
CA SER D 331 7.31 -55.10 -10.11
C SER D 331 7.17 -55.72 -11.44
N ASP D 332 5.94 -56.06 -11.77
CA ASP D 332 5.71 -56.72 -13.02
C ASP D 332 6.15 -55.72 -14.07
N ILE D 333 5.85 -54.47 -13.86
CA ILE D 333 6.24 -53.44 -14.80
C ILE D 333 7.75 -53.45 -14.86
N VAL D 334 8.32 -53.57 -13.68
CA VAL D 334 9.76 -53.60 -13.58
C VAL D 334 10.37 -54.54 -14.58
N ALA D 335 9.72 -55.68 -14.78
CA ALA D 335 10.28 -56.71 -15.62
C ALA D 335 10.54 -56.37 -17.09
N ASP D 336 9.67 -55.67 -17.80
CA ASP D 336 10.01 -55.43 -19.20
C ASP D 336 11.32 -54.69 -19.32
N LEU D 337 11.54 -53.75 -18.43
CA LEU D 337 12.79 -53.01 -18.43
C LEU D 337 14.00 -53.80 -17.91
N GLY D 338 13.78 -54.63 -16.89
CA GLY D 338 14.86 -55.34 -16.26
C GLY D 338 15.24 -54.51 -15.04
N ASP D 339 15.40 -55.13 -13.86
CA ASP D 339 15.77 -54.35 -12.67
C ASP D 339 16.81 -53.29 -13.06
N ARG D 340 17.65 -53.63 -14.05
CA ARG D 340 18.71 -52.75 -14.51
C ARG D 340 18.17 -51.60 -15.36
N HIS D 341 17.02 -51.81 -15.99
CA HIS D 341 16.47 -50.77 -16.85
C HIS D 341 15.36 -50.05 -16.09
N VAL D 342 15.67 -49.67 -14.84
CA VAL D 342 14.73 -48.88 -14.04
C VAL D 342 15.46 -47.65 -13.54
N PRO D 343 14.92 -46.46 -13.75
CA PRO D 343 15.60 -45.32 -13.16
C PRO D 343 15.49 -45.52 -11.67
N THR D 344 16.57 -45.28 -10.97
CA THR D 344 16.72 -45.47 -9.55
C THR D 344 15.83 -44.64 -8.60
N MET D 345 15.69 -43.37 -8.91
CA MET D 345 14.98 -42.50 -8.02
C MET D 345 13.64 -43.10 -7.88
N LEU D 346 13.09 -43.53 -9.00
CA LEU D 346 11.80 -44.12 -8.93
C LEU D 346 11.97 -45.32 -8.05
N GLN D 347 13.08 -46.00 -8.23
CA GLN D 347 13.30 -47.22 -7.49
C GLN D 347 13.37 -47.06 -5.98
N MET D 348 14.05 -46.05 -5.47
CA MET D 348 14.08 -45.94 -4.03
C MET D 348 12.66 -45.68 -3.60
N PHE D 349 11.99 -44.87 -4.39
CA PHE D 349 10.66 -44.42 -4.08
C PHE D 349 9.77 -45.60 -3.88
N SER D 350 9.98 -46.62 -4.70
CA SER D 350 9.18 -47.80 -4.55
C SER D 350 9.51 -48.29 -3.17
N ALA D 351 10.77 -48.20 -2.82
CA ALA D 351 11.28 -48.58 -1.51
C ALA D 351 10.72 -47.70 -0.39
N VAL D 352 10.56 -46.43 -0.72
CA VAL D 352 10.09 -45.42 0.21
C VAL D 352 8.61 -45.46 0.35
N ALA D 353 7.96 -46.39 -0.34
CA ALA D 353 6.53 -46.53 -0.25
C ALA D 353 6.52 -46.82 1.23
N GLY D 354 7.52 -47.60 1.61
CA GLY D 354 7.85 -48.01 2.97
C GLY D 354 7.21 -49.26 3.50
N GLY D 355 6.31 -49.85 2.75
CA GLY D 355 5.78 -51.14 3.15
C GLY D 355 6.62 -52.19 2.48
N GLY D 356 7.45 -51.75 1.53
CA GLY D 356 8.29 -52.63 0.75
C GLY D 356 7.33 -53.66 0.17
N ALA D 357 6.10 -53.27 -0.11
CA ALA D 357 5.12 -54.21 -0.66
C ALA D 357 4.86 -54.00 -2.14
N ASP D 358 4.51 -55.05 -2.89
CA ASP D 358 4.26 -54.82 -4.31
C ASP D 358 3.07 -53.89 -4.33
N LEU D 359 3.21 -52.82 -5.09
CA LEU D 359 2.21 -51.78 -5.10
C LEU D 359 1.63 -51.45 -6.43
N THR D 360 0.33 -51.24 -6.44
CA THR D 360 -0.34 -50.82 -7.69
C THR D 360 0.30 -49.58 -8.34
N LEU D 361 0.21 -49.40 -9.66
CA LEU D 361 0.71 -48.14 -10.21
C LEU D 361 -0.17 -46.97 -9.83
N ALA D 362 -1.46 -47.23 -9.70
CA ALA D 362 -2.42 -46.29 -9.14
C ALA D 362 -1.91 -45.82 -7.79
N GLU D 363 -1.52 -46.78 -6.97
CA GLU D 363 -1.11 -46.49 -5.62
C GLU D 363 0.27 -45.76 -5.54
N LEU D 364 1.20 -46.05 -6.45
CA LEU D 364 2.50 -45.35 -6.46
C LEU D 364 2.26 -43.91 -6.85
N GLY D 365 1.37 -43.73 -7.82
CA GLY D 365 1.03 -42.42 -8.31
C GLY D 365 0.25 -41.67 -7.26
N ARG D 366 -0.61 -42.37 -6.52
CA ARG D 366 -1.36 -41.72 -5.47
C ARG D 366 -0.42 -41.12 -4.43
N ARG D 367 0.55 -41.91 -3.99
CA ARG D 367 1.48 -41.48 -2.95
C ARG D 367 2.44 -40.43 -3.46
N TYR D 368 2.82 -40.54 -4.72
CA TYR D 368 3.68 -39.54 -5.26
C TYR D 368 2.93 -38.20 -5.34
N GLY D 369 1.63 -38.26 -5.65
CA GLY D 369 0.81 -37.06 -5.77
C GLY D 369 0.65 -36.38 -4.41
N THR D 370 0.89 -37.14 -3.36
CA THR D 370 0.77 -36.67 -1.99
C THR D 370 1.87 -35.69 -1.56
N ASN D 371 3.11 -35.99 -1.93
CA ASN D 371 4.24 -35.21 -1.44
C ASN D 371 5.45 -35.30 -2.35
N VAL D 372 5.21 -35.65 -3.60
CA VAL D 372 6.26 -35.84 -4.61
C VAL D 372 7.22 -36.93 -4.08
N GLY D 373 6.64 -37.87 -3.36
CA GLY D 373 7.37 -39.02 -2.86
C GLY D 373 8.28 -38.77 -1.66
N PHE D 374 9.01 -37.66 -1.71
CA PHE D 374 10.14 -37.50 -0.78
C PHE D 374 10.03 -36.31 0.16
N VAL D 375 9.02 -35.46 0.01
CA VAL D 375 8.86 -34.36 0.95
C VAL D 375 8.08 -34.88 2.15
N PRO D 376 8.71 -34.92 3.33
CA PRO D 376 8.08 -35.44 4.56
C PRO D 376 6.89 -34.60 5.01
N GLN D 377 5.80 -35.28 5.32
CA GLN D 377 4.63 -34.64 5.88
C GLN D 377 4.67 -34.68 7.40
N TRP D 378 4.70 -33.52 8.03
CA TRP D 378 4.73 -33.42 9.49
C TRP D 378 3.42 -32.89 10.06
N ALA D 379 2.65 -33.75 10.71
CA ALA D 379 1.43 -33.29 11.35
C ALA D 379 1.61 -33.18 12.86
N GLY D 380 1.20 -32.05 13.42
CA GLY D 380 1.23 -31.84 14.85
C GLY D 380 0.85 -30.41 15.22
N THR D 381 0.86 -30.14 16.52
CA THR D 381 0.64 -28.79 17.05
C THR D 381 1.83 -27.92 16.69
N ALA D 382 1.70 -26.62 16.93
CA ALA D 382 2.78 -25.68 16.66
C ALA D 382 4.04 -26.06 17.43
N GLU D 383 3.87 -26.42 18.70
CA GLU D 383 5.00 -26.77 19.55
C GLU D 383 5.74 -27.98 18.98
N GLN D 384 4.99 -28.96 18.52
CA GLN D 384 5.59 -30.18 17.97
C GLN D 384 6.34 -29.86 16.67
N ILE D 385 5.74 -29.04 15.82
CA ILE D 385 6.38 -28.67 14.57
C ILE D 385 7.67 -27.86 14.84
N ALA D 386 7.60 -26.92 15.78
CA ALA D 386 8.79 -26.15 16.15
C ALA D 386 9.91 -27.06 16.68
N ASP D 387 9.54 -27.97 17.56
CA ASP D 387 10.46 -28.95 18.14
C ASP D 387 11.19 -29.74 17.08
N GLN D 388 10.42 -30.30 16.16
CA GLN D 388 10.96 -31.11 15.08
C GLN D 388 11.91 -30.29 14.21
N LEU D 389 11.54 -29.04 13.92
CA LEU D 389 12.42 -28.17 13.14
C LEU D 389 13.73 -27.91 13.88
N ILE D 390 13.62 -27.62 15.17
CA ILE D 390 14.79 -27.37 15.98
C ILE D 390 15.68 -28.62 16.12
N SER D 391 15.06 -29.78 16.38
CA SER D 391 15.81 -31.01 16.58
C SER D 391 16.47 -31.45 15.28
N HIS D 392 15.78 -31.31 14.15
CA HIS D 392 16.40 -31.64 12.87
C HIS D 392 17.57 -30.72 12.55
N PHE D 393 17.39 -29.43 12.81
CA PHE D 393 18.42 -28.42 12.60
C PHE D 393 19.66 -28.74 13.43
N GLU D 394 19.44 -29.06 14.69
CA GLU D 394 20.54 -29.32 15.60
C GLU D 394 21.25 -30.63 15.24
N ALA D 395 20.53 -31.57 14.63
CA ALA D 395 21.12 -32.84 14.19
C ALA D 395 21.81 -32.71 12.81
N GLY D 396 21.91 -31.48 12.30
CA GLY D 396 22.59 -31.22 11.04
C GLY D 396 21.86 -31.63 9.77
N ALA D 397 20.54 -31.53 9.77
CA ALA D 397 19.75 -31.85 8.57
C ALA D 397 19.91 -30.80 7.47
N ALA D 398 20.07 -29.54 7.85
CA ALA D 398 20.08 -28.42 6.90
C ALA D 398 20.42 -27.11 7.62
N ASP D 399 20.78 -26.09 6.85
CA ASP D 399 21.02 -24.76 7.42
C ASP D 399 19.69 -24.01 7.56
N GLY D 400 18.70 -24.48 6.80
CA GLY D 400 17.37 -23.89 6.83
C GLY D 400 16.32 -24.82 6.25
N PHE D 401 15.06 -24.45 6.41
CA PHE D 401 13.98 -25.30 5.93
C PHE D 401 13.12 -24.59 4.90
N ILE D 402 12.77 -25.32 3.85
CA ILE D 402 11.78 -24.86 2.89
C ILE D 402 10.42 -25.37 3.33
N ILE D 403 9.48 -24.44 3.47
CA ILE D 403 8.18 -24.80 3.95
C ILE D 403 7.25 -25.00 2.77
N SER D 404 7.02 -26.26 2.43
CA SER D 404 6.14 -26.62 1.34
C SER D 404 4.70 -26.54 1.81
N PRO D 405 3.88 -25.77 1.09
CA PRO D 405 2.51 -25.41 1.51
C PRO D 405 1.48 -26.46 1.17
N ALA D 406 0.73 -26.93 2.17
CA ALA D 406 -0.30 -27.90 1.90
C ALA D 406 -1.40 -27.27 1.06
N TYR D 407 -1.67 -26.00 1.31
CA TYR D 407 -2.74 -25.28 0.60
C TYR D 407 -2.51 -23.78 0.80
N LEU D 408 -2.92 -22.97 -0.17
CA LEU D 408 -2.61 -21.55 -0.15
C LEU D 408 -3.87 -20.71 -0.25
N PRO D 409 -3.86 -19.51 0.34
CA PRO D 409 -2.69 -18.96 1.06
C PRO D 409 -2.61 -19.43 2.52
N GLY D 410 -3.67 -20.06 3.01
CA GLY D 410 -3.87 -20.33 4.42
C GLY D 410 -2.79 -20.98 5.29
N ILE D 411 -2.09 -22.00 4.78
CA ILE D 411 -1.10 -22.68 5.62
C ILE D 411 0.01 -21.72 6.05
N TYR D 412 0.38 -20.75 5.21
CA TYR D 412 1.40 -19.81 5.60
C TYR D 412 0.90 -18.86 6.69
N GLU D 413 -0.39 -18.51 6.64
CA GLU D 413 -0.95 -17.71 7.72
C GLU D 413 -0.85 -18.51 9.03
N GLU D 414 -1.20 -19.79 8.99
CA GLU D 414 -1.13 -20.62 10.19
C GLU D 414 0.33 -20.70 10.65
N PHE D 415 1.24 -20.95 9.72
CA PHE D 415 2.63 -21.19 10.08
C PHE D 415 3.30 -19.95 10.68
N VAL D 416 3.04 -18.79 10.10
CA VAL D 416 3.61 -17.55 10.59
C VAL D 416 3.01 -17.17 11.96
N ASP D 417 1.71 -17.40 12.12
CA ASP D 417 1.02 -17.05 13.35
C ASP D 417 1.28 -18.05 14.49
N GLN D 418 1.48 -19.32 14.18
CA GLN D 418 1.63 -20.33 15.23
C GLN D 418 3.07 -20.78 15.50
N VAL D 419 3.82 -21.07 14.44
CA VAL D 419 5.14 -21.70 14.63
C VAL D 419 6.30 -20.71 14.77
N VAL D 420 6.33 -19.70 13.90
CA VAL D 420 7.42 -18.71 13.96
C VAL D 420 7.62 -18.07 15.35
N PRO D 421 6.53 -17.63 16.03
CA PRO D 421 6.77 -17.05 17.37
C PRO D 421 7.47 -18.03 18.33
N LEU D 422 7.10 -19.31 18.27
CA LEU D 422 7.74 -20.33 19.10
C LEU D 422 9.21 -20.49 18.74
N LEU D 423 9.53 -20.50 17.45
CA LEU D 423 10.93 -20.58 17.03
C LEU D 423 11.69 -19.39 17.57
N GLN D 424 11.03 -18.24 17.57
CA GLN D 424 11.67 -17.01 18.02
C GLN D 424 11.90 -17.02 19.52
N GLN D 425 10.91 -17.49 20.28
CA GLN D 425 11.04 -17.56 21.74
C GLN D 425 12.20 -18.46 22.14
N ARG D 426 12.46 -19.47 21.32
CA ARG D 426 13.55 -20.38 21.60
C ARG D 426 14.89 -19.82 21.13
N GLY D 427 14.84 -18.66 20.48
CA GLY D 427 16.04 -17.99 20.05
C GLY D 427 16.75 -18.61 18.85
N VAL D 428 16.07 -19.52 18.15
CA VAL D 428 16.70 -20.17 17.00
C VAL D 428 16.30 -19.54 15.66
N PHE D 429 15.45 -18.53 15.71
CA PHE D 429 15.03 -17.83 14.50
C PHE D 429 14.88 -16.34 14.80
N ARG D 430 15.34 -15.50 13.87
CA ARG D 430 15.34 -14.04 14.03
C ARG D 430 13.97 -13.48 14.46
N THR D 431 13.99 -12.53 15.39
CA THR D 431 12.77 -11.84 15.79
C THR D 431 12.56 -10.64 14.87
N GLU D 432 13.65 -10.22 14.25
CA GLU D 432 13.62 -9.07 13.34
C GLU D 432 14.77 -9.15 12.32
N TYR D 433 14.56 -8.60 11.13
CA TYR D 433 15.60 -8.58 10.10
C TYR D 433 16.79 -7.72 10.54
N GLU D 434 18.00 -8.26 10.43
CA GLU D 434 19.15 -7.50 10.88
C GLU D 434 19.71 -6.65 9.73
N GLY D 435 19.62 -7.17 8.50
CA GLY D 435 20.04 -6.40 7.34
C GLY D 435 18.86 -6.16 6.41
N THR D 436 19.13 -5.59 5.24
CA THR D 436 18.06 -5.27 4.29
C THR D 436 18.10 -6.15 3.02
N THR D 437 19.23 -6.81 2.79
CA THR D 437 19.42 -7.62 1.58
C THR D 437 19.30 -9.11 1.87
N LEU D 438 19.05 -9.88 0.82
CA LEU D 438 18.97 -11.34 0.94
C LEU D 438 20.33 -11.96 1.38
N ARG D 439 21.44 -11.40 0.88
CA ARG D 439 22.77 -11.84 1.29
C ARG D 439 23.00 -11.71 2.78
N GLU D 440 22.59 -10.57 3.35
CA GLU D 440 22.68 -10.36 4.79
C GLU D 440 21.81 -11.35 5.56
N HIS D 441 20.60 -11.67 5.04
CA HIS D 441 19.72 -12.64 5.72
C HIS D 441 20.36 -14.02 5.77
N LEU D 442 21.02 -14.41 4.67
CA LEU D 442 21.61 -15.74 4.58
C LEU D 442 23.03 -15.81 5.14
N GLY D 443 23.57 -14.67 5.57
CA GLY D 443 24.94 -14.63 6.06
C GLY D 443 25.99 -14.85 4.98
N LEU D 444 25.70 -14.36 3.77
CA LEU D 444 26.62 -14.42 2.64
C LEU D 444 27.44 -13.14 2.47
N ALA D 445 28.68 -13.28 2.00
CA ALA D 445 29.56 -12.14 1.76
C ALA D 445 29.12 -11.34 0.54
N HIS D 446 29.41 -10.05 0.54
CA HIS D 446 29.10 -9.20 -0.61
C HIS D 446 30.17 -9.39 -1.68
N PRO D 447 29.80 -10.00 -2.82
CA PRO D 447 30.84 -10.25 -3.83
C PRO D 447 31.37 -8.95 -4.39
N GLU D 448 32.65 -8.91 -4.72
CA GLU D 448 33.25 -7.72 -5.28
C GLU D 448 33.42 -7.80 -6.80
N VAL D 449 33.52 -6.63 -7.43
CA VAL D 449 33.52 -6.52 -8.89
C VAL D 449 34.75 -7.12 -9.59
#